data_1J5Y
# 
_entry.id   1J5Y 
# 
_audit_conform.dict_name       mmcif_pdbx.dic 
_audit_conform.dict_version    5.397 
_audit_conform.dict_location   http://mmcif.pdb.org/dictionaries/ascii/mmcif_pdbx.dic 
# 
loop_
_database_2.database_id 
_database_2.database_code 
_database_2.pdbx_database_accession 
_database_2.pdbx_DOI 
PDB   1J5Y         pdb_00001j5y 10.2210/pdb1j5y/pdb 
RCSB  RCSB001653   ?            ?                   
WWPDB D_1000001653 ?            ?                   
# 
loop_
_pdbx_audit_revision_history.ordinal 
_pdbx_audit_revision_history.data_content_type 
_pdbx_audit_revision_history.major_revision 
_pdbx_audit_revision_history.minor_revision 
_pdbx_audit_revision_history.revision_date 
1 'Structure model' 1 0 2002-07-31 
2 'Structure model' 1 1 2008-04-26 
3 'Structure model' 1 2 2011-07-13 
4 'Structure model' 1 3 2018-07-18 
5 'Structure model' 1 4 2023-01-25 
6 'Structure model' 1 5 2024-10-16 
# 
_pdbx_audit_revision_details.ordinal             1 
_pdbx_audit_revision_details.revision_ordinal    1 
_pdbx_audit_revision_details.data_content_type   'Structure model' 
_pdbx_audit_revision_details.provider            repository 
_pdbx_audit_revision_details.type                'Initial release' 
_pdbx_audit_revision_details.description         ? 
_pdbx_audit_revision_details.details             ? 
# 
loop_
_pdbx_audit_revision_group.ordinal 
_pdbx_audit_revision_group.revision_ordinal 
_pdbx_audit_revision_group.data_content_type 
_pdbx_audit_revision_group.group 
1  2 'Structure model' 'Version format compliance' 
2  3 'Structure model' 'Derived calculations'      
3  3 'Structure model' 'Version format compliance' 
4  4 'Structure model' Advisory                    
5  4 'Structure model' 'Data collection'           
6  4 'Structure model' 'Database references'       
7  5 'Structure model' Advisory                    
8  5 'Structure model' 'Database references'       
9  5 'Structure model' 'Derived calculations'      
10 6 'Structure model' 'Data collection'           
11 6 'Structure model' 'Structure summary'         
# 
loop_
_pdbx_audit_revision_category.ordinal 
_pdbx_audit_revision_category.revision_ordinal 
_pdbx_audit_revision_category.data_content_type 
_pdbx_audit_revision_category.category 
1  4 'Structure model' pdbx_database_related        
2  4 'Structure model' pdbx_unobs_or_zero_occ_atoms 
3  5 'Structure model' database_2                   
4  5 'Structure model' pdbx_struct_conn_angle       
5  5 'Structure model' pdbx_unobs_or_zero_occ_atoms 
6  5 'Structure model' struct_conn                  
7  5 'Structure model' struct_ref_seq_dif           
8  5 'Structure model' struct_site                  
9  6 'Structure model' chem_comp_atom               
10 6 'Structure model' chem_comp_bond               
11 6 'Structure model' pdbx_entry_details           
12 6 'Structure model' pdbx_modification_feature    
# 
loop_
_pdbx_audit_revision_item.ordinal 
_pdbx_audit_revision_item.revision_ordinal 
_pdbx_audit_revision_item.data_content_type 
_pdbx_audit_revision_item.item 
1  5 'Structure model' '_database_2.pdbx_DOI'                        
2  5 'Structure model' '_database_2.pdbx_database_accession'         
3  5 'Structure model' '_pdbx_struct_conn_angle.ptnr1_auth_comp_id'  
4  5 'Structure model' '_pdbx_struct_conn_angle.ptnr1_auth_seq_id'   
5  5 'Structure model' '_pdbx_struct_conn_angle.ptnr1_label_asym_id' 
6  5 'Structure model' '_pdbx_struct_conn_angle.ptnr1_label_atom_id' 
7  5 'Structure model' '_pdbx_struct_conn_angle.ptnr1_label_comp_id' 
8  5 'Structure model' '_pdbx_struct_conn_angle.ptnr1_label_seq_id'  
9  5 'Structure model' '_pdbx_struct_conn_angle.ptnr2_auth_comp_id'  
10 5 'Structure model' '_pdbx_struct_conn_angle.ptnr2_auth_seq_id'   
11 5 'Structure model' '_pdbx_struct_conn_angle.ptnr2_label_asym_id' 
12 5 'Structure model' '_pdbx_struct_conn_angle.ptnr2_label_atom_id' 
13 5 'Structure model' '_pdbx_struct_conn_angle.ptnr2_label_comp_id' 
14 5 'Structure model' '_pdbx_struct_conn_angle.ptnr3_auth_comp_id'  
15 5 'Structure model' '_pdbx_struct_conn_angle.ptnr3_auth_seq_id'   
16 5 'Structure model' '_pdbx_struct_conn_angle.ptnr3_label_asym_id' 
17 5 'Structure model' '_pdbx_struct_conn_angle.ptnr3_label_atom_id' 
18 5 'Structure model' '_pdbx_struct_conn_angle.ptnr3_label_comp_id' 
19 5 'Structure model' '_pdbx_struct_conn_angle.ptnr3_label_seq_id'  
20 5 'Structure model' '_pdbx_struct_conn_angle.value'               
21 5 'Structure model' '_struct_conn.pdbx_dist_value'                
22 5 'Structure model' '_struct_conn.pdbx_leaving_atom_flag'         
23 5 'Structure model' '_struct_conn.ptnr1_auth_comp_id'             
24 5 'Structure model' '_struct_conn.ptnr1_auth_seq_id'              
25 5 'Structure model' '_struct_conn.ptnr1_label_asym_id'            
26 5 'Structure model' '_struct_conn.ptnr1_label_atom_id'            
27 5 'Structure model' '_struct_conn.ptnr1_label_comp_id'            
28 5 'Structure model' '_struct_conn.ptnr1_label_seq_id'             
29 5 'Structure model' '_struct_conn.ptnr2_auth_comp_id'             
30 5 'Structure model' '_struct_conn.ptnr2_auth_seq_id'              
31 5 'Structure model' '_struct_conn.ptnr2_label_asym_id'            
32 5 'Structure model' '_struct_conn.ptnr2_label_atom_id'            
33 5 'Structure model' '_struct_conn.ptnr2_label_comp_id'            
34 5 'Structure model' '_struct_conn.ptnr2_label_seq_id'             
35 5 'Structure model' '_struct_ref_seq_dif.details'                 
36 5 'Structure model' '_struct_site.pdbx_auth_asym_id'              
37 5 'Structure model' '_struct_site.pdbx_auth_comp_id'              
38 5 'Structure model' '_struct_site.pdbx_auth_seq_id'               
# 
_pdbx_database_status.entry_id                        1J5Y 
_pdbx_database_status.status_code                     REL 
_pdbx_database_status.deposit_site                    RCSB 
_pdbx_database_status.process_site                    RCSB 
_pdbx_database_status.recvd_initial_deposition_date   2002-07-05 
_pdbx_database_status.SG_entry                        Y 
_pdbx_database_status.status_code_sf                  REL 
_pdbx_database_status.status_code_mr                  ? 
_pdbx_database_status.pdb_format_compatible           Y 
_pdbx_database_status.status_code_cs                  ? 
_pdbx_database_status.methods_development_category    ? 
_pdbx_database_status.status_code_nmr_data            ? 
# 
_pdbx_database_related.db_name        TargetDB 
_pdbx_database_related.db_id          283459 
_pdbx_database_related.details        . 
_pdbx_database_related.content_type   unspecified 
# 
_audit_author.name           'Joint Center for Structural Genomics (JCSG)' 
_audit_author.pdbx_ordinal   1 
# 
_citation.id                        primary 
_citation.title                     
'Crystal structure of a transcription regulator (TM1602) from Thermotoga maritima at 2.3 A resolution.' 
_citation.journal_abbrev            Proteins 
_citation.journal_volume            67 
_citation.page_first                247 
_citation.page_last                 252 
_citation.year                      2007 
_citation.journal_id_ASTM           PSFGEY 
_citation.country                   US 
_citation.journal_id_ISSN           0887-3585 
_citation.journal_id_CSD            0867 
_citation.book_publisher            ? 
_citation.pdbx_database_id_PubMed   17256761 
_citation.pdbx_database_id_DOI      10.1002/prot.21221 
# 
loop_
_citation_author.citation_id 
_citation_author.name 
_citation_author.ordinal 
_citation_author.identifier_ORCID 
primary 'Weekes, D.'        1  ? 
primary 'Miller, M.D.'      2  ? 
primary 'Krishna, S.S.'     3  ? 
primary 'McMullan, D.'      4  ? 
primary 'McPhillips, T.M.'  5  ? 
primary 'Acosta, C.'        6  ? 
primary 'Canaves, J.M.'     7  ? 
primary 'Elsliger, M.A.'    8  ? 
primary 'Floyd, R.'         9  ? 
primary 'Grzechnik, S.K.'   10 ? 
primary 'Jaroszewski, L.'   11 ? 
primary 'Klock, H.E.'       12 ? 
primary 'Koesema, E.'       13 ? 
primary 'Kovarik, J.S.'     14 ? 
primary 'Kreusch, A.'       15 ? 
primary 'Morse, A.T.'       16 ? 
primary 'Quijano, K.'       17 ? 
primary 'Spraggon, G.'      18 ? 
primary 'van den Bedem, H.' 19 ? 
primary 'Wolf, G.'          20 ? 
primary 'Hodgson, K.O.'     21 ? 
primary 'Wooley, J.'        22 ? 
primary 'Deacon, A.M.'      23 ? 
primary 'Godzik, A.'        24 ? 
primary 'Lesley, S.A.'      25 ? 
primary 'Wilson, I.A.'      26 ? 
# 
loop_
_entity.id 
_entity.type 
_entity.src_method 
_entity.pdbx_description 
_entity.formula_weight 
_entity.pdbx_number_of_molecules 
_entity.pdbx_ec 
_entity.pdbx_mutation 
_entity.pdbx_fragment 
_entity.details 
1 polymer     man 'TRANSCRIPTIONAL REGULATOR, BIOTIN REPRESSOR FAMILY' 21373.705 1  ? ? ? ? 
2 non-polymer syn 'NICKEL (II) ION'                                    58.693    1  ? ? ? ? 
3 non-polymer syn 'POTASSIUM ION'                                      39.098    1  ? ? ? ? 
4 water       nat water                                                18.015    97 ? ? ? ? 
# 
_entity_poly.entity_id                      1 
_entity_poly.type                           'polypeptide(L)' 
_entity_poly.nstd_linkage                   no 
_entity_poly.nstd_monomer                   yes 
_entity_poly.pdbx_seq_one_letter_code       
;(MSE)GSDKIHHHHHH(MSE)H(MSE)KTVRQERLKSIVRILERSKEPVSGAQLAEELSVSRQVIVQDIAYLRSLGYNIV
ATPRGYVLAGGKSGVSRLVAVKHAPEEIKEELLCVVRNGGRIVDVIVEHPVYGEIRGIIDVSSEEEVLKFVNL(MSE)E
(MSE)AKTEPLLTLSGGVHLHTIEAPDEET(MSE)ERI(MSE)RELKKKGFLIEEG
;
_entity_poly.pdbx_seq_one_letter_code_can   
;MGSDKIHHHHHHMHMKTVRQERLKSIVRILERSKEPVSGAQLAEELSVSRQVIVQDIAYLRSLGYNIVATPRGYVLAGGK
SGVSRLVAVKHAPEEIKEELLCVVRNGGRIVDVIVEHPVYGEIRGIIDVSSEEEVLKFVNLMEMAKTEPLLTLSGGVHLH
TIEAPDEETMERIMRELKKKGFLIEEG
;
_entity_poly.pdbx_strand_id                 A 
_entity_poly.pdbx_target_identifier         283459 
# 
loop_
_pdbx_entity_nonpoly.entity_id 
_pdbx_entity_nonpoly.name 
_pdbx_entity_nonpoly.comp_id 
2 'NICKEL (II) ION' NI  
3 'POTASSIUM ION'   K   
4 water             HOH 
# 
loop_
_entity_poly_seq.entity_id 
_entity_poly_seq.num 
_entity_poly_seq.mon_id 
_entity_poly_seq.hetero 
1 1   MSE n 
1 2   GLY n 
1 3   SER n 
1 4   ASP n 
1 5   LYS n 
1 6   ILE n 
1 7   HIS n 
1 8   HIS n 
1 9   HIS n 
1 10  HIS n 
1 11  HIS n 
1 12  HIS n 
1 13  MSE n 
1 14  HIS n 
1 15  MSE n 
1 16  LYS n 
1 17  THR n 
1 18  VAL n 
1 19  ARG n 
1 20  GLN n 
1 21  GLU n 
1 22  ARG n 
1 23  LEU n 
1 24  LYS n 
1 25  SER n 
1 26  ILE n 
1 27  VAL n 
1 28  ARG n 
1 29  ILE n 
1 30  LEU n 
1 31  GLU n 
1 32  ARG n 
1 33  SER n 
1 34  LYS n 
1 35  GLU n 
1 36  PRO n 
1 37  VAL n 
1 38  SER n 
1 39  GLY n 
1 40  ALA n 
1 41  GLN n 
1 42  LEU n 
1 43  ALA n 
1 44  GLU n 
1 45  GLU n 
1 46  LEU n 
1 47  SER n 
1 48  VAL n 
1 49  SER n 
1 50  ARG n 
1 51  GLN n 
1 52  VAL n 
1 53  ILE n 
1 54  VAL n 
1 55  GLN n 
1 56  ASP n 
1 57  ILE n 
1 58  ALA n 
1 59  TYR n 
1 60  LEU n 
1 61  ARG n 
1 62  SER n 
1 63  LEU n 
1 64  GLY n 
1 65  TYR n 
1 66  ASN n 
1 67  ILE n 
1 68  VAL n 
1 69  ALA n 
1 70  THR n 
1 71  PRO n 
1 72  ARG n 
1 73  GLY n 
1 74  TYR n 
1 75  VAL n 
1 76  LEU n 
1 77  ALA n 
1 78  GLY n 
1 79  GLY n 
1 80  LYS n 
1 81  SER n 
1 82  GLY n 
1 83  VAL n 
1 84  SER n 
1 85  ARG n 
1 86  LEU n 
1 87  VAL n 
1 88  ALA n 
1 89  VAL n 
1 90  LYS n 
1 91  HIS n 
1 92  ALA n 
1 93  PRO n 
1 94  GLU n 
1 95  GLU n 
1 96  ILE n 
1 97  LYS n 
1 98  GLU n 
1 99  GLU n 
1 100 LEU n 
1 101 LEU n 
1 102 CYS n 
1 103 VAL n 
1 104 VAL n 
1 105 ARG n 
1 106 ASN n 
1 107 GLY n 
1 108 GLY n 
1 109 ARG n 
1 110 ILE n 
1 111 VAL n 
1 112 ASP n 
1 113 VAL n 
1 114 ILE n 
1 115 VAL n 
1 116 GLU n 
1 117 HIS n 
1 118 PRO n 
1 119 VAL n 
1 120 TYR n 
1 121 GLY n 
1 122 GLU n 
1 123 ILE n 
1 124 ARG n 
1 125 GLY n 
1 126 ILE n 
1 127 ILE n 
1 128 ASP n 
1 129 VAL n 
1 130 SER n 
1 131 SER n 
1 132 GLU n 
1 133 GLU n 
1 134 GLU n 
1 135 VAL n 
1 136 LEU n 
1 137 LYS n 
1 138 PHE n 
1 139 VAL n 
1 140 ASN n 
1 141 LEU n 
1 142 MSE n 
1 143 GLU n 
1 144 MSE n 
1 145 ALA n 
1 146 LYS n 
1 147 THR n 
1 148 GLU n 
1 149 PRO n 
1 150 LEU n 
1 151 LEU n 
1 152 THR n 
1 153 LEU n 
1 154 SER n 
1 155 GLY n 
1 156 GLY n 
1 157 VAL n 
1 158 HIS n 
1 159 LEU n 
1 160 HIS n 
1 161 THR n 
1 162 ILE n 
1 163 GLU n 
1 164 ALA n 
1 165 PRO n 
1 166 ASP n 
1 167 GLU n 
1 168 GLU n 
1 169 THR n 
1 170 MSE n 
1 171 GLU n 
1 172 ARG n 
1 173 ILE n 
1 174 MSE n 
1 175 ARG n 
1 176 GLU n 
1 177 LEU n 
1 178 LYS n 
1 179 LYS n 
1 180 LYS n 
1 181 GLY n 
1 182 PHE n 
1 183 LEU n 
1 184 ILE n 
1 185 GLU n 
1 186 GLU n 
1 187 GLY n 
# 
_entity_src_gen.entity_id                          1 
_entity_src_gen.pdbx_src_id                        1 
_entity_src_gen.pdbx_alt_source_flag               sample 
_entity_src_gen.pdbx_seq_type                      ? 
_entity_src_gen.pdbx_beg_seq_num                   ? 
_entity_src_gen.pdbx_end_seq_num                   ? 
_entity_src_gen.gene_src_common_name               ? 
_entity_src_gen.gene_src_genus                     Thermotoga 
_entity_src_gen.pdbx_gene_src_gene                 TM1602 
_entity_src_gen.gene_src_species                   ? 
_entity_src_gen.gene_src_strain                    ? 
_entity_src_gen.gene_src_tissue                    ? 
_entity_src_gen.gene_src_tissue_fraction           ? 
_entity_src_gen.gene_src_details                   ? 
_entity_src_gen.pdbx_gene_src_fragment             ? 
_entity_src_gen.pdbx_gene_src_scientific_name      'Thermotoga maritima' 
_entity_src_gen.pdbx_gene_src_ncbi_taxonomy_id     2336 
_entity_src_gen.pdbx_gene_src_variant              ? 
_entity_src_gen.pdbx_gene_src_cell_line            ? 
_entity_src_gen.pdbx_gene_src_atcc                 ? 
_entity_src_gen.pdbx_gene_src_organ                ? 
_entity_src_gen.pdbx_gene_src_organelle            ? 
_entity_src_gen.pdbx_gene_src_cell                 ? 
_entity_src_gen.pdbx_gene_src_cellular_location    ? 
_entity_src_gen.host_org_common_name               ? 
_entity_src_gen.pdbx_host_org_scientific_name      'Escherichia coli' 
_entity_src_gen.pdbx_host_org_ncbi_taxonomy_id     562 
_entity_src_gen.host_org_genus                     Escherichia 
_entity_src_gen.pdbx_host_org_gene                 ? 
_entity_src_gen.pdbx_host_org_organ                ? 
_entity_src_gen.host_org_species                   ? 
_entity_src_gen.pdbx_host_org_tissue               ? 
_entity_src_gen.pdbx_host_org_tissue_fraction      ? 
_entity_src_gen.pdbx_host_org_strain               ? 
_entity_src_gen.pdbx_host_org_variant              ? 
_entity_src_gen.pdbx_host_org_cell_line            ? 
_entity_src_gen.pdbx_host_org_atcc                 ? 
_entity_src_gen.pdbx_host_org_culture_collection   ? 
_entity_src_gen.pdbx_host_org_cell                 ? 
_entity_src_gen.pdbx_host_org_organelle            ? 
_entity_src_gen.pdbx_host_org_cellular_location    ? 
_entity_src_gen.pdbx_host_org_vector_type          PLASMID 
_entity_src_gen.pdbx_host_org_vector               ? 
_entity_src_gen.host_org_details                   ? 
_entity_src_gen.expression_system_id               ? 
_entity_src_gen.plasmid_name                       ? 
_entity_src_gen.plasmid_details                    ? 
_entity_src_gen.pdbx_description                   ? 
# 
loop_
_chem_comp.id 
_chem_comp.type 
_chem_comp.mon_nstd_flag 
_chem_comp.name 
_chem_comp.pdbx_synonyms 
_chem_comp.formula 
_chem_comp.formula_weight 
ALA 'L-peptide linking' y ALANINE           ? 'C3 H7 N O2'     89.093  
ARG 'L-peptide linking' y ARGININE          ? 'C6 H15 N4 O2 1' 175.209 
ASN 'L-peptide linking' y ASPARAGINE        ? 'C4 H8 N2 O3'    132.118 
ASP 'L-peptide linking' y 'ASPARTIC ACID'   ? 'C4 H7 N O4'     133.103 
CYS 'L-peptide linking' y CYSTEINE          ? 'C3 H7 N O2 S'   121.158 
GLN 'L-peptide linking' y GLUTAMINE         ? 'C5 H10 N2 O3'   146.144 
GLU 'L-peptide linking' y 'GLUTAMIC ACID'   ? 'C5 H9 N O4'     147.129 
GLY 'peptide linking'   y GLYCINE           ? 'C2 H5 N O2'     75.067  
HIS 'L-peptide linking' y HISTIDINE         ? 'C6 H10 N3 O2 1' 156.162 
HOH non-polymer         . WATER             ? 'H2 O'           18.015  
ILE 'L-peptide linking' y ISOLEUCINE        ? 'C6 H13 N O2'    131.173 
K   non-polymer         . 'POTASSIUM ION'   ? 'K 1'            39.098  
LEU 'L-peptide linking' y LEUCINE           ? 'C6 H13 N O2'    131.173 
LYS 'L-peptide linking' y LYSINE            ? 'C6 H15 N2 O2 1' 147.195 
MET 'L-peptide linking' y METHIONINE        ? 'C5 H11 N O2 S'  149.211 
MSE 'L-peptide linking' n SELENOMETHIONINE  ? 'C5 H11 N O2 Se' 196.106 
NI  non-polymer         . 'NICKEL (II) ION' ? 'Ni 2'           58.693  
PHE 'L-peptide linking' y PHENYLALANINE     ? 'C9 H11 N O2'    165.189 
PRO 'L-peptide linking' y PROLINE           ? 'C5 H9 N O2'     115.130 
SER 'L-peptide linking' y SERINE            ? 'C3 H7 N O3'     105.093 
THR 'L-peptide linking' y THREONINE         ? 'C4 H9 N O3'     119.119 
TYR 'L-peptide linking' y TYROSINE          ? 'C9 H11 N O3'    181.189 
VAL 'L-peptide linking' y VALINE            ? 'C5 H11 N O2'    117.146 
# 
loop_
_pdbx_poly_seq_scheme.asym_id 
_pdbx_poly_seq_scheme.entity_id 
_pdbx_poly_seq_scheme.seq_id 
_pdbx_poly_seq_scheme.mon_id 
_pdbx_poly_seq_scheme.ndb_seq_num 
_pdbx_poly_seq_scheme.pdb_seq_num 
_pdbx_poly_seq_scheme.auth_seq_num 
_pdbx_poly_seq_scheme.pdb_mon_id 
_pdbx_poly_seq_scheme.auth_mon_id 
_pdbx_poly_seq_scheme.pdb_strand_id 
_pdbx_poly_seq_scheme.pdb_ins_code 
_pdbx_poly_seq_scheme.hetero 
A 1 1   MSE 1   -11 ?   ?   ?   A . n 
A 1 2   GLY 2   -10 ?   ?   ?   A . n 
A 1 3   SER 3   -9  ?   ?   ?   A . n 
A 1 4   ASP 4   -8  ?   ?   ?   A . n 
A 1 5   LYS 5   -7  ?   ?   ?   A . n 
A 1 6   ILE 6   -6  ?   ?   ?   A . n 
A 1 7   HIS 7   -5  ?   ?   ?   A . n 
A 1 8   HIS 8   -4  ?   ?   ?   A . n 
A 1 9   HIS 9   -3  ?   ?   ?   A . n 
A 1 10  HIS 10  -2  ?   ?   ?   A . n 
A 1 11  HIS 11  -1  ?   ?   ?   A . n 
A 1 12  HIS 12  0   ?   ?   ?   A . n 
A 1 13  MSE 13  1   ?   ?   ?   A . n 
A 1 14  HIS 14  2   ?   ?   ?   A . n 
A 1 15  MSE 15  3   3   MSE MSE A . n 
A 1 16  LYS 16  4   4   LYS LYS A . n 
A 1 17  THR 17  5   5   THR THR A . n 
A 1 18  VAL 18  6   6   VAL VAL A . n 
A 1 19  ARG 19  7   7   ARG ARG A . n 
A 1 20  GLN 20  8   8   GLN GLN A . n 
A 1 21  GLU 21  9   9   GLU GLU A . n 
A 1 22  ARG 22  10  10  ARG ARG A . n 
A 1 23  LEU 23  11  11  LEU LEU A . n 
A 1 24  LYS 24  12  12  LYS LYS A . n 
A 1 25  SER 25  13  13  SER SER A . n 
A 1 26  ILE 26  14  14  ILE ILE A . n 
A 1 27  VAL 27  15  15  VAL VAL A . n 
A 1 28  ARG 28  16  16  ARG ARG A . n 
A 1 29  ILE 29  17  17  ILE ILE A . n 
A 1 30  LEU 30  18  18  LEU LEU A . n 
A 1 31  GLU 31  19  19  GLU GLU A . n 
A 1 32  ARG 32  20  20  ARG ARG A . n 
A 1 33  SER 33  21  21  SER SER A . n 
A 1 34  LYS 34  22  22  LYS LYS A . n 
A 1 35  GLU 35  23  23  GLU GLU A . n 
A 1 36  PRO 36  24  24  PRO PRO A . n 
A 1 37  VAL 37  25  25  VAL VAL A . n 
A 1 38  SER 38  26  26  SER SER A . n 
A 1 39  GLY 39  27  27  GLY GLY A . n 
A 1 40  ALA 40  28  28  ALA ALA A . n 
A 1 41  GLN 41  29  29  GLN GLN A . n 
A 1 42  LEU 42  30  30  LEU LEU A . n 
A 1 43  ALA 43  31  31  ALA ALA A . n 
A 1 44  GLU 44  32  32  GLU GLU A . n 
A 1 45  GLU 45  33  33  GLU GLU A . n 
A 1 46  LEU 46  34  34  LEU LEU A . n 
A 1 47  SER 47  35  35  SER SER A . n 
A 1 48  VAL 48  36  36  VAL VAL A . n 
A 1 49  SER 49  37  37  SER SER A . n 
A 1 50  ARG 50  38  38  ARG ARG A . n 
A 1 51  GLN 51  39  39  GLN GLN A . n 
A 1 52  VAL 52  40  40  VAL VAL A . n 
A 1 53  ILE 53  41  41  ILE ILE A . n 
A 1 54  VAL 54  42  42  VAL VAL A . n 
A 1 55  GLN 55  43  43  GLN GLN A . n 
A 1 56  ASP 56  44  44  ASP ASP A . n 
A 1 57  ILE 57  45  45  ILE ILE A . n 
A 1 58  ALA 58  46  46  ALA ALA A . n 
A 1 59  TYR 59  47  47  TYR TYR A . n 
A 1 60  LEU 60  48  48  LEU LEU A . n 
A 1 61  ARG 61  49  49  ARG ARG A . n 
A 1 62  SER 62  50  50  SER SER A . n 
A 1 63  LEU 63  51  51  LEU LEU A . n 
A 1 64  GLY 64  52  52  GLY GLY A . n 
A 1 65  TYR 65  53  53  TYR TYR A . n 
A 1 66  ASN 66  54  54  ASN ASN A . n 
A 1 67  ILE 67  55  55  ILE ILE A . n 
A 1 68  VAL 68  56  56  VAL VAL A . n 
A 1 69  ALA 69  57  57  ALA ALA A . n 
A 1 70  THR 70  58  58  THR THR A . n 
A 1 71  PRO 71  59  59  PRO PRO A . n 
A 1 72  ARG 72  60  60  ARG ARG A . n 
A 1 73  GLY 73  61  61  GLY GLY A . n 
A 1 74  TYR 74  62  62  TYR TYR A . n 
A 1 75  VAL 75  63  63  VAL VAL A . n 
A 1 76  LEU 76  64  64  LEU LEU A . n 
A 1 77  ALA 77  65  65  ALA ALA A . n 
A 1 78  GLY 78  66  66  GLY GLY A . n 
A 1 79  GLY 79  67  67  GLY GLY A . n 
A 1 80  LYS 80  68  68  LYS LYS A . n 
A 1 81  SER 81  69  69  SER SER A . n 
A 1 82  GLY 82  70  70  GLY GLY A . n 
A 1 83  VAL 83  71  71  VAL VAL A . n 
A 1 84  SER 84  72  72  SER SER A . n 
A 1 85  ARG 85  73  73  ARG ARG A . n 
A 1 86  LEU 86  74  74  LEU LEU A . n 
A 1 87  VAL 87  75  75  VAL VAL A . n 
A 1 88  ALA 88  76  76  ALA ALA A . n 
A 1 89  VAL 89  77  77  VAL VAL A . n 
A 1 90  LYS 90  78  78  LYS LYS A . n 
A 1 91  HIS 91  79  79  HIS HIS A . n 
A 1 92  ALA 92  80  80  ALA ALA A . n 
A 1 93  PRO 93  81  81  PRO PRO A . n 
A 1 94  GLU 94  82  82  GLU GLU A . n 
A 1 95  GLU 95  83  83  GLU GLU A . n 
A 1 96  ILE 96  84  84  ILE ILE A . n 
A 1 97  LYS 97  85  85  LYS LYS A . n 
A 1 98  GLU 98  86  86  GLU GLU A . n 
A 1 99  GLU 99  87  87  GLU GLU A . n 
A 1 100 LEU 100 88  88  LEU LEU A . n 
A 1 101 LEU 101 89  89  LEU LEU A . n 
A 1 102 CYS 102 90  90  CYS CYS A . n 
A 1 103 VAL 103 91  91  VAL VAL A . n 
A 1 104 VAL 104 92  92  VAL VAL A . n 
A 1 105 ARG 105 93  93  ARG ARG A . n 
A 1 106 ASN 106 94  94  ASN ASN A . n 
A 1 107 GLY 107 95  95  GLY GLY A . n 
A 1 108 GLY 108 96  96  GLY GLY A . n 
A 1 109 ARG 109 97  97  ARG ARG A . n 
A 1 110 ILE 110 98  98  ILE ILE A . n 
A 1 111 VAL 111 99  99  VAL VAL A . n 
A 1 112 ASP 112 100 100 ASP ASP A . n 
A 1 113 VAL 113 101 101 VAL VAL A . n 
A 1 114 ILE 114 102 102 ILE ILE A . n 
A 1 115 VAL 115 103 103 VAL VAL A . n 
A 1 116 GLU 116 104 104 GLU GLU A . n 
A 1 117 HIS 117 105 105 HIS HIS A . n 
A 1 118 PRO 118 106 106 PRO PRO A . n 
A 1 119 VAL 119 107 107 VAL VAL A . n 
A 1 120 TYR 120 108 108 TYR TYR A . n 
A 1 121 GLY 121 109 109 GLY GLY A . n 
A 1 122 GLU 122 110 110 GLU GLU A . n 
A 1 123 ILE 123 111 111 ILE ILE A . n 
A 1 124 ARG 124 112 112 ARG ARG A . n 
A 1 125 GLY 125 113 113 GLY GLY A . n 
A 1 126 ILE 126 114 114 ILE ILE A . n 
A 1 127 ILE 127 115 115 ILE ILE A . n 
A 1 128 ASP 128 116 116 ASP ASP A . n 
A 1 129 VAL 129 117 117 VAL VAL A . n 
A 1 130 SER 130 118 118 SER SER A . n 
A 1 131 SER 131 119 119 SER SER A . n 
A 1 132 GLU 132 120 120 GLU GLU A . n 
A 1 133 GLU 133 121 121 GLU GLU A . n 
A 1 134 GLU 134 122 122 GLU GLU A . n 
A 1 135 VAL 135 123 123 VAL VAL A . n 
A 1 136 LEU 136 124 124 LEU LEU A . n 
A 1 137 LYS 137 125 125 LYS LYS A . n 
A 1 138 PHE 138 126 126 PHE PHE A . n 
A 1 139 VAL 139 127 127 VAL VAL A . n 
A 1 140 ASN 140 128 128 ASN ASN A . n 
A 1 141 LEU 141 129 129 LEU LEU A . n 
A 1 142 MSE 142 130 130 MSE MSE A . n 
A 1 143 GLU 143 131 131 GLU GLU A . n 
A 1 144 MSE 144 132 132 MSE MSE A . n 
A 1 145 ALA 145 133 133 ALA ALA A . n 
A 1 146 LYS 146 134 134 LYS LYS A . n 
A 1 147 THR 147 135 135 THR THR A . n 
A 1 148 GLU 148 136 136 GLU GLU A . n 
A 1 149 PRO 149 137 137 PRO PRO A . n 
A 1 150 LEU 150 138 138 LEU LEU A . n 
A 1 151 LEU 151 139 139 LEU LEU A . n 
A 1 152 THR 152 140 140 THR THR A . n 
A 1 153 LEU 153 141 141 LEU LEU A . n 
A 1 154 SER 154 142 142 SER SER A . n 
A 1 155 GLY 155 143 143 GLY GLY A . n 
A 1 156 GLY 156 144 144 GLY GLY A . n 
A 1 157 VAL 157 145 145 VAL VAL A . n 
A 1 158 HIS 158 146 146 HIS HIS A . n 
A 1 159 LEU 159 147 147 LEU LEU A . n 
A 1 160 HIS 160 148 148 HIS HIS A . n 
A 1 161 THR 161 149 149 THR THR A . n 
A 1 162 ILE 162 150 150 ILE ILE A . n 
A 1 163 GLU 163 151 151 GLU GLU A . n 
A 1 164 ALA 164 152 152 ALA ALA A . n 
A 1 165 PRO 165 153 153 PRO PRO A . n 
A 1 166 ASP 166 154 154 ASP ASP A . n 
A 1 167 GLU 167 155 155 GLU GLU A . n 
A 1 168 GLU 168 156 156 GLU GLU A . n 
A 1 169 THR 169 157 157 THR THR A . n 
A 1 170 MSE 170 158 158 MSE MSE A . n 
A 1 171 GLU 171 159 159 GLU GLU A . n 
A 1 172 ARG 172 160 160 ARG ARG A . n 
A 1 173 ILE 173 161 161 ILE ILE A . n 
A 1 174 MSE 174 162 162 MSE MSE A . n 
A 1 175 ARG 175 163 163 ARG ARG A . n 
A 1 176 GLU 176 164 164 GLU GLU A . n 
A 1 177 LEU 177 165 165 LEU LEU A . n 
A 1 178 LYS 178 166 166 LYS LYS A . n 
A 1 179 LYS 179 167 167 LYS LYS A . n 
A 1 180 LYS 180 168 168 LYS LYS A . n 
A 1 181 GLY 181 169 169 GLY GLY A . n 
A 1 182 PHE 182 170 170 PHE PHE A . n 
A 1 183 LEU 183 171 171 LEU LEU A . n 
A 1 184 ILE 184 172 172 ILE ILE A . n 
A 1 185 GLU 185 173 173 GLU GLU A . n 
A 1 186 GLU 186 174 174 GLU GLU A . n 
A 1 187 GLY 187 175 ?   ?   ?   A . n 
# 
loop_
_pdbx_nonpoly_scheme.asym_id 
_pdbx_nonpoly_scheme.entity_id 
_pdbx_nonpoly_scheme.mon_id 
_pdbx_nonpoly_scheme.ndb_seq_num 
_pdbx_nonpoly_scheme.pdb_seq_num 
_pdbx_nonpoly_scheme.auth_seq_num 
_pdbx_nonpoly_scheme.pdb_mon_id 
_pdbx_nonpoly_scheme.auth_mon_id 
_pdbx_nonpoly_scheme.pdb_strand_id 
_pdbx_nonpoly_scheme.pdb_ins_code 
B 2 NI  1  201 1   NI  NI  A . 
C 3 K   1  202 2   K   K   A . 
D 4 HOH 1  203 3   HOH HOH A . 
D 4 HOH 2  204 7   HOH HOH A . 
D 4 HOH 3  205 8   HOH HOH A . 
D 4 HOH 4  206 9   HOH HOH A . 
D 4 HOH 5  207 10  HOH HOH A . 
D 4 HOH 6  208 12  HOH HOH A . 
D 4 HOH 7  209 13  HOH HOH A . 
D 4 HOH 8  210 17  HOH HOH A . 
D 4 HOH 9  211 19  HOH HOH A . 
D 4 HOH 10 212 21  HOH HOH A . 
D 4 HOH 11 213 22  HOH HOH A . 
D 4 HOH 12 214 24  HOH HOH A . 
D 4 HOH 13 215 28  HOH HOH A . 
D 4 HOH 14 216 29  HOH HOH A . 
D 4 HOH 15 217 34  HOH HOH A . 
D 4 HOH 16 218 35  HOH HOH A . 
D 4 HOH 17 219 36  HOH HOH A . 
D 4 HOH 18 220 37  HOH HOH A . 
D 4 HOH 19 221 42  HOH HOH A . 
D 4 HOH 20 222 43  HOH HOH A . 
D 4 HOH 21 223 45  HOH HOH A . 
D 4 HOH 22 224 46  HOH HOH A . 
D 4 HOH 23 225 47  HOH HOH A . 
D 4 HOH 24 226 49  HOH HOH A . 
D 4 HOH 25 227 53  HOH HOH A . 
D 4 HOH 26 228 54  HOH HOH A . 
D 4 HOH 27 229 56  HOH HOH A . 
D 4 HOH 28 230 59  HOH HOH A . 
D 4 HOH 29 231 60  HOH HOH A . 
D 4 HOH 30 232 64  HOH HOH A . 
D 4 HOH 31 233 68  HOH HOH A . 
D 4 HOH 32 234 69  HOH HOH A . 
D 4 HOH 33 235 105 HOH HOH A . 
D 4 HOH 34 236 111 HOH HOH A . 
D 4 HOH 35 237 113 HOH HOH A . 
D 4 HOH 36 238 114 HOH HOH A . 
D 4 HOH 37 239 116 HOH HOH A . 
D 4 HOH 38 240 119 HOH HOH A . 
D 4 HOH 39 241 121 HOH HOH A . 
D 4 HOH 40 242 127 HOH HOH A . 
D 4 HOH 41 243 131 HOH HOH A . 
D 4 HOH 42 244 133 HOH HOH A . 
D 4 HOH 43 245 135 HOH HOH A . 
D 4 HOH 44 246 138 HOH HOH A . 
D 4 HOH 45 247 142 HOH HOH A . 
D 4 HOH 46 248 143 HOH HOH A . 
D 4 HOH 47 249 144 HOH HOH A . 
D 4 HOH 48 250 145 HOH HOH A . 
D 4 HOH 49 251 146 HOH HOH A . 
D 4 HOH 50 252 151 HOH HOH A . 
D 4 HOH 51 253 153 HOH HOH A . 
D 4 HOH 52 254 154 HOH HOH A . 
D 4 HOH 53 255 162 HOH HOH A . 
D 4 HOH 54 256 163 HOH HOH A . 
D 4 HOH 55 257 164 HOH HOH A . 
D 4 HOH 56 258 168 HOH HOH A . 
D 4 HOH 57 259 173 HOH HOH A . 
D 4 HOH 58 260 175 HOH HOH A . 
D 4 HOH 59 261 183 HOH HOH A . 
D 4 HOH 60 262 186 HOH HOH A . 
D 4 HOH 61 263 193 HOH HOH A . 
D 4 HOH 62 264 201 HOH HOH A . 
D 4 HOH 63 265 212 HOH HOH A . 
D 4 HOH 64 266 213 HOH HOH A . 
D 4 HOH 65 267 218 HOH HOH A . 
D 4 HOH 66 268 226 HOH HOH A . 
D 4 HOH 67 269 234 HOH HOH A . 
D 4 HOH 68 270 241 HOH HOH A . 
D 4 HOH 69 271 242 HOH HOH A . 
D 4 HOH 70 272 254 HOH HOH A . 
D 4 HOH 71 273 268 HOH HOH A . 
D 4 HOH 72 274 271 HOH HOH A . 
D 4 HOH 73 275 325 HOH HOH A . 
D 4 HOH 74 276 328 HOH HOH A . 
D 4 HOH 75 277 331 HOH HOH A . 
D 4 HOH 76 278 332 HOH HOH A . 
D 4 HOH 77 279 340 HOH HOH A . 
D 4 HOH 78 280 346 HOH HOH A . 
D 4 HOH 79 281 351 HOH HOH A . 
D 4 HOH 80 282 352 HOH HOH A . 
D 4 HOH 81 283 356 HOH HOH A . 
D 4 HOH 82 284 365 HOH HOH A . 
D 4 HOH 83 285 380 HOH HOH A . 
D 4 HOH 84 286 392 HOH HOH A . 
D 4 HOH 85 287 396 HOH HOH A . 
D 4 HOH 86 288 399 HOH HOH A . 
D 4 HOH 87 289 416 HOH HOH A . 
D 4 HOH 88 290 423 HOH HOH A . 
D 4 HOH 89 291 424 HOH HOH A . 
D 4 HOH 90 292 438 HOH HOH A . 
D 4 HOH 91 293 443 HOH HOH A . 
D 4 HOH 92 294 450 HOH HOH A . 
D 4 HOH 93 295 456 HOH HOH A . 
D 4 HOH 94 296 462 HOH HOH A . 
D 4 HOH 95 297 482 HOH HOH A . 
D 4 HOH 96 298 506 HOH HOH A . 
D 4 HOH 97 299 540 HOH HOH A . 
# 
loop_
_pdbx_unobs_or_zero_occ_atoms.id 
_pdbx_unobs_or_zero_occ_atoms.PDB_model_num 
_pdbx_unobs_or_zero_occ_atoms.polymer_flag 
_pdbx_unobs_or_zero_occ_atoms.occupancy_flag 
_pdbx_unobs_or_zero_occ_atoms.auth_asym_id 
_pdbx_unobs_or_zero_occ_atoms.auth_comp_id 
_pdbx_unobs_or_zero_occ_atoms.auth_seq_id 
_pdbx_unobs_or_zero_occ_atoms.PDB_ins_code 
_pdbx_unobs_or_zero_occ_atoms.auth_atom_id 
_pdbx_unobs_or_zero_occ_atoms.label_alt_id 
_pdbx_unobs_or_zero_occ_atoms.label_asym_id 
_pdbx_unobs_or_zero_occ_atoms.label_comp_id 
_pdbx_unobs_or_zero_occ_atoms.label_seq_id 
_pdbx_unobs_or_zero_occ_atoms.label_atom_id 
1 1 Y 0 A LYS 134 ? CG ? A LYS 146 CG 
2 1 Y 0 A LYS 134 ? CD ? A LYS 146 CD 
3 1 Y 0 A LYS 134 ? CE ? A LYS 146 CE 
4 1 Y 0 A LYS 134 ? NZ ? A LYS 146 NZ 
# 
loop_
_software.name 
_software.classification 
_software.version 
_software.citation_id 
_software.pdbx_ordinal 
MOSFLM  'data reduction' .         ? 1 
SCALA   'data scaling'   .         ? 2 
CCP4    'data reduction' .         ? 3 
SOLVE   phasing          .         ? 4 
RESOLVE 'model building' .         ? 5 
CNS     refinement       1.0       ? 6 
CCP4    'data scaling'   '(SCALA)' ? 7 
RESOLVE phasing          .         ? 8 
# 
_cell.length_a           90.9566 
_cell.length_b           90.9566 
_cell.length_c           90.9566 
_cell.angle_alpha        90 
_cell.angle_beta         90 
_cell.angle_gamma        90 
_cell.entry_id           1J5Y 
_cell.pdbx_unique_axis   ? 
_cell.Z_PDB              12 
# 
_symmetry.space_group_name_H-M             'P 2 3' 
_symmetry.entry_id                         1J5Y 
_symmetry.pdbx_full_space_group_name_H-M   ? 
_symmetry.Int_Tables_number                195 
_symmetry.cell_setting                     ? 
# 
_exptl.crystals_number   1 
_exptl.method            'X-RAY DIFFRACTION' 
_exptl.entry_id          1J5Y 
# 
_exptl_crystal.id                    1 
_exptl_crystal.density_meas          ? 
_exptl_crystal.density_Matthews      3.2 
_exptl_crystal.density_percent_sol   61.25 
_exptl_crystal.description           ? 
# 
_exptl_crystal_grow.crystal_id      1 
_exptl_crystal_grow.method          ? 
_exptl_crystal_grow.temp            293 
_exptl_crystal_grow.temp_details    ? 
_exptl_crystal_grow.pH              7.50 
_exptl_crystal_grow.pdbx_details    
'0.8 M NaH2PO4/0.8 M KH2PO4, 0.1 M HEPES pH 7.5, VAPOR DIFFUSION, SITTING DROP, NANODROP, temperature 293K, pH 7.50' 
_exptl_crystal_grow.pdbx_pH_range   . 
# 
_diffrn.id                     1 
_diffrn.ambient_temp           100.0 
_diffrn.ambient_temp_details   ? 
_diffrn.crystal_id             1 
# 
_diffrn_detector.diffrn_id              1 
_diffrn_detector.detector               CCD 
_diffrn_detector.type                   'ADSC QUANTUM 315' 
_diffrn_detector.pdbx_collection_date   2002-04-08 
_diffrn_detector.details                ? 
# 
_diffrn_radiation.diffrn_id                        1 
_diffrn_radiation.wavelength_id                    1 
_diffrn_radiation.pdbx_monochromatic_or_laue_m_l   M 
_diffrn_radiation.monochromator                    'DOUBLE CRYSTAL MONOCHROMATOR' 
_diffrn_radiation.pdbx_diffrn_protocol             MAD 
_diffrn_radiation.pdbx_scattering_type             x-ray 
# 
loop_
_diffrn_radiation_wavelength.id 
_diffrn_radiation_wavelength.wavelength 
_diffrn_radiation_wavelength.wt 
1 0.91162  1.0 
2 0.979105 1.0 
3 0.979445 1.0 
# 
_diffrn_source.diffrn_id                   1 
_diffrn_source.source                      SYNCHROTRON 
_diffrn_source.type                        'SSRL BEAMLINE BL9-2' 
_diffrn_source.pdbx_synchrotron_site       SSRL 
_diffrn_source.pdbx_synchrotron_beamline   BL9-2 
_diffrn_source.pdbx_wavelength             ? 
_diffrn_source.pdbx_wavelength_list        '0.91162, 0.979105, 0.979445' 
# 
_reflns.entry_id                     1J5Y 
_reflns.observed_criterion_sigma_I   ? 
_reflns.observed_criterion_sigma_F   ? 
_reflns.d_resolution_low             40.677 
_reflns.d_resolution_high            2.300 
_reflns.number_obs                   11360 
_reflns.number_all                   ? 
_reflns.percent_possible_obs         99.9 
_reflns.pdbx_Rmerge_I_obs            ? 
_reflns.pdbx_Rsym_value              0.095 
_reflns.pdbx_netI_over_sigmaI        18.6 
_reflns.B_iso_Wilson_estimate        39.10 
_reflns.pdbx_redundancy              9.100 
_reflns.R_free_details               ? 
_reflns.limit_h_max                  ? 
_reflns.limit_h_min                  ? 
_reflns.limit_k_max                  ? 
_reflns.limit_k_min                  ? 
_reflns.limit_l_max                  ? 
_reflns.limit_l_min                  ? 
_reflns.observed_criterion_F_max     ? 
_reflns.observed_criterion_F_min     ? 
_reflns.pdbx_ordinal                 1 
_reflns.pdbx_diffrn_id               1 
# 
_reflns_shell.d_res_high             2.30 
_reflns_shell.d_res_low              2.42 
_reflns_shell.percent_possible_all   99.9 
_reflns_shell.Rmerge_I_obs           ? 
_reflns_shell.pdbx_Rsym_value        0.324 
_reflns_shell.meanI_over_sigI_obs    3.70000 
_reflns_shell.pdbx_redundancy        3.90 
_reflns_shell.percent_possible_obs   ? 
_reflns_shell.number_unique_all      ? 
_reflns_shell.pdbx_ordinal           1 
_reflns_shell.pdbx_diffrn_id         1 
# 
_refine.entry_id                                 1J5Y 
_refine.ls_number_reflns_obs                     11136 
_refine.ls_number_reflns_all                     11409 
_refine.pdbx_ls_sigma_I                          ? 
_refine.pdbx_ls_sigma_F                          2.000 
_refine.pdbx_data_cutoff_high_absF               ? 
_refine.pdbx_data_cutoff_low_absF                ? 
_refine.pdbx_data_cutoff_high_rms_absF           ? 
_refine.ls_d_res_low                             40.00 
_refine.ls_d_res_high                            2.30 
_refine.ls_percent_reflns_obs                    99.9 
_refine.ls_R_factor_obs                          0.19 
_refine.ls_R_factor_all                          ? 
_refine.ls_R_factor_R_work                       0.19 
_refine.ls_R_factor_R_free                       0.234 
_refine.ls_R_factor_R_free_error                 ? 
_refine.ls_R_factor_R_free_error_details         ? 
_refine.ls_percent_reflns_R_free                 5.0 
_refine.ls_number_reflns_R_free                  574 
_refine.ls_number_parameters                     ? 
_refine.ls_number_restraints                     ? 
_refine.occupancy_min                            ? 
_refine.occupancy_max                            ? 
_refine.correlation_coeff_Fo_to_Fc               ? 
_refine.correlation_coeff_Fo_to_Fc_free          ? 
_refine.B_iso_mean                               28.5 
_refine.aniso_B[1][1]                            0.00000 
_refine.aniso_B[2][2]                            0.00000 
_refine.aniso_B[3][3]                            0.00000 
_refine.aniso_B[1][2]                            0.00000 
_refine.aniso_B[1][3]                            0.00000 
_refine.aniso_B[2][3]                            0.00000 
_refine.solvent_model_details                    'BULK SOLVENT CORRECTION' 
_refine.solvent_model_param_ksol                 0.38 
_refine.solvent_model_param_bsol                 34.42 
_refine.pdbx_solvent_vdw_probe_radii             ? 
_refine.pdbx_solvent_ion_probe_radii             ? 
_refine.pdbx_solvent_shrinkage_radii             ? 
_refine.pdbx_ls_cross_valid_method               THROUGHOUT 
_refine.details                                  
;POOR ELECTRON DENSITY (BROKEN 2FO-FC DENSITY AT THE 1 SIGMA LEVEL AND SOME NEGATIVE FO-FC DENSITY AT THE 3 SIGMA LEVEL) INDICATE THAT THE SIDECHAINS OF THE FOLLOWING RESIDUES MAY BE MORE DISORDERED THAN INDICATED BY THEIR B-FACTORS: GLN-8, GLU-9, ARG-20, GLU-23, ARG-112, GLU- 136, GLU-156, AND GLU-173. NO ELECTRON DENSITY WAS OBSERVED FOR SIDECHAIN ATOMS BEYOND CB FOR LYS-134. THESE ATOMS WERE GIVEN AN OCCUPANCY OF ZERO.
;
_refine.pdbx_starting_model                      ? 
_refine.pdbx_method_to_determine_struct          MAD 
_refine.pdbx_isotropic_thermal_model             ? 
_refine.pdbx_stereochemistry_target_values       'STANDARD CNS DICTIONARY/ENGH AND HUBER' 
_refine.pdbx_stereochem_target_val_spec_case     ? 
_refine.pdbx_R_Free_selection_details            RANDOM 
_refine.pdbx_overall_ESU_R                       ? 
_refine.pdbx_overall_ESU_R_Free                  ? 
_refine.overall_SU_ML                            ? 
_refine.overall_SU_B                             ? 
_refine.ls_redundancy_reflns_obs                 ? 
_refine.B_iso_min                                ? 
_refine.B_iso_max                                ? 
_refine.overall_SU_R_Cruickshank_DPI             ? 
_refine.overall_SU_R_free                        ? 
_refine.pdbx_refine_id                           'X-RAY DIFFRACTION' 
_refine.pdbx_diffrn_id                           1 
_refine.pdbx_TLS_residual_ADP_flag               ? 
_refine.pdbx_overall_phase_error                 ? 
_refine.pdbx_overall_SU_R_free_Cruickshank_DPI   ? 
_refine.pdbx_overall_SU_R_Blow_DPI               ? 
_refine.pdbx_overall_SU_R_free_Blow_DPI          ? 
# 
_refine_analyze.entry_id                        1J5Y 
_refine_analyze.Luzzati_coordinate_error_obs    0.27 
_refine_analyze.Luzzati_sigma_a_obs             ? 
_refine_analyze.Luzzati_d_res_low_obs           ? 
_refine_analyze.Luzzati_coordinate_error_free   6.00 
_refine_analyze.Luzzati_sigma_a_free            ? 
_refine_analyze.Luzzati_d_res_low_free          ? 
_refine_analyze.number_disordered_residues      ? 
_refine_analyze.occupancy_sum_hydrogen          ? 
_refine_analyze.occupancy_sum_non_hydrogen      ? 
_refine_analyze.pdbx_Luzzati_d_res_high_obs     ? 
_refine_analyze.pdbx_refine_id                  'X-RAY DIFFRACTION' 
# 
_refine_hist.pdbx_refine_id                   'X-RAY DIFFRACTION' 
_refine_hist.cycle_id                         LAST 
_refine_hist.pdbx_number_atoms_protein        1347 
_refine_hist.pdbx_number_atoms_nucleic_acid   0 
_refine_hist.pdbx_number_atoms_ligand         2 
_refine_hist.number_atoms_solvent             97 
_refine_hist.number_atoms_total               1446 
_refine_hist.d_res_high                       2.30 
_refine_hist.d_res_low                        40.00 
# 
loop_
_refine_ls_restr.type 
_refine_ls_restr.dev_ideal 
_refine_ls_restr.dev_ideal_target 
_refine_ls_restr.weight 
_refine_ls_restr.number 
_refine_ls_restr.pdbx_refine_id 
_refine_ls_restr.pdbx_restraint_function 
c_bond_d                0.011 ?     ? ? 'X-RAY DIFFRACTION' ? 
c_bond_d_na             ?     ?     ? ? 'X-RAY DIFFRACTION' ? 
c_bond_d_prot           ?     ?     ? ? 'X-RAY DIFFRACTION' ? 
c_angle_d               ?     ?     ? ? 'X-RAY DIFFRACTION' ? 
c_angle_d_na            ?     ?     ? ? 'X-RAY DIFFRACTION' ? 
c_angle_d_prot          ?     ?     ? ? 'X-RAY DIFFRACTION' ? 
c_angle_deg             1.47  ?     ? ? 'X-RAY DIFFRACTION' ? 
c_angle_deg_na          ?     ?     ? ? 'X-RAY DIFFRACTION' ? 
c_angle_deg_prot        ?     ?     ? ? 'X-RAY DIFFRACTION' ? 
c_dihedral_angle_d      ?     ?     ? ? 'X-RAY DIFFRACTION' ? 
c_dihedral_angle_d_na   ?     ?     ? ? 'X-RAY DIFFRACTION' ? 
c_dihedral_angle_d_prot ?     ?     ? ? 'X-RAY DIFFRACTION' ? 
c_improper_angle_d      ?     ?     ? ? 'X-RAY DIFFRACTION' ? 
c_improper_angle_d_na   ?     ?     ? ? 'X-RAY DIFFRACTION' ? 
c_improper_angle_d_prot ?     ?     ? ? 'X-RAY DIFFRACTION' ? 
c_mcbond_it             1.360 1.500 ? ? 'X-RAY DIFFRACTION' ? 
c_mcangle_it            2.208 2.000 ? ? 'X-RAY DIFFRACTION' ? 
c_scbond_it             2.710 2.000 ? ? 'X-RAY DIFFRACTION' ? 
c_scangle_it            3.980 2.500 ? ? 'X-RAY DIFFRACTION' ? 
# 
_refine_ls_shell.pdbx_total_number_of_bins_used   11 
_refine_ls_shell.d_res_high                       2.30 
_refine_ls_shell.d_res_low                        2.37 
_refine_ls_shell.number_reflns_R_work             928 
_refine_ls_shell.R_factor_R_work                  0.2175 
_refine_ls_shell.percent_reflns_obs               ? 
_refine_ls_shell.R_factor_R_free                  0.2693 
_refine_ls_shell.R_factor_R_free_error            ? 
_refine_ls_shell.percent_reflns_R_free            4.9 
_refine_ls_shell.number_reflns_R_free             48 
_refine_ls_shell.redundancy_reflns_obs            ? 
_refine_ls_shell.number_reflns_all                ? 
_refine_ls_shell.number_reflns_obs                ? 
_refine_ls_shell.pdbx_refine_id                   'X-RAY DIFFRACTION' 
_refine_ls_shell.R_factor_all                     ? 
# 
_struct.entry_id                  1J5Y 
_struct.title                     
'Crystal structure of transcriptional regulator (TM1602) from Thermotoga maritima at 2.3 A resolution' 
_struct.pdbx_model_details        ? 
_struct.pdbx_CASP_flag            ? 
_struct.pdbx_model_type_details   ? 
# 
_struct_keywords.text            
;STRUCTURAL GENOMICS, TM1602, TRANSCRIPTIONAL REGULATOR, BIOTIN REPRESSOR FAMILY, JCSG, CONSERVED HYPOTHETICAL PROTEIN, PSI, Protein Structure Initiative, Joint Center for Structural Genomics, TRANSCRIPTION
;
_struct_keywords.entry_id        1J5Y 
_struct_keywords.pdbx_keywords   TRANSCRIPTION 
# 
loop_
_struct_asym.id 
_struct_asym.pdbx_blank_PDB_chainid_flag 
_struct_asym.pdbx_modified 
_struct_asym.entity_id 
_struct_asym.details 
A N N 1 ? 
B N N 2 ? 
C N N 3 ? 
D N N 4 ? 
# 
_struct_ref.id                         1 
_struct_ref.db_code                    Q9X1T8_THEMA 
_struct_ref.db_name                    UNP 
_struct_ref.entity_id                  1 
_struct_ref.pdbx_db_accession          Q9X1T8 
_struct_ref.pdbx_align_begin           1 
_struct_ref.pdbx_seq_one_letter_code   
;MHMKTVRQERLKSIVRILERSKEPVSGAQLAEELSVSRQVIVQDIAYLRSLGYNIVATPRGYVLAGGKSGVSRLVAVKHA
PEEIKEELLCVVRNGGRIVDVIVEHPVYGEIRGIIDVSSEEEVLKFVNLMEMAKTEPLLTLSGGVHLHTIEAPDEETMER
IMRELKKKGFLIEEG
;
_struct_ref.pdbx_db_isoform            ? 
# 
_struct_ref_seq.align_id                      1 
_struct_ref_seq.ref_id                        1 
_struct_ref_seq.pdbx_PDB_id_code              1J5Y 
_struct_ref_seq.pdbx_strand_id                A 
_struct_ref_seq.seq_align_beg                 13 
_struct_ref_seq.pdbx_seq_align_beg_ins_code   ? 
_struct_ref_seq.seq_align_end                 187 
_struct_ref_seq.pdbx_seq_align_end_ins_code   ? 
_struct_ref_seq.pdbx_db_accession             Q9X1T8 
_struct_ref_seq.db_align_beg                  1 
_struct_ref_seq.pdbx_db_align_beg_ins_code    ? 
_struct_ref_seq.db_align_end                  175 
_struct_ref_seq.pdbx_db_align_end_ins_code    ? 
_struct_ref_seq.pdbx_auth_seq_align_beg       1 
_struct_ref_seq.pdbx_auth_seq_align_end       175 
# 
loop_
_struct_ref_seq_dif.align_id 
_struct_ref_seq_dif.pdbx_pdb_id_code 
_struct_ref_seq_dif.mon_id 
_struct_ref_seq_dif.pdbx_pdb_strand_id 
_struct_ref_seq_dif.seq_num 
_struct_ref_seq_dif.pdbx_pdb_ins_code 
_struct_ref_seq_dif.pdbx_seq_db_name 
_struct_ref_seq_dif.pdbx_seq_db_accession_code 
_struct_ref_seq_dif.db_mon_id 
_struct_ref_seq_dif.pdbx_seq_db_seq_num 
_struct_ref_seq_dif.details 
_struct_ref_seq_dif.pdbx_auth_seq_num 
_struct_ref_seq_dif.pdbx_ordinal 
1 1J5Y MSE A 1   ? UNP Q9X1T8 ?   ?   'expression tag'   -11 1  
1 1J5Y GLY A 2   ? UNP Q9X1T8 ?   ?   'expression tag'   -10 2  
1 1J5Y SER A 3   ? UNP Q9X1T8 ?   ?   'expression tag'   -9  3  
1 1J5Y ASP A 4   ? UNP Q9X1T8 ?   ?   'expression tag'   -8  4  
1 1J5Y LYS A 5   ? UNP Q9X1T8 ?   ?   'expression tag'   -7  5  
1 1J5Y ILE A 6   ? UNP Q9X1T8 ?   ?   'expression tag'   -6  6  
1 1J5Y HIS A 7   ? UNP Q9X1T8 ?   ?   'expression tag'   -5  7  
1 1J5Y HIS A 8   ? UNP Q9X1T8 ?   ?   'expression tag'   -4  8  
1 1J5Y HIS A 9   ? UNP Q9X1T8 ?   ?   'expression tag'   -3  9  
1 1J5Y HIS A 10  ? UNP Q9X1T8 ?   ?   'expression tag'   -2  10 
1 1J5Y HIS A 11  ? UNP Q9X1T8 ?   ?   'expression tag'   -1  11 
1 1J5Y HIS A 12  ? UNP Q9X1T8 ?   ?   'expression tag'   0   12 
1 1J5Y MSE A 13  ? UNP Q9X1T8 MET 1   'modified residue' 1   13 
1 1J5Y MSE A 15  ? UNP Q9X1T8 MET 3   'modified residue' 3   14 
1 1J5Y MSE A 142 ? UNP Q9X1T8 MET 130 'modified residue' 130 15 
1 1J5Y MSE A 144 ? UNP Q9X1T8 MET 132 'modified residue' 132 16 
1 1J5Y MSE A 170 ? UNP Q9X1T8 MET 158 'modified residue' 158 17 
1 1J5Y MSE A 174 ? UNP Q9X1T8 MET 162 'modified residue' 162 18 
# 
loop_
_pdbx_struct_assembly.id 
_pdbx_struct_assembly.details 
_pdbx_struct_assembly.method_details 
_pdbx_struct_assembly.oligomeric_details 
_pdbx_struct_assembly.oligomeric_count 
1 author_defined_assembly   ?        monomeric  1 
2 software_defined_assembly PISA,PQS tetrameric 4 
# 
loop_
_pdbx_struct_assembly_prop.biol_id 
_pdbx_struct_assembly_prop.type 
_pdbx_struct_assembly_prop.value 
_pdbx_struct_assembly_prop.details 
2 'ABSA (A^2)' 13050 ? 
2 MORE         -105  ? 
2 'SSA (A^2)'  30020 ? 
# 
loop_
_pdbx_struct_assembly_gen.assembly_id 
_pdbx_struct_assembly_gen.oper_expression 
_pdbx_struct_assembly_gen.asym_id_list 
1 1       A,B,C,D 
2 1,2,3,4 A,B,C,D 
# 
loop_
_pdbx_struct_oper_list.id 
_pdbx_struct_oper_list.type 
_pdbx_struct_oper_list.name 
_pdbx_struct_oper_list.symmetry_operation 
_pdbx_struct_oper_list.matrix[1][1] 
_pdbx_struct_oper_list.matrix[1][2] 
_pdbx_struct_oper_list.matrix[1][3] 
_pdbx_struct_oper_list.vector[1] 
_pdbx_struct_oper_list.matrix[2][1] 
_pdbx_struct_oper_list.matrix[2][2] 
_pdbx_struct_oper_list.matrix[2][3] 
_pdbx_struct_oper_list.vector[2] 
_pdbx_struct_oper_list.matrix[3][1] 
_pdbx_struct_oper_list.matrix[3][2] 
_pdbx_struct_oper_list.matrix[3][3] 
_pdbx_struct_oper_list.vector[3] 
1 'identity operation'         1_555 x,y,z     1.0000000000  0.0000000000  0.0000000000  0.0000000000   0.0000000000  1.0000000000  0.0000000000  0.0000000000   0.0000000000  0.0000000000  1.0000000000  0.0000000000   
2 'crystal symmetry operation' 2_655 -x+1,-y,z -0.5264245306 0.0346860577  -0.8495140322 -21.9938392505 0.0346860577  -0.9974594913 -0.0622209017 -10.8897343189 -0.8495140322 -0.0622209017 0.5238840219  -12.7054578144 
3 'crystal symmetry operation' 3_655 -x+1,y,-z 0.5243020242  0.0304164176  0.8509889711  -9.5643032861  0.0304164176  -0.9993930609 0.0169809103  -11.1695247008 0.8509889711  0.0169809103  -0.5249089633 17.5309249513  
4 'crystal symmetry operation' 4_555 x,-y,-z   -0.9978774936 -0.0651024753 -0.0014749389 -32.2391489049 -0.0651024753 0.9968525522  0.0452399914  -1.1711238255  -0.0014749389 0.0452399914  -0.9989750586 5.2987014051 
# 
_struct_biol.id                    1 
_struct_biol.pdbx_parent_biol_id   ? 
_struct_biol.details               ? 
# 
loop_
_struct_conf.conf_type_id 
_struct_conf.id 
_struct_conf.pdbx_PDB_helix_id 
_struct_conf.beg_label_comp_id 
_struct_conf.beg_label_asym_id 
_struct_conf.beg_label_seq_id 
_struct_conf.pdbx_beg_PDB_ins_code 
_struct_conf.end_label_comp_id 
_struct_conf.end_label_asym_id 
_struct_conf.end_label_seq_id 
_struct_conf.pdbx_end_PDB_ins_code 
_struct_conf.beg_auth_comp_id 
_struct_conf.beg_auth_asym_id 
_struct_conf.beg_auth_seq_id 
_struct_conf.end_auth_comp_id 
_struct_conf.end_auth_asym_id 
_struct_conf.end_auth_seq_id 
_struct_conf.pdbx_PDB_helix_class 
_struct_conf.details 
_struct_conf.pdbx_PDB_helix_length 
HELX_P HELX_P1 1 MSE A 15  ? SER A 33  ? MSE A 3   SER A 21  1 ? 19 
HELX_P HELX_P2 2 SER A 38  ? SER A 47  ? SER A 26  SER A 35  1 ? 10 
HELX_P HELX_P3 3 SER A 49  ? GLY A 64  ? SER A 37  GLY A 52  1 ? 16 
HELX_P HELX_P4 4 ALA A 92  ? GLU A 94  ? ALA A 80  GLU A 82  5 ? 3  
HELX_P HELX_P5 5 GLU A 95  ? ASN A 106 ? GLU A 83  ASN A 94  1 ? 12 
HELX_P HELX_P6 6 SER A 131 ? ALA A 145 ? SER A 119 ALA A 133 1 ? 15 
HELX_P HELX_P7 7 THR A 152 ? GLY A 155 ? THR A 140 GLY A 143 5 ? 4  
HELX_P HELX_P8 8 ASP A 166 ? LYS A 180 ? ASP A 154 LYS A 168 1 ? 15 
# 
_struct_conf_type.id          HELX_P 
_struct_conf_type.criteria    ? 
_struct_conf_type.reference   ? 
# 
loop_
_struct_conn.id 
_struct_conn.conn_type_id 
_struct_conn.pdbx_leaving_atom_flag 
_struct_conn.pdbx_PDB_id 
_struct_conn.ptnr1_label_asym_id 
_struct_conn.ptnr1_label_comp_id 
_struct_conn.ptnr1_label_seq_id 
_struct_conn.ptnr1_label_atom_id 
_struct_conn.pdbx_ptnr1_label_alt_id 
_struct_conn.pdbx_ptnr1_PDB_ins_code 
_struct_conn.pdbx_ptnr1_standard_comp_id 
_struct_conn.ptnr1_symmetry 
_struct_conn.ptnr2_label_asym_id 
_struct_conn.ptnr2_label_comp_id 
_struct_conn.ptnr2_label_seq_id 
_struct_conn.ptnr2_label_atom_id 
_struct_conn.pdbx_ptnr2_label_alt_id 
_struct_conn.pdbx_ptnr2_PDB_ins_code 
_struct_conn.ptnr1_auth_asym_id 
_struct_conn.ptnr1_auth_comp_id 
_struct_conn.ptnr1_auth_seq_id 
_struct_conn.ptnr2_auth_asym_id 
_struct_conn.ptnr2_auth_comp_id 
_struct_conn.ptnr2_auth_seq_id 
_struct_conn.ptnr2_symmetry 
_struct_conn.pdbx_ptnr3_label_atom_id 
_struct_conn.pdbx_ptnr3_label_seq_id 
_struct_conn.pdbx_ptnr3_label_comp_id 
_struct_conn.pdbx_ptnr3_label_asym_id 
_struct_conn.pdbx_ptnr3_label_alt_id 
_struct_conn.pdbx_ptnr3_PDB_ins_code 
_struct_conn.details 
_struct_conn.pdbx_dist_value 
_struct_conn.pdbx_value_order 
_struct_conn.pdbx_role 
covale1  covale both ? A MSE 15  C   ? ? ? 1_555 A LYS 16  N  ? ? A MSE 3   A LYS 4   1_555 ? ? ? ? ? ? ? 1.332 ? ? 
covale2  covale both ? A LEU 141 C   ? ? ? 1_555 A MSE 142 N  ? ? A LEU 129 A MSE 130 1_555 ? ? ? ? ? ? ? 1.326 ? ? 
covale3  covale both ? A MSE 142 C   ? ? ? 1_555 A GLU 143 N  ? ? A MSE 130 A GLU 131 1_555 ? ? ? ? ? ? ? 1.325 ? ? 
covale4  covale both ? A GLU 143 C   ? ? ? 1_555 A MSE 144 N  ? ? A GLU 131 A MSE 132 1_555 ? ? ? ? ? ? ? 1.332 ? ? 
covale5  covale both ? A MSE 144 C   ? ? ? 1_555 A ALA 145 N  ? ? A MSE 132 A ALA 133 1_555 ? ? ? ? ? ? ? 1.333 ? ? 
covale6  covale both ? A THR 169 C   ? ? ? 1_555 A MSE 170 N  ? ? A THR 157 A MSE 158 1_555 ? ? ? ? ? ? ? 1.332 ? ? 
covale7  covale both ? A MSE 170 C   ? ? ? 1_555 A GLU 171 N  ? ? A MSE 158 A GLU 159 1_555 ? ? ? ? ? ? ? 1.325 ? ? 
covale8  covale both ? A ILE 173 C   ? ? ? 1_555 A MSE 174 N  ? ? A ILE 161 A MSE 162 1_555 ? ? ? ? ? ? ? 1.335 ? ? 
covale9  covale both ? A MSE 174 C   ? ? ? 1_555 A ARG 175 N  ? ? A MSE 162 A ARG 163 1_555 ? ? ? ? ? ? ? 1.321 ? ? 
metalc1  metalc ?    ? A LEU 30  O   ? ? ? 1_555 C K   .   K  ? ? A LEU 18  A K   202 1_555 ? ? ? ? ? ? ? 2.904 ? ? 
metalc2  metalc ?    ? A GLU 31  O   ? ? ? 1_555 C K   .   K  ? ? A GLU 19  A K   202 1_555 ? ? ? ? ? ? ? 3.176 ? ? 
metalc3  metalc ?    ? A SER 33  O   ? ? ? 1_555 C K   .   K  ? ? A SER 21  A K   202 1_555 ? ? ? ? ? ? ? 2.716 ? ? 
metalc4  metalc ?    ? A LEU 76  O   ? ? ? 1_555 C K   .   K  ? ? A LEU 64  A K   202 1_555 ? ? ? ? ? ? ? 2.834 ? ? 
metalc5  metalc ?    ? A GLY 78  N   ? ? ? 1_555 C K   .   K  ? ? A GLY 66  A K   202 1_555 ? ? ? ? ? ? ? 3.295 ? ? 
metalc6  metalc ?    ? A HIS 91  NE2 ? ? ? 1_555 B NI  .   NI ? ? A HIS 79  A NI  201 1_555 ? ? ? ? ? ? ? 2.380 ? ? 
metalc7  metalc ?    ? A GLU 99  OE2 ? ? ? 1_555 B NI  .   NI ? ? A GLU 87  A NI  201 1_555 ? ? ? ? ? ? ? 2.532 ? ? 
metalc8  metalc ?    ? A GLU 99  OE1 ? ? ? 1_555 B NI  .   NI ? ? A GLU 87  A NI  201 1_555 ? ? ? ? ? ? ? 2.102 ? ? 
metalc9  metalc ?    ? A HIS 158 NE2 ? ? ? 1_555 B NI  .   NI ? ? A HIS 146 A NI  201 1_555 ? ? ? ? ? ? ? 2.297 ? ? 
metalc10 metalc ?    ? A HIS 160 NE2 ? ? ? 1_555 B NI  .   NI ? ? A HIS 148 A NI  201 1_555 ? ? ? ? ? ? ? 2.117 ? ? 
metalc11 metalc ?    ? B NI  .   NI  ? ? ? 1_555 D HOH .   O  ? ? A NI  201 A HOH 241 1_555 ? ? ? ? ? ? ? 2.312 ? ? 
metalc12 metalc ?    ? C K   .   K   ? ? ? 1_555 D HOH .   O  ? ? A K   202 A HOH 223 1_555 ? ? ? ? ? ? ? 3.066 ? ? 
metalc13 metalc ?    ? C K   .   K   ? ? ? 1_555 D HOH .   O  ? ? A K   202 A HOH 255 1_555 ? ? ? ? ? ? ? 3.454 ? ? 
# 
loop_
_struct_conn_type.id 
_struct_conn_type.criteria 
_struct_conn_type.reference 
covale ? ? 
metalc ? ? 
# 
loop_
_pdbx_struct_conn_angle.id 
_pdbx_struct_conn_angle.ptnr1_label_atom_id 
_pdbx_struct_conn_angle.ptnr1_label_alt_id 
_pdbx_struct_conn_angle.ptnr1_label_asym_id 
_pdbx_struct_conn_angle.ptnr1_label_comp_id 
_pdbx_struct_conn_angle.ptnr1_label_seq_id 
_pdbx_struct_conn_angle.ptnr1_auth_atom_id 
_pdbx_struct_conn_angle.ptnr1_auth_asym_id 
_pdbx_struct_conn_angle.ptnr1_auth_comp_id 
_pdbx_struct_conn_angle.ptnr1_auth_seq_id 
_pdbx_struct_conn_angle.ptnr1_PDB_ins_code 
_pdbx_struct_conn_angle.ptnr1_symmetry 
_pdbx_struct_conn_angle.ptnr2_label_atom_id 
_pdbx_struct_conn_angle.ptnr2_label_alt_id 
_pdbx_struct_conn_angle.ptnr2_label_asym_id 
_pdbx_struct_conn_angle.ptnr2_label_comp_id 
_pdbx_struct_conn_angle.ptnr2_label_seq_id 
_pdbx_struct_conn_angle.ptnr2_auth_atom_id 
_pdbx_struct_conn_angle.ptnr2_auth_asym_id 
_pdbx_struct_conn_angle.ptnr2_auth_comp_id 
_pdbx_struct_conn_angle.ptnr2_auth_seq_id 
_pdbx_struct_conn_angle.ptnr2_PDB_ins_code 
_pdbx_struct_conn_angle.ptnr2_symmetry 
_pdbx_struct_conn_angle.ptnr3_label_atom_id 
_pdbx_struct_conn_angle.ptnr3_label_alt_id 
_pdbx_struct_conn_angle.ptnr3_label_asym_id 
_pdbx_struct_conn_angle.ptnr3_label_comp_id 
_pdbx_struct_conn_angle.ptnr3_label_seq_id 
_pdbx_struct_conn_angle.ptnr3_auth_atom_id 
_pdbx_struct_conn_angle.ptnr3_auth_asym_id 
_pdbx_struct_conn_angle.ptnr3_auth_comp_id 
_pdbx_struct_conn_angle.ptnr3_auth_seq_id 
_pdbx_struct_conn_angle.ptnr3_PDB_ins_code 
_pdbx_struct_conn_angle.ptnr3_symmetry 
_pdbx_struct_conn_angle.value 
_pdbx_struct_conn_angle.value_esd 
1  O   ? A LEU 30  ? A LEU 18  ? 1_555 K  ? C K  . ? A K  202 ? 1_555 O   ? A GLU 31  ? A GLU 19  ? 1_555 72.9  ? 
2  O   ? A LEU 30  ? A LEU 18  ? 1_555 K  ? C K  . ? A K  202 ? 1_555 O   ? A SER 33  ? A SER 21  ? 1_555 81.7  ? 
3  O   ? A GLU 31  ? A GLU 19  ? 1_555 K  ? C K  . ? A K  202 ? 1_555 O   ? A SER 33  ? A SER 21  ? 1_555 88.8  ? 
4  O   ? A LEU 30  ? A LEU 18  ? 1_555 K  ? C K  . ? A K  202 ? 1_555 O   ? A LEU 76  ? A LEU 64  ? 1_555 69.6  ? 
5  O   ? A GLU 31  ? A GLU 19  ? 1_555 K  ? C K  . ? A K  202 ? 1_555 O   ? A LEU 76  ? A LEU 64  ? 1_555 101.0 ? 
6  O   ? A SER 33  ? A SER 21  ? 1_555 K  ? C K  . ? A K  202 ? 1_555 O   ? A LEU 76  ? A LEU 64  ? 1_555 145.0 ? 
7  O   ? A LEU 30  ? A LEU 18  ? 1_555 K  ? C K  . ? A K  202 ? 1_555 N   ? A GLY 78  ? A GLY 66  ? 1_555 116.3 ? 
8  O   ? A GLU 31  ? A GLU 19  ? 1_555 K  ? C K  . ? A K  202 ? 1_555 N   ? A GLY 78  ? A GLY 66  ? 1_555 74.7  ? 
9  O   ? A SER 33  ? A SER 21  ? 1_555 K  ? C K  . ? A K  202 ? 1_555 N   ? A GLY 78  ? A GLY 66  ? 1_555 149.4 ? 
10 O   ? A LEU 76  ? A LEU 64  ? 1_555 K  ? C K  . ? A K  202 ? 1_555 N   ? A GLY 78  ? A GLY 66  ? 1_555 64.9  ? 
11 O   ? A LEU 30  ? A LEU 18  ? 1_555 K  ? C K  . ? A K  202 ? 1_555 O   ? D HOH .   ? A HOH 223 ? 1_555 132.6 ? 
12 O   ? A GLU 31  ? A GLU 19  ? 1_555 K  ? C K  . ? A K  202 ? 1_555 O   ? D HOH .   ? A HOH 223 ? 1_555 154.2 ? 
13 O   ? A SER 33  ? A SER 21  ? 1_555 K  ? C K  . ? A K  202 ? 1_555 O   ? D HOH .   ? A HOH 223 ? 1_555 98.3  ? 
14 O   ? A LEU 76  ? A LEU 64  ? 1_555 K  ? C K  . ? A K  202 ? 1_555 O   ? D HOH .   ? A HOH 223 ? 1_555 87.4  ? 
15 N   ? A GLY 78  ? A GLY 66  ? 1_555 K  ? C K  . ? A K  202 ? 1_555 O   ? D HOH .   ? A HOH 223 ? 1_555 87.3  ? 
16 O   ? A LEU 30  ? A LEU 18  ? 1_555 K  ? C K  . ? A K  202 ? 1_555 O   ? D HOH .   ? A HOH 255 ? 1_555 53.2  ? 
17 O   ? A GLU 31  ? A GLU 19  ? 1_555 K  ? C K  . ? A K  202 ? 1_555 O   ? D HOH .   ? A HOH 255 ? 1_555 124.3 ? 
18 O   ? A SER 33  ? A SER 21  ? 1_555 K  ? C K  . ? A K  202 ? 1_555 O   ? D HOH .   ? A HOH 255 ? 1_555 72.1  ? 
19 O   ? A LEU 76  ? A LEU 64  ? 1_555 K  ? C K  . ? A K  202 ? 1_555 O   ? D HOH .   ? A HOH 255 ? 1_555 74.7  ? 
20 N   ? A GLY 78  ? A GLY 66  ? 1_555 K  ? C K  . ? A K  202 ? 1_555 O   ? D HOH .   ? A HOH 255 ? 1_555 138.4 ? 
21 O   ? D HOH .   ? A HOH 223 ? 1_555 K  ? C K  . ? A K  202 ? 1_555 O   ? D HOH .   ? A HOH 255 ? 1_555 81.4  ? 
22 NE2 ? A HIS 91  ? A HIS 79  ? 1_555 NI ? B NI . ? A NI 201 ? 1_555 OE2 ? A GLU 99  ? A GLU 87  ? 1_555 82.0  ? 
23 NE2 ? A HIS 91  ? A HIS 79  ? 1_555 NI ? B NI . ? A NI 201 ? 1_555 OE1 ? A GLU 99  ? A GLU 87  ? 1_555 86.7  ? 
24 OE2 ? A GLU 99  ? A GLU 87  ? 1_555 NI ? B NI . ? A NI 201 ? 1_555 OE1 ? A GLU 99  ? A GLU 87  ? 1_555 55.1  ? 
25 NE2 ? A HIS 91  ? A HIS 79  ? 1_555 NI ? B NI . ? A NI 201 ? 1_555 NE2 ? A HIS 158 ? A HIS 146 ? 1_555 83.3  ? 
26 OE2 ? A GLU 99  ? A GLU 87  ? 1_555 NI ? B NI . ? A NI 201 ? 1_555 NE2 ? A HIS 158 ? A HIS 146 ? 1_555 107.8 ? 
27 OE1 ? A GLU 99  ? A GLU 87  ? 1_555 NI ? B NI . ? A NI 201 ? 1_555 NE2 ? A HIS 158 ? A HIS 146 ? 1_555 161.4 ? 
28 NE2 ? A HIS 91  ? A HIS 79  ? 1_555 NI ? B NI . ? A NI 201 ? 1_555 NE2 ? A HIS 160 ? A HIS 148 ? 1_555 171.6 ? 
29 OE2 ? A GLU 99  ? A GLU 87  ? 1_555 NI ? B NI . ? A NI 201 ? 1_555 NE2 ? A HIS 160 ? A HIS 148 ? 1_555 89.8  ? 
30 OE1 ? A GLU 99  ? A GLU 87  ? 1_555 NI ? B NI . ? A NI 201 ? 1_555 NE2 ? A HIS 160 ? A HIS 148 ? 1_555 90.0  ? 
31 NE2 ? A HIS 158 ? A HIS 146 ? 1_555 NI ? B NI . ? A NI 201 ? 1_555 NE2 ? A HIS 160 ? A HIS 148 ? 1_555 97.6  ? 
32 NE2 ? A HIS 91  ? A HIS 79  ? 1_555 NI ? B NI . ? A NI 201 ? 1_555 O   ? D HOH .   ? A HOH 241 ? 1_555 94.7  ? 
33 OE2 ? A GLU 99  ? A GLU 87  ? 1_555 NI ? B NI . ? A NI 201 ? 1_555 O   ? D HOH .   ? A HOH 241 ? 1_555 154.3 ? 
34 OE1 ? A GLU 99  ? A GLU 87  ? 1_555 NI ? B NI . ? A NI 201 ? 1_555 O   ? D HOH .   ? A HOH 241 ? 1_555 99.4  ? 
35 NE2 ? A HIS 158 ? A HIS 146 ? 1_555 NI ? B NI . ? A NI 201 ? 1_555 O   ? D HOH .   ? A HOH 241 ? 1_555 97.0  ? 
36 NE2 ? A HIS 160 ? A HIS 148 ? 1_555 NI ? B NI . ? A NI 201 ? 1_555 O   ? D HOH .   ? A HOH 241 ? 1_555 93.5  ? 
# 
loop_
_pdbx_modification_feature.ordinal 
_pdbx_modification_feature.label_comp_id 
_pdbx_modification_feature.label_asym_id 
_pdbx_modification_feature.label_seq_id 
_pdbx_modification_feature.label_alt_id 
_pdbx_modification_feature.modified_residue_label_comp_id 
_pdbx_modification_feature.modified_residue_label_asym_id 
_pdbx_modification_feature.modified_residue_label_seq_id 
_pdbx_modification_feature.modified_residue_label_alt_id 
_pdbx_modification_feature.auth_comp_id 
_pdbx_modification_feature.auth_asym_id 
_pdbx_modification_feature.auth_seq_id 
_pdbx_modification_feature.PDB_ins_code 
_pdbx_modification_feature.symmetry 
_pdbx_modification_feature.modified_residue_auth_comp_id 
_pdbx_modification_feature.modified_residue_auth_asym_id 
_pdbx_modification_feature.modified_residue_auth_seq_id 
_pdbx_modification_feature.modified_residue_PDB_ins_code 
_pdbx_modification_feature.modified_residue_symmetry 
_pdbx_modification_feature.comp_id_linking_atom 
_pdbx_modification_feature.modified_residue_id_linking_atom 
_pdbx_modification_feature.modified_residue_id 
_pdbx_modification_feature.ref_pcm_id 
_pdbx_modification_feature.ref_comp_id 
_pdbx_modification_feature.type 
_pdbx_modification_feature.category 
1 MSE A 15  ? . . . . MSE A 3   ? 1_555 . . . . . . . MET 1 MSE Selenomethionine 'Named protein modification' 
2 MSE A 142 ? . . . . MSE A 130 ? 1_555 . . . . . . . MET 1 MSE Selenomethionine 'Named protein modification' 
3 MSE A 144 ? . . . . MSE A 132 ? 1_555 . . . . . . . MET 1 MSE Selenomethionine 'Named protein modification' 
4 MSE A 170 ? . . . . MSE A 158 ? 1_555 . . . . . . . MET 1 MSE Selenomethionine 'Named protein modification' 
5 MSE A 174 ? . . . . MSE A 162 ? 1_555 . . . . . . . MET 1 MSE Selenomethionine 'Named protein modification' 
# 
loop_
_struct_sheet.id 
_struct_sheet.type 
_struct_sheet.number_strands 
_struct_sheet.details 
A ? 2 ? 
B ? 4 ? 
# 
loop_
_struct_sheet_order.sheet_id 
_struct_sheet_order.range_id_1 
_struct_sheet_order.range_id_2 
_struct_sheet_order.offset 
_struct_sheet_order.sense 
A 1 2 ? anti-parallel 
B 1 2 ? anti-parallel 
B 2 3 ? anti-parallel 
B 3 4 ? anti-parallel 
# 
loop_
_struct_sheet_range.sheet_id 
_struct_sheet_range.id 
_struct_sheet_range.beg_label_comp_id 
_struct_sheet_range.beg_label_asym_id 
_struct_sheet_range.beg_label_seq_id 
_struct_sheet_range.pdbx_beg_PDB_ins_code 
_struct_sheet_range.end_label_comp_id 
_struct_sheet_range.end_label_asym_id 
_struct_sheet_range.end_label_seq_id 
_struct_sheet_range.pdbx_end_PDB_ins_code 
_struct_sheet_range.beg_auth_comp_id 
_struct_sheet_range.beg_auth_asym_id 
_struct_sheet_range.beg_auth_seq_id 
_struct_sheet_range.end_auth_comp_id 
_struct_sheet_range.end_auth_asym_id 
_struct_sheet_range.end_auth_seq_id 
A 1 VAL A 68  ? THR A 70  ? VAL A 56  THR A 58  
A 2 GLY A 73  ? VAL A 75  ? GLY A 61  VAL A 63  
B 1 VAL A 83  ? LYS A 90  ? VAL A 71  LYS A 78  
B 2 VAL A 157 ? ALA A 164 ? VAL A 145 ALA A 152 
B 3 ARG A 109 ? HIS A 117 ? ARG A 97  HIS A 105 
B 4 GLY A 121 ? VAL A 129 ? GLY A 109 VAL A 117 
# 
loop_
_pdbx_struct_sheet_hbond.sheet_id 
_pdbx_struct_sheet_hbond.range_id_1 
_pdbx_struct_sheet_hbond.range_id_2 
_pdbx_struct_sheet_hbond.range_1_label_atom_id 
_pdbx_struct_sheet_hbond.range_1_label_comp_id 
_pdbx_struct_sheet_hbond.range_1_label_asym_id 
_pdbx_struct_sheet_hbond.range_1_label_seq_id 
_pdbx_struct_sheet_hbond.range_1_PDB_ins_code 
_pdbx_struct_sheet_hbond.range_1_auth_atom_id 
_pdbx_struct_sheet_hbond.range_1_auth_comp_id 
_pdbx_struct_sheet_hbond.range_1_auth_asym_id 
_pdbx_struct_sheet_hbond.range_1_auth_seq_id 
_pdbx_struct_sheet_hbond.range_2_label_atom_id 
_pdbx_struct_sheet_hbond.range_2_label_comp_id 
_pdbx_struct_sheet_hbond.range_2_label_asym_id 
_pdbx_struct_sheet_hbond.range_2_label_seq_id 
_pdbx_struct_sheet_hbond.range_2_PDB_ins_code 
_pdbx_struct_sheet_hbond.range_2_auth_atom_id 
_pdbx_struct_sheet_hbond.range_2_auth_comp_id 
_pdbx_struct_sheet_hbond.range_2_auth_asym_id 
_pdbx_struct_sheet_hbond.range_2_auth_seq_id 
A 1 2 N VAL A 68  ? N VAL A 56  O VAL A 75  ? O VAL A 63  
B 1 2 N ARG A 85  ? N ARG A 73  O ILE A 162 ? O ILE A 150 
B 2 3 O LEU A 159 ? O LEU A 147 N ILE A 114 ? N ILE A 102 
B 3 4 N VAL A 113 ? N VAL A 101 O GLY A 125 ? O GLY A 113 
# 
loop_
_struct_site.id 
_struct_site.pdbx_evidence_code 
_struct_site.pdbx_auth_asym_id 
_struct_site.pdbx_auth_comp_id 
_struct_site.pdbx_auth_seq_id 
_struct_site.pdbx_auth_ins_code 
_struct_site.pdbx_num_residues 
_struct_site.details 
AC1 Software A NI 201 ? 5 'BINDING SITE FOR RESIDUE NI A 201' 
AC2 Software A K  202 ? 6 'BINDING SITE FOR RESIDUE K A 202'  
# 
loop_
_struct_site_gen.id 
_struct_site_gen.site_id 
_struct_site_gen.pdbx_num_res 
_struct_site_gen.label_comp_id 
_struct_site_gen.label_asym_id 
_struct_site_gen.label_seq_id 
_struct_site_gen.pdbx_auth_ins_code 
_struct_site_gen.auth_comp_id 
_struct_site_gen.auth_asym_id 
_struct_site_gen.auth_seq_id 
_struct_site_gen.label_atom_id 
_struct_site_gen.label_alt_id 
_struct_site_gen.symmetry 
_struct_site_gen.details 
1  AC1 5 HIS A 91  ? HIS A 79  . ? 1_555 ? 
2  AC1 5 GLU A 99  ? GLU A 87  . ? 1_555 ? 
3  AC1 5 HIS A 158 ? HIS A 146 . ? 1_555 ? 
4  AC1 5 HIS A 160 ? HIS A 148 . ? 1_555 ? 
5  AC1 5 HOH D .   ? HOH A 241 . ? 1_555 ? 
6  AC2 6 LEU A 30  ? LEU A 18  . ? 1_555 ? 
7  AC2 6 GLU A 31  ? GLU A 19  . ? 1_555 ? 
8  AC2 6 SER A 33  ? SER A 21  . ? 1_555 ? 
9  AC2 6 LEU A 76  ? LEU A 64  . ? 1_555 ? 
10 AC2 6 GLY A 78  ? GLY A 66  . ? 1_555 ? 
11 AC2 6 HOH D .   ? HOH A 223 . ? 1_555 ? 
# 
_pdbx_entry_details.entry_id                   1J5Y 
_pdbx_entry_details.compound_details           ? 
_pdbx_entry_details.source_details             ? 
_pdbx_entry_details.nonpolymer_details         ? 
_pdbx_entry_details.sequence_details           ? 
_pdbx_entry_details.has_ligand_of_interest     ? 
_pdbx_entry_details.has_protein_modification   Y 
# 
_pdbx_SG_project.id                    1 
_pdbx_SG_project.project_name          'PSI, Protein Structure Initiative' 
_pdbx_SG_project.full_name_of_center   'Joint Center for Structural Genomics' 
_pdbx_SG_project.initial_of_center     JCSG 
# 
loop_
_pdbx_struct_mod_residue.id 
_pdbx_struct_mod_residue.label_asym_id 
_pdbx_struct_mod_residue.label_comp_id 
_pdbx_struct_mod_residue.label_seq_id 
_pdbx_struct_mod_residue.auth_asym_id 
_pdbx_struct_mod_residue.auth_comp_id 
_pdbx_struct_mod_residue.auth_seq_id 
_pdbx_struct_mod_residue.PDB_ins_code 
_pdbx_struct_mod_residue.parent_comp_id 
_pdbx_struct_mod_residue.details 
1 A MSE 15  A MSE 3   ? MET SELENOMETHIONINE 
2 A MSE 142 A MSE 130 ? MET SELENOMETHIONINE 
3 A MSE 144 A MSE 132 ? MET SELENOMETHIONINE 
4 A MSE 170 A MSE 158 ? MET SELENOMETHIONINE 
5 A MSE 174 A MSE 162 ? MET SELENOMETHIONINE 
# 
_pdbx_database_remark.id     600 
_pdbx_database_remark.text   
;HETEROGEN
NI assigned based on electron density and 
coordination, potassium ion based on
electron density and environment.
;
# 
loop_
_pdbx_unobs_or_zero_occ_residues.id 
_pdbx_unobs_or_zero_occ_residues.PDB_model_num 
_pdbx_unobs_or_zero_occ_residues.polymer_flag 
_pdbx_unobs_or_zero_occ_residues.occupancy_flag 
_pdbx_unobs_or_zero_occ_residues.auth_asym_id 
_pdbx_unobs_or_zero_occ_residues.auth_comp_id 
_pdbx_unobs_or_zero_occ_residues.auth_seq_id 
_pdbx_unobs_or_zero_occ_residues.PDB_ins_code 
_pdbx_unobs_or_zero_occ_residues.label_asym_id 
_pdbx_unobs_or_zero_occ_residues.label_comp_id 
_pdbx_unobs_or_zero_occ_residues.label_seq_id 
1  1 Y 1 A MSE -11 ? A MSE 1   
2  1 Y 1 A GLY -10 ? A GLY 2   
3  1 Y 1 A SER -9  ? A SER 3   
4  1 Y 1 A ASP -8  ? A ASP 4   
5  1 Y 1 A LYS -7  ? A LYS 5   
6  1 Y 1 A ILE -6  ? A ILE 6   
7  1 Y 1 A HIS -5  ? A HIS 7   
8  1 Y 1 A HIS -4  ? A HIS 8   
9  1 Y 1 A HIS -3  ? A HIS 9   
10 1 Y 1 A HIS -2  ? A HIS 10  
11 1 Y 1 A HIS -1  ? A HIS 11  
12 1 Y 1 A HIS 0   ? A HIS 12  
13 1 Y 1 A MSE 1   ? A MSE 13  
14 1 Y 1 A HIS 2   ? A HIS 14  
15 1 Y 1 A GLY 175 ? A GLY 187 
# 
loop_
_chem_comp_atom.comp_id 
_chem_comp_atom.atom_id 
_chem_comp_atom.type_symbol 
_chem_comp_atom.pdbx_aromatic_flag 
_chem_comp_atom.pdbx_stereo_config 
_chem_comp_atom.pdbx_ordinal 
ALA N    N  N N 1   
ALA CA   C  N S 2   
ALA C    C  N N 3   
ALA O    O  N N 4   
ALA CB   C  N N 5   
ALA OXT  O  N N 6   
ALA H    H  N N 7   
ALA H2   H  N N 8   
ALA HA   H  N N 9   
ALA HB1  H  N N 10  
ALA HB2  H  N N 11  
ALA HB3  H  N N 12  
ALA HXT  H  N N 13  
ARG N    N  N N 14  
ARG CA   C  N S 15  
ARG C    C  N N 16  
ARG O    O  N N 17  
ARG CB   C  N N 18  
ARG CG   C  N N 19  
ARG CD   C  N N 20  
ARG NE   N  N N 21  
ARG CZ   C  N N 22  
ARG NH1  N  N N 23  
ARG NH2  N  N N 24  
ARG OXT  O  N N 25  
ARG H    H  N N 26  
ARG H2   H  N N 27  
ARG HA   H  N N 28  
ARG HB2  H  N N 29  
ARG HB3  H  N N 30  
ARG HG2  H  N N 31  
ARG HG3  H  N N 32  
ARG HD2  H  N N 33  
ARG HD3  H  N N 34  
ARG HE   H  N N 35  
ARG HH11 H  N N 36  
ARG HH12 H  N N 37  
ARG HH21 H  N N 38  
ARG HH22 H  N N 39  
ARG HXT  H  N N 40  
ASN N    N  N N 41  
ASN CA   C  N S 42  
ASN C    C  N N 43  
ASN O    O  N N 44  
ASN CB   C  N N 45  
ASN CG   C  N N 46  
ASN OD1  O  N N 47  
ASN ND2  N  N N 48  
ASN OXT  O  N N 49  
ASN H    H  N N 50  
ASN H2   H  N N 51  
ASN HA   H  N N 52  
ASN HB2  H  N N 53  
ASN HB3  H  N N 54  
ASN HD21 H  N N 55  
ASN HD22 H  N N 56  
ASN HXT  H  N N 57  
ASP N    N  N N 58  
ASP CA   C  N S 59  
ASP C    C  N N 60  
ASP O    O  N N 61  
ASP CB   C  N N 62  
ASP CG   C  N N 63  
ASP OD1  O  N N 64  
ASP OD2  O  N N 65  
ASP OXT  O  N N 66  
ASP H    H  N N 67  
ASP H2   H  N N 68  
ASP HA   H  N N 69  
ASP HB2  H  N N 70  
ASP HB3  H  N N 71  
ASP HD2  H  N N 72  
ASP HXT  H  N N 73  
CYS N    N  N N 74  
CYS CA   C  N R 75  
CYS C    C  N N 76  
CYS O    O  N N 77  
CYS CB   C  N N 78  
CYS SG   S  N N 79  
CYS OXT  O  N N 80  
CYS H    H  N N 81  
CYS H2   H  N N 82  
CYS HA   H  N N 83  
CYS HB2  H  N N 84  
CYS HB3  H  N N 85  
CYS HG   H  N N 86  
CYS HXT  H  N N 87  
GLN N    N  N N 88  
GLN CA   C  N S 89  
GLN C    C  N N 90  
GLN O    O  N N 91  
GLN CB   C  N N 92  
GLN CG   C  N N 93  
GLN CD   C  N N 94  
GLN OE1  O  N N 95  
GLN NE2  N  N N 96  
GLN OXT  O  N N 97  
GLN H    H  N N 98  
GLN H2   H  N N 99  
GLN HA   H  N N 100 
GLN HB2  H  N N 101 
GLN HB3  H  N N 102 
GLN HG2  H  N N 103 
GLN HG3  H  N N 104 
GLN HE21 H  N N 105 
GLN HE22 H  N N 106 
GLN HXT  H  N N 107 
GLU N    N  N N 108 
GLU CA   C  N S 109 
GLU C    C  N N 110 
GLU O    O  N N 111 
GLU CB   C  N N 112 
GLU CG   C  N N 113 
GLU CD   C  N N 114 
GLU OE1  O  N N 115 
GLU OE2  O  N N 116 
GLU OXT  O  N N 117 
GLU H    H  N N 118 
GLU H2   H  N N 119 
GLU HA   H  N N 120 
GLU HB2  H  N N 121 
GLU HB3  H  N N 122 
GLU HG2  H  N N 123 
GLU HG3  H  N N 124 
GLU HE2  H  N N 125 
GLU HXT  H  N N 126 
GLY N    N  N N 127 
GLY CA   C  N N 128 
GLY C    C  N N 129 
GLY O    O  N N 130 
GLY OXT  O  N N 131 
GLY H    H  N N 132 
GLY H2   H  N N 133 
GLY HA2  H  N N 134 
GLY HA3  H  N N 135 
GLY HXT  H  N N 136 
HIS N    N  N N 137 
HIS CA   C  N S 138 
HIS C    C  N N 139 
HIS O    O  N N 140 
HIS CB   C  N N 141 
HIS CG   C  Y N 142 
HIS ND1  N  Y N 143 
HIS CD2  C  Y N 144 
HIS CE1  C  Y N 145 
HIS NE2  N  Y N 146 
HIS OXT  O  N N 147 
HIS H    H  N N 148 
HIS H2   H  N N 149 
HIS HA   H  N N 150 
HIS HB2  H  N N 151 
HIS HB3  H  N N 152 
HIS HD1  H  N N 153 
HIS HD2  H  N N 154 
HIS HE1  H  N N 155 
HIS HE2  H  N N 156 
HIS HXT  H  N N 157 
HOH O    O  N N 158 
HOH H1   H  N N 159 
HOH H2   H  N N 160 
ILE N    N  N N 161 
ILE CA   C  N S 162 
ILE C    C  N N 163 
ILE O    O  N N 164 
ILE CB   C  N S 165 
ILE CG1  C  N N 166 
ILE CG2  C  N N 167 
ILE CD1  C  N N 168 
ILE OXT  O  N N 169 
ILE H    H  N N 170 
ILE H2   H  N N 171 
ILE HA   H  N N 172 
ILE HB   H  N N 173 
ILE HG12 H  N N 174 
ILE HG13 H  N N 175 
ILE HG21 H  N N 176 
ILE HG22 H  N N 177 
ILE HG23 H  N N 178 
ILE HD11 H  N N 179 
ILE HD12 H  N N 180 
ILE HD13 H  N N 181 
ILE HXT  H  N N 182 
K   K    K  N N 183 
LEU N    N  N N 184 
LEU CA   C  N S 185 
LEU C    C  N N 186 
LEU O    O  N N 187 
LEU CB   C  N N 188 
LEU CG   C  N N 189 
LEU CD1  C  N N 190 
LEU CD2  C  N N 191 
LEU OXT  O  N N 192 
LEU H    H  N N 193 
LEU H2   H  N N 194 
LEU HA   H  N N 195 
LEU HB2  H  N N 196 
LEU HB3  H  N N 197 
LEU HG   H  N N 198 
LEU HD11 H  N N 199 
LEU HD12 H  N N 200 
LEU HD13 H  N N 201 
LEU HD21 H  N N 202 
LEU HD22 H  N N 203 
LEU HD23 H  N N 204 
LEU HXT  H  N N 205 
LYS N    N  N N 206 
LYS CA   C  N S 207 
LYS C    C  N N 208 
LYS O    O  N N 209 
LYS CB   C  N N 210 
LYS CG   C  N N 211 
LYS CD   C  N N 212 
LYS CE   C  N N 213 
LYS NZ   N  N N 214 
LYS OXT  O  N N 215 
LYS H    H  N N 216 
LYS H2   H  N N 217 
LYS HA   H  N N 218 
LYS HB2  H  N N 219 
LYS HB3  H  N N 220 
LYS HG2  H  N N 221 
LYS HG3  H  N N 222 
LYS HD2  H  N N 223 
LYS HD3  H  N N 224 
LYS HE2  H  N N 225 
LYS HE3  H  N N 226 
LYS HZ1  H  N N 227 
LYS HZ2  H  N N 228 
LYS HZ3  H  N N 229 
LYS HXT  H  N N 230 
MET N    N  N N 231 
MET CA   C  N S 232 
MET C    C  N N 233 
MET O    O  N N 234 
MET CB   C  N N 235 
MET CG   C  N N 236 
MET SD   S  N N 237 
MET CE   C  N N 238 
MET OXT  O  N N 239 
MET H    H  N N 240 
MET H2   H  N N 241 
MET HA   H  N N 242 
MET HB2  H  N N 243 
MET HB3  H  N N 244 
MET HG2  H  N N 245 
MET HG3  H  N N 246 
MET HE1  H  N N 247 
MET HE2  H  N N 248 
MET HE3  H  N N 249 
MET HXT  H  N N 250 
MSE N    N  N N 251 
MSE CA   C  N S 252 
MSE C    C  N N 253 
MSE O    O  N N 254 
MSE OXT  O  N N 255 
MSE CB   C  N N 256 
MSE CG   C  N N 257 
MSE SE   SE N N 258 
MSE CE   C  N N 259 
MSE H    H  N N 260 
MSE H2   H  N N 261 
MSE HA   H  N N 262 
MSE HXT  H  N N 263 
MSE HB2  H  N N 264 
MSE HB3  H  N N 265 
MSE HG2  H  N N 266 
MSE HG3  H  N N 267 
MSE HE1  H  N N 268 
MSE HE2  H  N N 269 
MSE HE3  H  N N 270 
NI  NI   NI N N 271 
PHE N    N  N N 272 
PHE CA   C  N S 273 
PHE C    C  N N 274 
PHE O    O  N N 275 
PHE CB   C  N N 276 
PHE CG   C  Y N 277 
PHE CD1  C  Y N 278 
PHE CD2  C  Y N 279 
PHE CE1  C  Y N 280 
PHE CE2  C  Y N 281 
PHE CZ   C  Y N 282 
PHE OXT  O  N N 283 
PHE H    H  N N 284 
PHE H2   H  N N 285 
PHE HA   H  N N 286 
PHE HB2  H  N N 287 
PHE HB3  H  N N 288 
PHE HD1  H  N N 289 
PHE HD2  H  N N 290 
PHE HE1  H  N N 291 
PHE HE2  H  N N 292 
PHE HZ   H  N N 293 
PHE HXT  H  N N 294 
PRO N    N  N N 295 
PRO CA   C  N S 296 
PRO C    C  N N 297 
PRO O    O  N N 298 
PRO CB   C  N N 299 
PRO CG   C  N N 300 
PRO CD   C  N N 301 
PRO OXT  O  N N 302 
PRO H    H  N N 303 
PRO HA   H  N N 304 
PRO HB2  H  N N 305 
PRO HB3  H  N N 306 
PRO HG2  H  N N 307 
PRO HG3  H  N N 308 
PRO HD2  H  N N 309 
PRO HD3  H  N N 310 
PRO HXT  H  N N 311 
SER N    N  N N 312 
SER CA   C  N S 313 
SER C    C  N N 314 
SER O    O  N N 315 
SER CB   C  N N 316 
SER OG   O  N N 317 
SER OXT  O  N N 318 
SER H    H  N N 319 
SER H2   H  N N 320 
SER HA   H  N N 321 
SER HB2  H  N N 322 
SER HB3  H  N N 323 
SER HG   H  N N 324 
SER HXT  H  N N 325 
THR N    N  N N 326 
THR CA   C  N S 327 
THR C    C  N N 328 
THR O    O  N N 329 
THR CB   C  N R 330 
THR OG1  O  N N 331 
THR CG2  C  N N 332 
THR OXT  O  N N 333 
THR H    H  N N 334 
THR H2   H  N N 335 
THR HA   H  N N 336 
THR HB   H  N N 337 
THR HG1  H  N N 338 
THR HG21 H  N N 339 
THR HG22 H  N N 340 
THR HG23 H  N N 341 
THR HXT  H  N N 342 
TYR N    N  N N 343 
TYR CA   C  N S 344 
TYR C    C  N N 345 
TYR O    O  N N 346 
TYR CB   C  N N 347 
TYR CG   C  Y N 348 
TYR CD1  C  Y N 349 
TYR CD2  C  Y N 350 
TYR CE1  C  Y N 351 
TYR CE2  C  Y N 352 
TYR CZ   C  Y N 353 
TYR OH   O  N N 354 
TYR OXT  O  N N 355 
TYR H    H  N N 356 
TYR H2   H  N N 357 
TYR HA   H  N N 358 
TYR HB2  H  N N 359 
TYR HB3  H  N N 360 
TYR HD1  H  N N 361 
TYR HD2  H  N N 362 
TYR HE1  H  N N 363 
TYR HE2  H  N N 364 
TYR HH   H  N N 365 
TYR HXT  H  N N 366 
VAL N    N  N N 367 
VAL CA   C  N S 368 
VAL C    C  N N 369 
VAL O    O  N N 370 
VAL CB   C  N N 371 
VAL CG1  C  N N 372 
VAL CG2  C  N N 373 
VAL OXT  O  N N 374 
VAL H    H  N N 375 
VAL H2   H  N N 376 
VAL HA   H  N N 377 
VAL HB   H  N N 378 
VAL HG11 H  N N 379 
VAL HG12 H  N N 380 
VAL HG13 H  N N 381 
VAL HG21 H  N N 382 
VAL HG22 H  N N 383 
VAL HG23 H  N N 384 
VAL HXT  H  N N 385 
# 
loop_
_chem_comp_bond.comp_id 
_chem_comp_bond.atom_id_1 
_chem_comp_bond.atom_id_2 
_chem_comp_bond.value_order 
_chem_comp_bond.pdbx_aromatic_flag 
_chem_comp_bond.pdbx_stereo_config 
_chem_comp_bond.pdbx_ordinal 
ALA N   CA   sing N N 1   
ALA N   H    sing N N 2   
ALA N   H2   sing N N 3   
ALA CA  C    sing N N 4   
ALA CA  CB   sing N N 5   
ALA CA  HA   sing N N 6   
ALA C   O    doub N N 7   
ALA C   OXT  sing N N 8   
ALA CB  HB1  sing N N 9   
ALA CB  HB2  sing N N 10  
ALA CB  HB3  sing N N 11  
ALA OXT HXT  sing N N 12  
ARG N   CA   sing N N 13  
ARG N   H    sing N N 14  
ARG N   H2   sing N N 15  
ARG CA  C    sing N N 16  
ARG CA  CB   sing N N 17  
ARG CA  HA   sing N N 18  
ARG C   O    doub N N 19  
ARG C   OXT  sing N N 20  
ARG CB  CG   sing N N 21  
ARG CB  HB2  sing N N 22  
ARG CB  HB3  sing N N 23  
ARG CG  CD   sing N N 24  
ARG CG  HG2  sing N N 25  
ARG CG  HG3  sing N N 26  
ARG CD  NE   sing N N 27  
ARG CD  HD2  sing N N 28  
ARG CD  HD3  sing N N 29  
ARG NE  CZ   sing N N 30  
ARG NE  HE   sing N N 31  
ARG CZ  NH1  sing N N 32  
ARG CZ  NH2  doub N N 33  
ARG NH1 HH11 sing N N 34  
ARG NH1 HH12 sing N N 35  
ARG NH2 HH21 sing N N 36  
ARG NH2 HH22 sing N N 37  
ARG OXT HXT  sing N N 38  
ASN N   CA   sing N N 39  
ASN N   H    sing N N 40  
ASN N   H2   sing N N 41  
ASN CA  C    sing N N 42  
ASN CA  CB   sing N N 43  
ASN CA  HA   sing N N 44  
ASN C   O    doub N N 45  
ASN C   OXT  sing N N 46  
ASN CB  CG   sing N N 47  
ASN CB  HB2  sing N N 48  
ASN CB  HB3  sing N N 49  
ASN CG  OD1  doub N N 50  
ASN CG  ND2  sing N N 51  
ASN ND2 HD21 sing N N 52  
ASN ND2 HD22 sing N N 53  
ASN OXT HXT  sing N N 54  
ASP N   CA   sing N N 55  
ASP N   H    sing N N 56  
ASP N   H2   sing N N 57  
ASP CA  C    sing N N 58  
ASP CA  CB   sing N N 59  
ASP CA  HA   sing N N 60  
ASP C   O    doub N N 61  
ASP C   OXT  sing N N 62  
ASP CB  CG   sing N N 63  
ASP CB  HB2  sing N N 64  
ASP CB  HB3  sing N N 65  
ASP CG  OD1  doub N N 66  
ASP CG  OD2  sing N N 67  
ASP OD2 HD2  sing N N 68  
ASP OXT HXT  sing N N 69  
CYS N   CA   sing N N 70  
CYS N   H    sing N N 71  
CYS N   H2   sing N N 72  
CYS CA  C    sing N N 73  
CYS CA  CB   sing N N 74  
CYS CA  HA   sing N N 75  
CYS C   O    doub N N 76  
CYS C   OXT  sing N N 77  
CYS CB  SG   sing N N 78  
CYS CB  HB2  sing N N 79  
CYS CB  HB3  sing N N 80  
CYS SG  HG   sing N N 81  
CYS OXT HXT  sing N N 82  
GLN N   CA   sing N N 83  
GLN N   H    sing N N 84  
GLN N   H2   sing N N 85  
GLN CA  C    sing N N 86  
GLN CA  CB   sing N N 87  
GLN CA  HA   sing N N 88  
GLN C   O    doub N N 89  
GLN C   OXT  sing N N 90  
GLN CB  CG   sing N N 91  
GLN CB  HB2  sing N N 92  
GLN CB  HB3  sing N N 93  
GLN CG  CD   sing N N 94  
GLN CG  HG2  sing N N 95  
GLN CG  HG3  sing N N 96  
GLN CD  OE1  doub N N 97  
GLN CD  NE2  sing N N 98  
GLN NE2 HE21 sing N N 99  
GLN NE2 HE22 sing N N 100 
GLN OXT HXT  sing N N 101 
GLU N   CA   sing N N 102 
GLU N   H    sing N N 103 
GLU N   H2   sing N N 104 
GLU CA  C    sing N N 105 
GLU CA  CB   sing N N 106 
GLU CA  HA   sing N N 107 
GLU C   O    doub N N 108 
GLU C   OXT  sing N N 109 
GLU CB  CG   sing N N 110 
GLU CB  HB2  sing N N 111 
GLU CB  HB3  sing N N 112 
GLU CG  CD   sing N N 113 
GLU CG  HG2  sing N N 114 
GLU CG  HG3  sing N N 115 
GLU CD  OE1  doub N N 116 
GLU CD  OE2  sing N N 117 
GLU OE2 HE2  sing N N 118 
GLU OXT HXT  sing N N 119 
GLY N   CA   sing N N 120 
GLY N   H    sing N N 121 
GLY N   H2   sing N N 122 
GLY CA  C    sing N N 123 
GLY CA  HA2  sing N N 124 
GLY CA  HA3  sing N N 125 
GLY C   O    doub N N 126 
GLY C   OXT  sing N N 127 
GLY OXT HXT  sing N N 128 
HIS N   CA   sing N N 129 
HIS N   H    sing N N 130 
HIS N   H2   sing N N 131 
HIS CA  C    sing N N 132 
HIS CA  CB   sing N N 133 
HIS CA  HA   sing N N 134 
HIS C   O    doub N N 135 
HIS C   OXT  sing N N 136 
HIS CB  CG   sing N N 137 
HIS CB  HB2  sing N N 138 
HIS CB  HB3  sing N N 139 
HIS CG  ND1  sing Y N 140 
HIS CG  CD2  doub Y N 141 
HIS ND1 CE1  doub Y N 142 
HIS ND1 HD1  sing N N 143 
HIS CD2 NE2  sing Y N 144 
HIS CD2 HD2  sing N N 145 
HIS CE1 NE2  sing Y N 146 
HIS CE1 HE1  sing N N 147 
HIS NE2 HE2  sing N N 148 
HIS OXT HXT  sing N N 149 
HOH O   H1   sing N N 150 
HOH O   H2   sing N N 151 
ILE N   CA   sing N N 152 
ILE N   H    sing N N 153 
ILE N   H2   sing N N 154 
ILE CA  C    sing N N 155 
ILE CA  CB   sing N N 156 
ILE CA  HA   sing N N 157 
ILE C   O    doub N N 158 
ILE C   OXT  sing N N 159 
ILE CB  CG1  sing N N 160 
ILE CB  CG2  sing N N 161 
ILE CB  HB   sing N N 162 
ILE CG1 CD1  sing N N 163 
ILE CG1 HG12 sing N N 164 
ILE CG1 HG13 sing N N 165 
ILE CG2 HG21 sing N N 166 
ILE CG2 HG22 sing N N 167 
ILE CG2 HG23 sing N N 168 
ILE CD1 HD11 sing N N 169 
ILE CD1 HD12 sing N N 170 
ILE CD1 HD13 sing N N 171 
ILE OXT HXT  sing N N 172 
LEU N   CA   sing N N 173 
LEU N   H    sing N N 174 
LEU N   H2   sing N N 175 
LEU CA  C    sing N N 176 
LEU CA  CB   sing N N 177 
LEU CA  HA   sing N N 178 
LEU C   O    doub N N 179 
LEU C   OXT  sing N N 180 
LEU CB  CG   sing N N 181 
LEU CB  HB2  sing N N 182 
LEU CB  HB3  sing N N 183 
LEU CG  CD1  sing N N 184 
LEU CG  CD2  sing N N 185 
LEU CG  HG   sing N N 186 
LEU CD1 HD11 sing N N 187 
LEU CD1 HD12 sing N N 188 
LEU CD1 HD13 sing N N 189 
LEU CD2 HD21 sing N N 190 
LEU CD2 HD22 sing N N 191 
LEU CD2 HD23 sing N N 192 
LEU OXT HXT  sing N N 193 
LYS N   CA   sing N N 194 
LYS N   H    sing N N 195 
LYS N   H2   sing N N 196 
LYS CA  C    sing N N 197 
LYS CA  CB   sing N N 198 
LYS CA  HA   sing N N 199 
LYS C   O    doub N N 200 
LYS C   OXT  sing N N 201 
LYS CB  CG   sing N N 202 
LYS CB  HB2  sing N N 203 
LYS CB  HB3  sing N N 204 
LYS CG  CD   sing N N 205 
LYS CG  HG2  sing N N 206 
LYS CG  HG3  sing N N 207 
LYS CD  CE   sing N N 208 
LYS CD  HD2  sing N N 209 
LYS CD  HD3  sing N N 210 
LYS CE  NZ   sing N N 211 
LYS CE  HE2  sing N N 212 
LYS CE  HE3  sing N N 213 
LYS NZ  HZ1  sing N N 214 
LYS NZ  HZ2  sing N N 215 
LYS NZ  HZ3  sing N N 216 
LYS OXT HXT  sing N N 217 
MET N   CA   sing N N 218 
MET N   H    sing N N 219 
MET N   H2   sing N N 220 
MET CA  C    sing N N 221 
MET CA  CB   sing N N 222 
MET CA  HA   sing N N 223 
MET C   O    doub N N 224 
MET C   OXT  sing N N 225 
MET CB  CG   sing N N 226 
MET CB  HB2  sing N N 227 
MET CB  HB3  sing N N 228 
MET CG  SD   sing N N 229 
MET CG  HG2  sing N N 230 
MET CG  HG3  sing N N 231 
MET SD  CE   sing N N 232 
MET CE  HE1  sing N N 233 
MET CE  HE2  sing N N 234 
MET CE  HE3  sing N N 235 
MET OXT HXT  sing N N 236 
MSE N   CA   sing N N 237 
MSE N   H    sing N N 238 
MSE N   H2   sing N N 239 
MSE CA  C    sing N N 240 
MSE CA  CB   sing N N 241 
MSE CA  HA   sing N N 242 
MSE C   O    doub N N 243 
MSE C   OXT  sing N N 244 
MSE OXT HXT  sing N N 245 
MSE CB  CG   sing N N 246 
MSE CB  HB2  sing N N 247 
MSE CB  HB3  sing N N 248 
MSE CG  SE   sing N N 249 
MSE CG  HG2  sing N N 250 
MSE CG  HG3  sing N N 251 
MSE SE  CE   sing N N 252 
MSE CE  HE1  sing N N 253 
MSE CE  HE2  sing N N 254 
MSE CE  HE3  sing N N 255 
PHE N   CA   sing N N 256 
PHE N   H    sing N N 257 
PHE N   H2   sing N N 258 
PHE CA  C    sing N N 259 
PHE CA  CB   sing N N 260 
PHE CA  HA   sing N N 261 
PHE C   O    doub N N 262 
PHE C   OXT  sing N N 263 
PHE CB  CG   sing N N 264 
PHE CB  HB2  sing N N 265 
PHE CB  HB3  sing N N 266 
PHE CG  CD1  doub Y N 267 
PHE CG  CD2  sing Y N 268 
PHE CD1 CE1  sing Y N 269 
PHE CD1 HD1  sing N N 270 
PHE CD2 CE2  doub Y N 271 
PHE CD2 HD2  sing N N 272 
PHE CE1 CZ   doub Y N 273 
PHE CE1 HE1  sing N N 274 
PHE CE2 CZ   sing Y N 275 
PHE CE2 HE2  sing N N 276 
PHE CZ  HZ   sing N N 277 
PHE OXT HXT  sing N N 278 
PRO N   CA   sing N N 279 
PRO N   CD   sing N N 280 
PRO N   H    sing N N 281 
PRO CA  C    sing N N 282 
PRO CA  CB   sing N N 283 
PRO CA  HA   sing N N 284 
PRO C   O    doub N N 285 
PRO C   OXT  sing N N 286 
PRO CB  CG   sing N N 287 
PRO CB  HB2  sing N N 288 
PRO CB  HB3  sing N N 289 
PRO CG  CD   sing N N 290 
PRO CG  HG2  sing N N 291 
PRO CG  HG3  sing N N 292 
PRO CD  HD2  sing N N 293 
PRO CD  HD3  sing N N 294 
PRO OXT HXT  sing N N 295 
SER N   CA   sing N N 296 
SER N   H    sing N N 297 
SER N   H2   sing N N 298 
SER CA  C    sing N N 299 
SER CA  CB   sing N N 300 
SER CA  HA   sing N N 301 
SER C   O    doub N N 302 
SER C   OXT  sing N N 303 
SER CB  OG   sing N N 304 
SER CB  HB2  sing N N 305 
SER CB  HB3  sing N N 306 
SER OG  HG   sing N N 307 
SER OXT HXT  sing N N 308 
THR N   CA   sing N N 309 
THR N   H    sing N N 310 
THR N   H2   sing N N 311 
THR CA  C    sing N N 312 
THR CA  CB   sing N N 313 
THR CA  HA   sing N N 314 
THR C   O    doub N N 315 
THR C   OXT  sing N N 316 
THR CB  OG1  sing N N 317 
THR CB  CG2  sing N N 318 
THR CB  HB   sing N N 319 
THR OG1 HG1  sing N N 320 
THR CG2 HG21 sing N N 321 
THR CG2 HG22 sing N N 322 
THR CG2 HG23 sing N N 323 
THR OXT HXT  sing N N 324 
TYR N   CA   sing N N 325 
TYR N   H    sing N N 326 
TYR N   H2   sing N N 327 
TYR CA  C    sing N N 328 
TYR CA  CB   sing N N 329 
TYR CA  HA   sing N N 330 
TYR C   O    doub N N 331 
TYR C   OXT  sing N N 332 
TYR CB  CG   sing N N 333 
TYR CB  HB2  sing N N 334 
TYR CB  HB3  sing N N 335 
TYR CG  CD1  doub Y N 336 
TYR CG  CD2  sing Y N 337 
TYR CD1 CE1  sing Y N 338 
TYR CD1 HD1  sing N N 339 
TYR CD2 CE2  doub Y N 340 
TYR CD2 HD2  sing N N 341 
TYR CE1 CZ   doub Y N 342 
TYR CE1 HE1  sing N N 343 
TYR CE2 CZ   sing Y N 344 
TYR CE2 HE2  sing N N 345 
TYR CZ  OH   sing N N 346 
TYR OH  HH   sing N N 347 
TYR OXT HXT  sing N N 348 
VAL N   CA   sing N N 349 
VAL N   H    sing N N 350 
VAL N   H2   sing N N 351 
VAL CA  C    sing N N 352 
VAL CA  CB   sing N N 353 
VAL CA  HA   sing N N 354 
VAL C   O    doub N N 355 
VAL C   OXT  sing N N 356 
VAL CB  CG1  sing N N 357 
VAL CB  CG2  sing N N 358 
VAL CB  HB   sing N N 359 
VAL CG1 HG11 sing N N 360 
VAL CG1 HG12 sing N N 361 
VAL CG1 HG13 sing N N 362 
VAL CG2 HG21 sing N N 363 
VAL CG2 HG22 sing N N 364 
VAL CG2 HG23 sing N N 365 
VAL OXT HXT  sing N N 366 
# 
_atom_sites.entry_id                    1J5Y 
_atom_sites.fract_transf_matrix[1][1]   -0.00035815 
_atom_sites.fract_transf_matrix[1][2]   0.01098535 
_atom_sites.fract_transf_matrix[1][3]   0.00024888 
_atom_sites.fract_transf_matrix[2][1]   0.00959790 
_atom_sites.fract_transf_matrix[2][2]   0.00019152 
_atom_sites.fract_transf_matrix[2][3]   0.00535833 
_atom_sites.fract_transf_matrix[3][1]   0.00534977 
_atom_sites.fract_transf_matrix[3][2]   0.00039183 
_atom_sites.fract_transf_matrix[3][3]   -0.00959658 
_atom_sites.fract_transf_vector[1]      0.557445 
_atom_sites.fract_transf_vector[2]      0.140630 
_atom_sites.fract_transf_vector[3]      0.111890 
# 
loop_
_atom_type.symbol 
C  
K  
N  
NI 
O  
S  
SE 
# 
loop_
_atom_site.group_PDB 
_atom_site.id 
_atom_site.type_symbol 
_atom_site.label_atom_id 
_atom_site.label_alt_id 
_atom_site.label_comp_id 
_atom_site.label_asym_id 
_atom_site.label_entity_id 
_atom_site.label_seq_id 
_atom_site.pdbx_PDB_ins_code 
_atom_site.Cartn_x 
_atom_site.Cartn_y 
_atom_site.Cartn_z 
_atom_site.occupancy 
_atom_site.B_iso_or_equiv 
_atom_site.pdbx_formal_charge 
_atom_site.auth_seq_id 
_atom_site.auth_comp_id 
_atom_site.auth_asym_id 
_atom_site.auth_atom_id 
_atom_site.pdbx_PDB_model_num 
HETATM 1    N  N   . MSE A 1 15  ? 17.090  -22.674 6.446   1.00 58.57 ? 3   MSE A N   1 
HETATM 2    C  CA  . MSE A 1 15  ? 17.823  -21.390 6.733   1.00 58.54 ? 3   MSE A CA  1 
HETATM 3    C  C   . MSE A 1 15  ? 16.907  -20.158 6.623   1.00 55.22 ? 3   MSE A C   1 
HETATM 4    O  O   . MSE A 1 15  ? 16.163  -20.001 5.647   1.00 54.04 ? 3   MSE A O   1 
HETATM 5    C  CB  . MSE A 1 15  ? 19.023  -21.257 5.779   1.00 64.67 ? 3   MSE A CB  1 
HETATM 6    C  CG  . MSE A 1 15  ? 19.956  -20.073 6.030   1.00 71.44 ? 3   MSE A CG  1 
HETATM 7    SE SE  . MSE A 1 15  ? 21.861  -20.509 5.673   1.00 85.94 ? 3   MSE A SE  1 
HETATM 8    C  CE  . MSE A 1 15  ? 21.715  -21.376 3.936   1.00 79.41 ? 3   MSE A CE  1 
ATOM   9    N  N   . LYS A 1 16  ? 16.968  -19.293 7.633   1.00 50.06 ? 4   LYS A N   1 
ATOM   10   C  CA  . LYS A 1 16  ? 16.150  -18.084 7.688   1.00 46.17 ? 4   LYS A CA  1 
ATOM   11   C  C   . LYS A 1 16  ? 16.319  -17.193 6.453   1.00 42.93 ? 4   LYS A C   1 
ATOM   12   O  O   . LYS A 1 16  ? 15.354  -16.652 5.926   1.00 40.39 ? 4   LYS A O   1 
ATOM   13   C  CB  . LYS A 1 16  ? 16.494  -17.294 8.954   1.00 47.71 ? 4   LYS A CB  1 
ATOM   14   C  CG  . LYS A 1 16  ? 15.495  -16.210 9.327   1.00 50.99 ? 4   LYS A CG  1 
ATOM   15   C  CD  . LYS A 1 16  ? 15.773  -15.629 10.726  1.00 52.49 ? 4   LYS A CD  1 
ATOM   16   C  CE  . LYS A 1 16  ? 14.689  -14.620 11.144  1.00 54.32 ? 4   LYS A CE  1 
ATOM   17   N  NZ  . LYS A 1 16  ? 14.832  -14.076 12.537  1.00 53.66 ? 4   LYS A NZ  1 
ATOM   18   N  N   . THR A 1 17  ? 17.551  -17.054 5.993   1.00 39.59 ? 5   THR A N   1 
ATOM   19   C  CA  . THR A 1 17  ? 17.847  -16.231 4.829   1.00 38.23 ? 5   THR A CA  1 
ATOM   20   C  C   . THR A 1 17  ? 17.354  -16.856 3.516   1.00 36.35 ? 5   THR A C   1 
ATOM   21   O  O   . THR A 1 17  ? 16.898  -16.145 2.619   1.00 36.31 ? 5   THR A O   1 
ATOM   22   C  CB  . THR A 1 17  ? 19.368  -15.973 4.739   1.00 39.34 ? 5   THR A CB  1 
ATOM   23   O  OG1 . THR A 1 17  ? 19.786  -15.228 5.896   1.00 41.81 ? 5   THR A OG1 1 
ATOM   24   C  CG2 . THR A 1 17  ? 19.716  -15.197 3.472   1.00 39.09 ? 5   THR A CG2 1 
ATOM   25   N  N   . VAL A 1 18  ? 17.465  -18.177 3.397   1.00 32.91 ? 6   VAL A N   1 
ATOM   26   C  CA  . VAL A 1 18  ? 17.011  -18.870 2.206   1.00 30.68 ? 6   VAL A CA  1 
ATOM   27   C  C   . VAL A 1 18  ? 15.503  -18.668 2.068   1.00 28.96 ? 6   VAL A C   1 
ATOM   28   O  O   . VAL A 1 18  ? 14.992  -18.425 0.984   1.00 28.62 ? 6   VAL A O   1 
ATOM   29   C  CB  . VAL A 1 18  ? 17.313  -20.380 2.305   1.00 31.91 ? 6   VAL A CB  1 
ATOM   30   C  CG1 . VAL A 1 18  ? 16.539  -21.141 1.241   1.00 32.46 ? 6   VAL A CG1 1 
ATOM   31   C  CG2 . VAL A 1 18  ? 18.809  -20.621 2.120   1.00 32.94 ? 6   VAL A CG2 1 
ATOM   32   N  N   . ARG A 1 19  ? 14.793  -18.754 3.181   1.00 27.95 ? 7   ARG A N   1 
ATOM   33   C  CA  . ARG A 1 19  ? 13.359  -18.583 3.156   1.00 28.48 ? 7   ARG A CA  1 
ATOM   34   C  C   . ARG A 1 19  ? 12.905  -17.163 2.893   1.00 27.58 ? 7   ARG A C   1 
ATOM   35   O  O   . ARG A 1 19  ? 11.901  -16.964 2.211   1.00 27.60 ? 7   ARG A O   1 
ATOM   36   C  CB  . ARG A 1 19  ? 12.754  -19.100 4.452   1.00 28.66 ? 7   ARG A CB  1 
ATOM   37   C  CG  . ARG A 1 19  ? 12.860  -20.575 4.525   1.00 31.33 ? 7   ARG A CG  1 
ATOM   38   C  CD  . ARG A 1 19  ? 12.298  -21.113 5.804   1.00 36.05 ? 7   ARG A CD  1 
ATOM   39   N  NE  . ARG A 1 19  ? 12.388  -22.564 5.808   1.00 39.05 ? 7   ARG A NE  1 
ATOM   40   C  CZ  . ARG A 1 19  ? 12.046  -23.332 6.833   1.00 42.21 ? 7   ARG A CZ  1 
ATOM   41   N  NH1 . ARG A 1 19  ? 11.582  -22.783 7.952   1.00 44.70 ? 7   ARG A NH1 1 
ATOM   42   N  NH2 . ARG A 1 19  ? 12.170  -24.650 6.738   1.00 43.19 ? 7   ARG A NH2 1 
ATOM   43   N  N   . GLN A 1 20  ? 13.624  -16.180 3.433   1.00 28.01 ? 8   GLN A N   1 
ATOM   44   C  CA  . GLN A 1 20  ? 13.263  -14.782 3.214   1.00 28.48 ? 8   GLN A CA  1 
ATOM   45   C  C   . GLN A 1 20  ? 13.402  -14.519 1.722   1.00 28.09 ? 8   GLN A C   1 
ATOM   46   O  O   . GLN A 1 20  ? 12.557  -13.842 1.125   1.00 28.82 ? 8   GLN A O   1 
ATOM   47   C  CB  . GLN A 1 20  ? 14.162  -13.834 4.017   1.00 29.14 ? 8   GLN A CB  1 
ATOM   48   C  CG  . GLN A 1 20  ? 14.032  -14.010 5.539   1.00 36.92 ? 8   GLN A CG  1 
ATOM   49   C  CD  . GLN A 1 20  ? 15.039  -13.170 6.368   1.00 41.15 ? 8   GLN A CD  1 
ATOM   50   O  OE1 . GLN A 1 20  ? 16.218  -13.047 6.011   1.00 42.77 ? 8   GLN A OE1 1 
ATOM   51   N  NE2 . GLN A 1 20  ? 14.567  -12.611 7.491   1.00 42.89 ? 8   GLN A NE2 1 
ATOM   52   N  N   . GLU A 1 21  ? 14.450  -15.074 1.114   1.00 27.01 ? 9   GLU A N   1 
ATOM   53   C  CA  . GLU A 1 21  ? 14.650  -14.902 -0.314  1.00 28.74 ? 9   GLU A CA  1 
ATOM   54   C  C   . GLU A 1 21  ? 13.525  -15.572 -1.131  1.00 27.06 ? 9   GLU A C   1 
ATOM   55   O  O   . GLU A 1 21  ? 13.059  -15.018 -2.117  1.00 26.79 ? 9   GLU A O   1 
ATOM   56   C  CB  . GLU A 1 21  ? 16.012  -15.458 -0.737  1.00 33.60 ? 9   GLU A CB  1 
ATOM   57   C  CG  . GLU A 1 21  ? 17.200  -14.538 -0.413  1.00 41.70 ? 9   GLU A CG  1 
ATOM   58   C  CD  . GLU A 1 21  ? 18.573  -15.171 -0.732  1.00 45.87 ? 9   GLU A CD  1 
ATOM   59   O  OE1 . GLU A 1 21  ? 18.734  -15.785 -1.821  1.00 47.19 ? 9   GLU A OE1 1 
ATOM   60   O  OE2 . GLU A 1 21  ? 19.495  -15.039 0.112   1.00 48.44 ? 9   GLU A OE2 1 
ATOM   61   N  N   . ARG A 1 22  ? 13.084  -16.759 -0.729  1.00 23.83 ? 10  ARG A N   1 
ATOM   62   C  CA  . ARG A 1 22  ? 12.015  -17.404 -1.466  1.00 22.09 ? 10  ARG A CA  1 
ATOM   63   C  C   . ARG A 1 22  ? 10.703  -16.637 -1.319  1.00 21.41 ? 10  ARG A C   1 
ATOM   64   O  O   . ARG A 1 22  ? 9.952   -16.499 -2.282  1.00 20.75 ? 10  ARG A O   1 
ATOM   65   C  CB  . ARG A 1 22  ? 11.812  -18.845 -1.005  1.00 20.75 ? 10  ARG A CB  1 
ATOM   66   C  CG  . ARG A 1 22  ? 10.769  -19.594 -1.835  1.00 21.15 ? 10  ARG A CG  1 
ATOM   67   C  CD  . ARG A 1 22  ? 10.719  -21.080 -1.479  1.00 21.47 ? 10  ARG A CD  1 
ATOM   68   N  NE  . ARG A 1 22  ? 10.192  -21.272 -0.141  1.00 20.49 ? 10  ARG A NE  1 
ATOM   69   C  CZ  . ARG A 1 22  ? 10.893  -21.730 0.884   1.00 21.85 ? 10  ARG A CZ  1 
ATOM   70   N  NH1 . ARG A 1 22  ? 12.178  -22.057 0.721   1.00 19.34 ? 10  ARG A NH1 1 
ATOM   71   N  NH2 . ARG A 1 22  ? 10.296  -21.856 2.073   1.00 20.19 ? 10  ARG A NH2 1 
ATOM   72   N  N   . LEU A 1 23  ? 10.427  -16.132 -0.124  1.00 22.33 ? 11  LEU A N   1 
ATOM   73   C  CA  . LEU A 1 23  ? 9.183   -15.394 0.101   1.00 22.02 ? 11  LEU A CA  1 
ATOM   74   C  C   . LEU A 1 23  ? 9.156   -14.123 -0.759  1.00 21.90 ? 11  LEU A C   1 
ATOM   75   O  O   . LEU A 1 23  ? 8.113   -13.772 -1.323  1.00 20.23 ? 11  LEU A O   1 
ATOM   76   C  CB  . LEU A 1 23  ? 9.019   -15.036 1.589   1.00 21.24 ? 11  LEU A CB  1 
ATOM   77   C  CG  . LEU A 1 23  ? 8.825   -16.199 2.565   1.00 24.34 ? 11  LEU A CG  1 
ATOM   78   C  CD1 . LEU A 1 23  ? 8.684   -15.637 3.991   1.00 24.30 ? 11  LEU A CD1 1 
ATOM   79   C  CD2 . LEU A 1 23  ? 7.596   -17.024 2.179   1.00 22.68 ? 11  LEU A CD2 1 
ATOM   80   N  N   . LYS A 1 24  ? 10.300  -13.443 -0.856  1.00 21.75 ? 12  LYS A N   1 
ATOM   81   C  CA  . LYS A 1 24  ? 10.383  -12.233 -1.666  1.00 21.74 ? 12  LYS A CA  1 
ATOM   82   C  C   . LYS A 1 24  ? 10.154  -12.592 -3.129  1.00 19.78 ? 12  LYS A C   1 
ATOM   83   O  O   . LYS A 1 24  ? 9.482   -11.863 -3.843  1.00 19.08 ? 12  LYS A O   1 
ATOM   84   C  CB  . LYS A 1 24  ? 11.747  -11.557 -1.501  1.00 25.69 ? 12  LYS A CB  1 
ATOM   85   C  CG  . LYS A 1 24  ? 11.904  -10.778 -0.196  1.00 31.32 ? 12  LYS A CG  1 
ATOM   86   C  CD  . LYS A 1 24  ? 13.360  -10.816 0.275   1.00 37.77 ? 12  LYS A CD  1 
ATOM   87   C  CE  . LYS A 1 24  ? 13.793  -9.539  0.991   1.00 40.00 ? 12  LYS A CE  1 
ATOM   88   N  NZ  . LYS A 1 24  ? 12.950  -9.213  2.166   1.00 43.59 ? 12  LYS A NZ  1 
ATOM   89   N  N   . SER A 1 25  ? 10.694  -13.720 -3.577  1.00 18.07 ? 13  SER A N   1 
ATOM   90   C  CA  . SER A 1 25  ? 10.507  -14.122 -4.970  1.00 17.82 ? 13  SER A CA  1 
ATOM   91   C  C   . SER A 1 25  ? 9.041   -14.447 -5.273  1.00 18.63 ? 13  SER A C   1 
ATOM   92   O  O   . SER A 1 25  ? 8.543   -14.120 -6.340  1.00 20.31 ? 13  SER A O   1 
ATOM   93   C  CB  . SER A 1 25  ? 11.362  -15.336 -5.300  1.00 17.44 ? 13  SER A CB  1 
ATOM   94   O  OG  . SER A 1 25  ? 12.741  -15.004 -5.329  1.00 21.81 ? 13  SER A OG  1 
ATOM   95   N  N   . ILE A 1 26  ? 8.354   -15.094 -4.340  1.00 17.56 ? 14  ILE A N   1 
ATOM   96   C  CA  . ILE A 1 26  ? 6.967   -15.447 -4.554  1.00 17.13 ? 14  ILE A CA  1 
ATOM   97   C  C   . ILE A 1 26  ? 6.165   -14.165 -4.754  1.00 17.94 ? 14  ILE A C   1 
ATOM   98   O  O   . ILE A 1 26  ? 5.361   -14.047 -5.677  1.00 15.95 ? 14  ILE A O   1 
ATOM   99   C  CB  . ILE A 1 26  ? 6.395   -16.214 -3.337  1.00 17.41 ? 14  ILE A CB  1 
ATOM   100  C  CG1 . ILE A 1 26  ? 7.066   -17.586 -3.234  1.00 17.38 ? 14  ILE A CG1 1 
ATOM   101  C  CG2 . ILE A 1 26  ? 4.868   -16.325 -3.458  1.00 12.90 ? 14  ILE A CG2 1 
ATOM   102  C  CD1 . ILE A 1 26  ? 6.674   -18.383 -2.008  1.00 17.11 ? 14  ILE A CD1 1 
ATOM   103  N  N   . VAL A 1 27  ? 6.398   -13.200 -3.874  1.00 19.46 ? 15  VAL A N   1 
ATOM   104  C  CA  . VAL A 1 27  ? 5.671   -11.960 -3.961  1.00 20.36 ? 15  VAL A CA  1 
ATOM   105  C  C   . VAL A 1 27  ? 5.928   -11.292 -5.298  1.00 21.97 ? 15  VAL A C   1 
ATOM   106  O  O   . VAL A 1 27  ? 4.992   -10.845 -5.949  1.00 22.73 ? 15  VAL A O   1 
ATOM   107  C  CB  . VAL A 1 27  ? 6.040   -11.016 -2.802  1.00 20.08 ? 15  VAL A CB  1 
ATOM   108  C  CG1 . VAL A 1 27  ? 5.511   -9.621  -3.092  1.00 16.83 ? 15  VAL A CG1 1 
ATOM   109  C  CG2 . VAL A 1 27  ? 5.426   -11.546 -1.505  1.00 16.94 ? 15  VAL A CG2 1 
ATOM   110  N  N   . ARG A 1 28  ? 7.186   -11.231 -5.715  1.00 22.75 ? 16  ARG A N   1 
ATOM   111  C  CA  . ARG A 1 28  ? 7.511   -10.617 -6.999  1.00 24.96 ? 16  ARG A CA  1 
ATOM   112  C  C   . ARG A 1 28  ? 6.856   -11.349 -8.167  1.00 23.44 ? 16  ARG A C   1 
ATOM   113  O  O   . ARG A 1 28  ? 6.294   -10.722 -9.063  1.00 24.55 ? 16  ARG A O   1 
ATOM   114  C  CB  . ARG A 1 28  ? 9.032   -10.572 -7.217  1.00 28.81 ? 16  ARG A CB  1 
ATOM   115  C  CG  . ARG A 1 28  ? 9.769   -9.548  -6.338  1.00 35.92 ? 16  ARG A CG  1 
ATOM   116  C  CD  . ARG A 1 28  ? 11.182  -9.255  -6.878  1.00 38.73 ? 16  ARG A CD  1 
ATOM   117  N  NE  . ARG A 1 28  ? 12.037  -10.445 -6.915  1.00 42.36 ? 16  ARG A NE  1 
ATOM   118  C  CZ  . ARG A 1 28  ? 12.763  -10.877 -5.885  1.00 41.63 ? 16  ARG A CZ  1 
ATOM   119  N  NH1 . ARG A 1 28  ? 12.737  -10.213 -4.741  1.00 42.54 ? 16  ARG A NH1 1 
ATOM   120  N  NH2 . ARG A 1 28  ? 13.511  -11.967 -5.997  1.00 39.88 ? 16  ARG A NH2 1 
ATOM   121  N  N   . ILE A 1 29  ? 6.920   -12.676 -8.165  1.00 21.65 ? 17  ILE A N   1 
ATOM   122  C  CA  . ILE A 1 29  ? 6.327   -13.442 -9.260  1.00 20.20 ? 17  ILE A CA  1 
ATOM   123  C  C   . ILE A 1 29  ? 4.823   -13.249 -9.337  1.00 21.88 ? 17  ILE A C   1 
ATOM   124  O  O   . ILE A 1 29  ? 4.268   -13.098 -10.417 1.00 22.01 ? 17  ILE A O   1 
ATOM   125  C  CB  . ILE A 1 29  ? 6.632   -14.941 -9.109  1.00 19.47 ? 17  ILE A CB  1 
ATOM   126  C  CG1 . ILE A 1 29  ? 8.144   -15.170 -9.271  1.00 18.33 ? 17  ILE A CG1 1 
ATOM   127  C  CG2 . ILE A 1 29  ? 5.816   -15.763 -10.129 1.00 15.57 ? 17  ILE A CG2 1 
ATOM   128  C  CD1 . ILE A 1 29  ? 8.649   -16.455 -8.585  1.00 16.57 ? 17  ILE A CD1 1 
ATOM   129  N  N   . LEU A 1 30  ? 4.153   -13.271 -8.189  1.00 22.49 ? 18  LEU A N   1 
ATOM   130  C  CA  . LEU A 1 30  ? 2.714   -13.098 -8.198  1.00 22.60 ? 18  LEU A CA  1 
ATOM   131  C  C   . LEU A 1 30  ? 2.333   -11.704 -8.633  1.00 22.88 ? 18  LEU A C   1 
ATOM   132  O  O   . LEU A 1 30  ? 1.341   -11.539 -9.315  1.00 21.93 ? 18  LEU A O   1 
ATOM   133  C  CB  . LEU A 1 30  ? 2.105   -13.370 -6.819  1.00 20.72 ? 18  LEU A CB  1 
ATOM   134  C  CG  . LEU A 1 30  ? 2.309   -14.779 -6.287  1.00 21.76 ? 18  LEU A CG  1 
ATOM   135  C  CD1 . LEU A 1 30  ? 1.506   -14.924 -5.016  1.00 18.12 ? 18  LEU A CD1 1 
ATOM   136  C  CD2 . LEU A 1 30  ? 1.875   -15.805 -7.342  1.00 19.89 ? 18  LEU A CD2 1 
ATOM   137  N  N   . GLU A 1 31  ? 3.120   -10.710 -8.243  1.00 23.85 ? 19  GLU A N   1 
ATOM   138  C  CA  . GLU A 1 31  ? 2.808   -9.329  -8.601  1.00 25.77 ? 19  GLU A CA  1 
ATOM   139  C  C   . GLU A 1 31  ? 3.044   -9.011  -10.059 1.00 26.21 ? 19  GLU A C   1 
ATOM   140  O  O   . GLU A 1 31  ? 2.250   -8.312  -10.673 1.00 27.29 ? 19  GLU A O   1 
ATOM   141  C  CB  . GLU A 1 31  ? 3.571   -8.350  -7.685  1.00 25.23 ? 19  GLU A CB  1 
ATOM   142  C  CG  . GLU A 1 31  ? 2.899   -8.252  -6.301  1.00 24.40 ? 19  GLU A CG  1 
ATOM   143  C  CD  . GLU A 1 31  ? 3.657   -7.436  -5.277  1.00 25.47 ? 19  GLU A CD  1 
ATOM   144  O  OE1 . GLU A 1 31  ? 4.789   -6.972  -5.542  1.00 27.45 ? 19  GLU A OE1 1 
ATOM   145  O  OE2 . GLU A 1 31  ? 3.109   -7.268  -4.172  1.00 27.19 ? 19  GLU A OE2 1 
ATOM   146  N  N   . ARG A 1 32  ? 4.126   -9.529  -10.618 1.00 28.34 ? 20  ARG A N   1 
ATOM   147  C  CA  . ARG A 1 32  ? 4.458   -9.321  -12.028 1.00 29.65 ? 20  ARG A CA  1 
ATOM   148  C  C   . ARG A 1 32  ? 3.448   -9.971  -12.964 1.00 29.61 ? 20  ARG A C   1 
ATOM   149  O  O   . ARG A 1 32  ? 3.157   -9.444  -14.029 1.00 31.31 ? 20  ARG A O   1 
ATOM   150  C  CB  . ARG A 1 32  ? 5.819   -9.937  -12.355 1.00 31.48 ? 20  ARG A CB  1 
ATOM   151  C  CG  . ARG A 1 32  ? 7.032   -9.044  -12.149 1.00 37.41 ? 20  ARG A CG  1 
ATOM   152  C  CD  . ARG A 1 32  ? 8.304   -9.883  -11.883 1.00 40.81 ? 20  ARG A CD  1 
ATOM   153  N  NE  . ARG A 1 32  ? 8.223   -11.225 -12.468 1.00 44.33 ? 20  ARG A NE  1 
ATOM   154  C  CZ  . ARG A 1 32  ? 8.951   -12.273 -12.070 1.00 46.65 ? 20  ARG A CZ  1 
ATOM   155  N  NH1 . ARG A 1 32  ? 9.830   -12.151 -11.075 1.00 44.48 ? 20  ARG A NH1 1 
ATOM   156  N  NH2 . ARG A 1 32  ? 8.791   -13.455 -12.664 1.00 47.01 ? 20  ARG A NH2 1 
ATOM   157  N  N   . SER A 1 33  ? 2.917   -11.119 -12.569 1.00 29.05 ? 21  SER A N   1 
ATOM   158  C  CA  . SER A 1 33  ? 2.008   -11.873 -13.422 1.00 29.49 ? 21  SER A CA  1 
ATOM   159  C  C   . SER A 1 33  ? 0.596   -11.326 -13.611 1.00 31.46 ? 21  SER A C   1 
ATOM   160  O  O   . SER A 1 33  ? -0.102  -11.067 -12.665 1.00 30.77 ? 21  SER A O   1 
ATOM   161  C  CB  . SER A 1 33  ? 1.940   -13.311 -12.919 1.00 27.46 ? 21  SER A CB  1 
ATOM   162  O  OG  . SER A 1 33  ? 1.059   -14.079 -13.715 1.00 29.21 ? 21  SER A OG  1 
ATOM   163  N  N   . LYS A 1 34  ? 0.161   -11.179 -14.851 1.00 33.24 ? 22  LYS A N   1 
ATOM   164  C  CA  . LYS A 1 34  ? -1.183  -10.673 -15.107 1.00 36.50 ? 22  LYS A CA  1 
ATOM   165  C  C   . LYS A 1 34  ? -2.226  -11.742 -14.773 1.00 35.98 ? 22  LYS A C   1 
ATOM   166  O  O   . LYS A 1 34  ? -3.357  -11.433 -14.409 1.00 37.19 ? 22  LYS A O   1 
ATOM   167  C  CB  . LYS A 1 34  ? -1.324  -10.283 -16.577 1.00 39.27 ? 22  LYS A CB  1 
ATOM   168  C  CG  . LYS A 1 34  ? -0.347  -9.215  -17.057 1.00 45.14 ? 22  LYS A CG  1 
ATOM   169  C  CD  . LYS A 1 34  ? -0.598  -8.896  -18.535 1.00 49.10 ? 22  LYS A CD  1 
ATOM   170  C  CE  . LYS A 1 34  ? 0.062   -7.589  -18.983 1.00 51.32 ? 22  LYS A CE  1 
ATOM   171  N  NZ  . LYS A 1 34  ? -0.287  -7.267  -20.418 1.00 52.03 ? 22  LYS A NZ  1 
ATOM   172  N  N   . GLU A 1 35  ? -1.835  -13.002 -14.901 1.00 35.31 ? 23  GLU A N   1 
ATOM   173  C  CA  . GLU A 1 35  ? -2.738  -14.113 -14.634 1.00 34.11 ? 23  GLU A CA  1 
ATOM   174  C  C   . GLU A 1 35  ? -2.421  -14.871 -13.345 1.00 31.12 ? 23  GLU A C   1 
ATOM   175  O  O   . GLU A 1 35  ? -1.382  -14.677 -12.721 1.00 28.78 ? 23  GLU A O   1 
ATOM   176  C  CB  . GLU A 1 35  ? -2.676  -15.122 -15.780 1.00 36.96 ? 23  GLU A CB  1 
ATOM   177  C  CG  . GLU A 1 35  ? -2.623  -14.535 -17.174 1.00 43.22 ? 23  GLU A CG  1 
ATOM   178  C  CD  . GLU A 1 35  ? -2.860  -15.602 -18.241 1.00 48.87 ? 23  GLU A CD  1 
ATOM   179  O  OE1 . GLU A 1 35  ? -2.094  -16.604 -18.273 1.00 50.80 ? 23  GLU A OE1 1 
ATOM   180  O  OE2 . GLU A 1 35  ? -3.821  -15.439 -19.042 1.00 51.42 ? 23  GLU A OE2 1 
ATOM   181  N  N   . PRO A 1 36  ? -3.338  -15.748 -12.926 1.00 29.68 ? 24  PRO A N   1 
ATOM   182  C  CA  . PRO A 1 36  ? -3.017  -16.482 -11.702 1.00 27.13 ? 24  PRO A CA  1 
ATOM   183  C  C   . PRO A 1 36  ? -1.842  -17.440 -11.959 1.00 26.20 ? 24  PRO A C   1 
ATOM   184  O  O   . PRO A 1 36  ? -1.669  -17.963 -13.074 1.00 25.18 ? 24  PRO A O   1 
ATOM   185  C  CB  . PRO A 1 36  ? -4.327  -17.205 -11.353 1.00 27.19 ? 24  PRO A CB  1 
ATOM   186  C  CG  . PRO A 1 36  ? -5.254  -16.970 -12.539 1.00 28.76 ? 24  PRO A CG  1 
ATOM   187  C  CD  . PRO A 1 36  ? -4.787  -15.747 -13.216 1.00 27.61 ? 24  PRO A CD  1 
ATOM   188  N  N   . VAL A 1 37  ? -1.025  -17.650 -10.928 1.00 22.69 ? 25  VAL A N   1 
ATOM   189  C  CA  . VAL A 1 37  ? 0.133   -18.523 -11.034 1.00 20.57 ? 25  VAL A CA  1 
ATOM   190  C  C   . VAL A 1 37  ? -0.106  -19.758 -10.181 1.00 20.33 ? 25  VAL A C   1 
ATOM   191  O  O   . VAL A 1 37  ? -0.228  -19.654 -8.963  1.00 19.94 ? 25  VAL A O   1 
ATOM   192  C  CB  . VAL A 1 37  ? 1.385   -17.799 -10.519 1.00 21.03 ? 25  VAL A CB  1 
ATOM   193  C  CG1 . VAL A 1 37  ? 2.604   -18.698 -10.662 1.00 18.99 ? 25  VAL A CG1 1 
ATOM   194  C  CG2 . VAL A 1 37  ? 1.559   -16.486 -11.262 1.00 17.95 ? 25  VAL A CG2 1 
ATOM   195  N  N   . SER A 1 38  ? -0.151  -20.932 -10.795 1.00 19.03 ? 26  SER A N   1 
ATOM   196  C  CA  . SER A 1 38  ? -0.418  -22.116 -10.005 1.00 19.07 ? 26  SER A CA  1 
ATOM   197  C  C   . SER A 1 38  ? 0.673   -22.444 -8.992  1.00 19.39 ? 26  SER A C   1 
ATOM   198  O  O   . SER A 1 38  ? 1.845   -22.078 -9.153  1.00 17.82 ? 26  SER A O   1 
ATOM   199  C  CB  . SER A 1 38  ? -0.680  -23.329 -10.919 1.00 21.36 ? 26  SER A CB  1 
ATOM   200  O  OG  . SER A 1 38  ? 0.503   -23.825 -11.502 1.00 26.06 ? 26  SER A OG  1 
ATOM   201  N  N   . GLY A 1 39  ? 0.266   -23.110 -7.923  1.00 19.30 ? 27  GLY A N   1 
ATOM   202  C  CA  . GLY A 1 39  ? 1.214   -23.520 -6.911  1.00 19.80 ? 27  GLY A CA  1 
ATOM   203  C  C   . GLY A 1 39  ? 2.226   -24.500 -7.494  1.00 19.10 ? 27  GLY A C   1 
ATOM   204  O  O   . GLY A 1 39  ? 3.368   -24.546 -7.040  1.00 19.57 ? 27  GLY A O   1 
ATOM   205  N  N   . ALA A 1 40  ? 1.813   -25.290 -8.484  1.00 17.97 ? 28  ALA A N   1 
ATOM   206  C  CA  . ALA A 1 40  ? 2.733   -26.232 -9.114  1.00 17.92 ? 28  ALA A CA  1 
ATOM   207  C  C   . ALA A 1 40  ? 3.817   -25.453 -9.851  1.00 18.32 ? 28  ALA A C   1 
ATOM   208  O  O   . ALA A 1 40  ? 4.972   -25.865 -9.864  1.00 17.14 ? 28  ALA A O   1 
ATOM   209  C  CB  . ALA A 1 40  ? 1.998   -27.137 -10.089 1.00 17.46 ? 28  ALA A CB  1 
ATOM   210  N  N   . GLN A 1 41  ? 3.446   -24.325 -10.457 1.00 18.99 ? 29  GLN A N   1 
ATOM   211  C  CA  . GLN A 1 41  ? 4.434   -23.518 -11.164 1.00 20.19 ? 29  GLN A CA  1 
ATOM   212  C  C   . GLN A 1 41  ? 5.374   -22.820 -10.189 1.00 19.35 ? 29  GLN A C   1 
ATOM   213  O  O   . GLN A 1 41  ? 6.577   -22.733 -10.450 1.00 20.65 ? 29  GLN A O   1 
ATOM   214  C  CB  . GLN A 1 41  ? 3.794   -22.459 -12.078 1.00 23.55 ? 29  GLN A CB  1 
ATOM   215  C  CG  . GLN A 1 41  ? 4.855   -21.469 -12.615 1.00 29.52 ? 29  GLN A CG  1 
ATOM   216  C  CD  . GLN A 1 41  ? 4.314   -20.406 -13.574 1.00 32.70 ? 29  GLN A CD  1 
ATOM   217  O  OE1 . GLN A 1 41  ? 4.690   -19.230 -13.492 1.00 35.59 ? 29  GLN A OE1 1 
ATOM   218  N  NE2 . GLN A 1 41  ? 3.453   -20.815 -14.491 1.00 33.09 ? 29  GLN A NE2 1 
ATOM   219  N  N   . LEU A 1 42  ? 4.850   -22.308 -9.079  1.00 16.96 ? 30  LEU A N   1 
ATOM   220  C  CA  . LEU A 1 42  ? 5.717   -21.656 -8.105  1.00 17.08 ? 30  LEU A CA  1 
ATOM   221  C  C   . LEU A 1 42  ? 6.711   -22.691 -7.580  1.00 18.00 ? 30  LEU A C   1 
ATOM   222  O  O   . LEU A 1 42  ? 7.883   -22.380 -7.407  1.00 18.58 ? 30  LEU A O   1 
ATOM   223  C  CB  . LEU A 1 42  ? 4.915   -21.087 -6.931  1.00 18.81 ? 30  LEU A CB  1 
ATOM   224  C  CG  . LEU A 1 42  ? 4.129   -19.793 -7.136  1.00 22.12 ? 30  LEU A CG  1 
ATOM   225  C  CD1 . LEU A 1 42  ? 3.443   -19.366 -5.827  1.00 21.66 ? 30  LEU A CD1 1 
ATOM   226  C  CD2 . LEU A 1 42  ? 5.101   -18.702 -7.604  1.00 19.80 ? 30  LEU A CD2 1 
ATOM   227  N  N   . ALA A 1 43  ? 6.230   -23.914 -7.329  1.00 17.24 ? 31  ALA A N   1 
ATOM   228  C  CA  . ALA A 1 43  ? 7.075   -25.008 -6.829  1.00 18.02 ? 31  ALA A CA  1 
ATOM   229  C  C   . ALA A 1 43  ? 8.172   -25.340 -7.841  1.00 17.55 ? 31  ALA A C   1 
ATOM   230  O  O   . ALA A 1 43  ? 9.320   -25.523 -7.479  1.00 17.94 ? 31  ALA A O   1 
ATOM   231  C  CB  . ALA A 1 43  ? 6.210   -26.273 -6.543  1.00 16.86 ? 31  ALA A CB  1 
ATOM   232  N  N   . GLU A 1 44  ? 7.806   -25.418 -9.116  1.00 18.68 ? 32  GLU A N   1 
ATOM   233  C  CA  . GLU A 1 44  ? 8.771   -25.708 -10.176 1.00 18.80 ? 32  GLU A CA  1 
ATOM   234  C  C   . GLU A 1 44  ? 9.768   -24.559 -10.276 1.00 19.18 ? 32  GLU A C   1 
ATOM   235  O  O   . GLU A 1 44  ? 10.973  -24.762 -10.287 1.00 20.77 ? 32  GLU A O   1 
ATOM   236  C  CB  . GLU A 1 44  ? 8.030   -25.867 -11.516 1.00 19.92 ? 32  GLU A CB  1 
ATOM   237  C  CG  . GLU A 1 44  ? 8.904   -25.937 -12.743 1.00 19.72 ? 32  GLU A CG  1 
ATOM   238  C  CD  . GLU A 1 44  ? 8.110   -25.789 -14.034 1.00 23.40 ? 32  GLU A CD  1 
ATOM   239  O  OE1 . GLU A 1 44  ? 6.868   -25.980 -14.011 1.00 23.74 ? 32  GLU A OE1 1 
ATOM   240  O  OE2 . GLU A 1 44  ? 8.729   -25.494 -15.084 1.00 22.19 ? 32  GLU A OE2 1 
ATOM   241  N  N   . GLU A 1 45  ? 9.259   -23.341 -10.332 1.00 18.20 ? 33  GLU A N   1 
ATOM   242  C  CA  . GLU A 1 45  ? 10.108  -22.168 -10.448 1.00 18.85 ? 33  GLU A CA  1 
ATOM   243  C  C   . GLU A 1 45  ? 11.056  -21.951 -9.252  1.00 18.17 ? 33  GLU A C   1 
ATOM   244  O  O   . GLU A 1 45  ? 12.185  -21.492 -9.411  1.00 17.69 ? 33  GLU A O   1 
ATOM   245  C  CB  . GLU A 1 45  ? 9.215   -20.948 -10.642 1.00 21.39 ? 33  GLU A CB  1 
ATOM   246  C  CG  . GLU A 1 45  ? 9.923   -19.674 -11.024 1.00 26.28 ? 33  GLU A CG  1 
ATOM   247  C  CD  . GLU A 1 45  ? 8.944   -18.654 -11.576 1.00 30.05 ? 33  GLU A CD  1 
ATOM   248  O  OE1 . GLU A 1 45  ? 7.728   -18.958 -11.653 1.00 33.14 ? 33  GLU A OE1 1 
ATOM   249  O  OE2 . GLU A 1 45  ? 9.388   -17.547 -11.938 1.00 35.02 ? 33  GLU A OE2 1 
ATOM   250  N  N   . LEU A 1 46  ? 10.608  -22.282 -8.052  1.00 18.68 ? 34  LEU A N   1 
ATOM   251  C  CA  . LEU A 1 46  ? 11.444  -22.084 -6.864  1.00 17.95 ? 34  LEU A CA  1 
ATOM   252  C  C   . LEU A 1 46  ? 12.145  -23.341 -6.367  1.00 18.10 ? 34  LEU A C   1 
ATOM   253  O  O   . LEU A 1 46  ? 12.836  -23.299 -5.371  1.00 17.85 ? 34  LEU A O   1 
ATOM   254  C  CB  . LEU A 1 46  ? 10.586  -21.463 -5.749  1.00 18.27 ? 34  LEU A CB  1 
ATOM   255  C  CG  . LEU A 1 46  ? 9.985   -20.117 -6.213  1.00 18.20 ? 34  LEU A CG  1 
ATOM   256  C  CD1 . LEU A 1 46  ? 8.903   -19.651 -5.256  1.00 16.97 ? 34  LEU A CD1 1 
ATOM   257  C  CD2 . LEU A 1 46  ? 11.119  -19.081 -6.358  1.00 16.11 ? 34  LEU A CD2 1 
ATOM   258  N  N   . SER A 1 47  ? 11.968  -24.463 -7.065  1.00 18.12 ? 35  SER A N   1 
ATOM   259  C  CA  . SER A 1 47  ? 12.599  -25.711 -6.663  1.00 18.99 ? 35  SER A CA  1 
ATOM   260  C  C   . SER A 1 47  ? 12.269  -26.172 -5.245  1.00 19.30 ? 35  SER A C   1 
ATOM   261  O  O   . SER A 1 47  ? 13.161  -26.571 -4.489  1.00 21.54 ? 35  SER A O   1 
ATOM   262  C  CB  . SER A 1 47  ? 14.117  -25.603 -6.818  1.00 19.59 ? 35  SER A CB  1 
ATOM   263  O  OG  . SER A 1 47  ? 14.450  -25.276 -8.154  1.00 23.62 ? 35  SER A OG  1 
ATOM   264  N  N   . VAL A 1 48  ? 10.995  -26.105 -4.870  1.00 16.78 ? 36  VAL A N   1 
ATOM   265  C  CA  . VAL A 1 48  ? 10.574  -26.588 -3.553  1.00 15.54 ? 36  VAL A CA  1 
ATOM   266  C  C   . VAL A 1 48  ? 9.298   -27.356 -3.829  1.00 15.93 ? 36  VAL A C   1 
ATOM   267  O  O   . VAL A 1 48  ? 8.752   -27.264 -4.928  1.00 15.32 ? 36  VAL A O   1 
ATOM   268  C  CB  . VAL A 1 48  ? 10.291  -25.439 -2.529  1.00 14.13 ? 36  VAL A CB  1 
ATOM   269  C  CG1 . VAL A 1 48  ? 11.576  -24.706 -2.201  1.00 10.79 ? 36  VAL A CG1 1 
ATOM   270  C  CG2 . VAL A 1 48  ? 9.237   -24.470 -3.088  1.00 10.56 ? 36  VAL A CG2 1 
ATOM   271  N  N   . SER A 1 49  ? 8.832   -28.121 -2.850  1.00 16.28 ? 37  SER A N   1 
ATOM   272  C  CA  . SER A 1 49  ? 7.619   -28.920 -3.025  1.00 17.60 ? 37  SER A CA  1 
ATOM   273  C  C   . SER A 1 49  ? 6.354   -28.066 -3.006  1.00 17.02 ? 37  SER A C   1 
ATOM   274  O  O   . SER A 1 49  ? 6.350   -26.936 -2.513  1.00 17.52 ? 37  SER A O   1 
ATOM   275  C  CB  . SER A 1 49  ? 7.505   -29.937 -1.907  1.00 16.83 ? 37  SER A CB  1 
ATOM   276  O  OG  . SER A 1 49  ? 7.004   -29.276 -0.770  1.00 17.92 ? 37  SER A OG  1 
ATOM   277  N  N   . ARG A 1 50  ? 5.276   -28.623 -3.537  1.00 17.05 ? 38  ARG A N   1 
ATOM   278  C  CA  . ARG A 1 50  ? 3.996   -27.935 -3.560  1.00 16.02 ? 38  ARG A CA  1 
ATOM   279  C  C   . ARG A 1 50  ? 3.581   -27.558 -2.137  1.00 15.55 ? 38  ARG A C   1 
ATOM   280  O  O   . ARG A 1 50  ? 3.018   -26.492 -1.904  1.00 17.85 ? 38  ARG A O   1 
ATOM   281  C  CB  . ARG A 1 50  ? 2.932   -28.846 -4.172  1.00 15.88 ? 38  ARG A CB  1 
ATOM   282  C  CG  . ARG A 1 50  ? 1.522   -28.255 -4.134  1.00 17.21 ? 38  ARG A CG  1 
ATOM   283  C  CD  . ARG A 1 50  ? 1.415   -27.121 -5.142  1.00 19.13 ? 38  ARG A CD  1 
ATOM   284  N  NE  . ARG A 1 50  ? 0.116   -26.461 -5.110  1.00 19.69 ? 38  ARG A NE  1 
ATOM   285  C  CZ  . ARG A 1 50  ? -0.188  -25.418 -4.345  1.00 20.10 ? 38  ARG A CZ  1 
ATOM   286  N  NH1 . ARG A 1 50  ? 0.720   -24.892 -3.528  1.00 19.19 ? 38  ARG A NH1 1 
ATOM   287  N  NH2 . ARG A 1 50  ? -1.409  -24.892 -4.412  1.00 21.19 ? 38  ARG A NH2 1 
ATOM   288  N  N   . GLN A 1 51  ? 3.855   -28.452 -1.192  1.00 15.61 ? 39  GLN A N   1 
ATOM   289  C  CA  . GLN A 1 51  ? 3.500   -28.236 0.200   1.00 17.16 ? 39  GLN A CA  1 
ATOM   290  C  C   . GLN A 1 51  ? 4.258   -27.053 0.811   1.00 16.98 ? 39  GLN A C   1 
ATOM   291  O  O   . GLN A 1 51  ? 3.697   -26.301 1.622   1.00 16.38 ? 39  GLN A O   1 
ATOM   292  C  CB  . GLN A 1 51  ? 3.740   -29.526 1.000   1.00 16.58 ? 39  GLN A CB  1 
ATOM   293  C  CG  . GLN A 1 51  ? 3.283   -29.479 2.453   1.00 18.14 ? 39  GLN A CG  1 
ATOM   294  C  CD  . GLN A 1 51  ? 1.812   -29.084 2.621   1.00 18.47 ? 39  GLN A CD  1 
ATOM   295  O  OE1 . GLN A 1 51  ? 0.936   -29.586 1.938   1.00 21.06 ? 39  GLN A OE1 1 
ATOM   296  N  NE2 . GLN A 1 51  ? 1.552   -28.183 3.545   1.00 21.78 ? 39  GLN A NE2 1 
ATOM   297  N  N   . VAL A 1 52  ? 5.528   -26.888 0.446   1.00 16.38 ? 40  VAL A N   1 
ATOM   298  C  CA  . VAL A 1 52  ? 6.295   -25.746 0.943   1.00 15.75 ? 40  VAL A CA  1 
ATOM   299  C  C   . VAL A 1 52  ? 5.622   -24.457 0.469   1.00 16.56 ? 40  VAL A C   1 
ATOM   300  O  O   . VAL A 1 52  ? 5.542   -23.484 1.212   1.00 16.59 ? 40  VAL A O   1 
ATOM   301  C  CB  . VAL A 1 52  ? 7.749   -25.736 0.424   1.00 16.73 ? 40  VAL A CB  1 
ATOM   302  C  CG1 . VAL A 1 52  ? 8.373   -24.332 0.621   1.00 13.36 ? 40  VAL A CG1 1 
ATOM   303  C  CG2 . VAL A 1 52  ? 8.579   -26.786 1.200   1.00 13.86 ? 40  VAL A CG2 1 
ATOM   304  N  N   . ILE A 1 53  ? 5.127   -24.447 -0.767  1.00 17.08 ? 41  ILE A N   1 
ATOM   305  C  CA  . ILE A 1 53  ? 4.465   -23.257 -1.263  1.00 16.32 ? 41  ILE A CA  1 
ATOM   306  C  C   . ILE A 1 53  ? 3.179   -22.969 -0.471  1.00 16.34 ? 41  ILE A C   1 
ATOM   307  O  O   . ILE A 1 53  ? 2.918   -21.829 -0.106  1.00 17.58 ? 41  ILE A O   1 
ATOM   308  C  CB  . ILE A 1 53  ? 4.134   -23.397 -2.747  1.00 16.32 ? 41  ILE A CB  1 
ATOM   309  C  CG1 . ILE A 1 53  ? 5.440   -23.476 -3.563  1.00 14.94 ? 41  ILE A CG1 1 
ATOM   310  C  CG2 . ILE A 1 53  ? 3.219   -22.230 -3.189  1.00 16.45 ? 41  ILE A CG2 1 
ATOM   311  C  CD1 . ILE A 1 53  ? 6.459   -22.408 -3.297  1.00 7.78  ? 41  ILE A CD1 1 
ATOM   312  N  N   . VAL A 1 54  ? 2.380   -24.002 -0.206  1.00 16.53 ? 42  VAL A N   1 
ATOM   313  C  CA  . VAL A 1 54  ? 1.140   -23.834 0.560   1.00 15.04 ? 42  VAL A CA  1 
ATOM   314  C  C   . VAL A 1 54  ? 1.435   -23.176 1.905   1.00 15.89 ? 42  VAL A C   1 
ATOM   315  O  O   . VAL A 1 54  ? 0.716   -22.275 2.334   1.00 17.07 ? 42  VAL A O   1 
ATOM   316  C  CB  . VAL A 1 54  ? 0.439   -25.186 0.821   1.00 15.81 ? 42  VAL A CB  1 
ATOM   317  C  CG1 . VAL A 1 54  ? -0.672  -25.006 1.827   1.00 14.34 ? 42  VAL A CG1 1 
ATOM   318  C  CG2 . VAL A 1 54  ? -0.147  -25.739 -0.484  1.00 14.78 ? 42  VAL A CG2 1 
ATOM   319  N  N   . GLN A 1 55  ? 2.512   -23.601 2.553   1.00 16.06 ? 43  GLN A N   1 
ATOM   320  C  CA  . GLN A 1 55  ? 2.884   -23.044 3.844   1.00 15.66 ? 43  GLN A CA  1 
ATOM   321  C  C   . GLN A 1 55  ? 3.418   -21.626 3.699   1.00 16.56 ? 43  GLN A C   1 
ATOM   322  O  O   . GLN A 1 55  ? 3.092   -20.770 4.509   1.00 16.97 ? 43  GLN A O   1 
ATOM   323  C  CB  . GLN A 1 55  ? 3.928   -23.930 4.543   1.00 15.47 ? 43  GLN A CB  1 
ATOM   324  C  CG  . GLN A 1 55  ? 4.356   -23.391 5.916   1.00 20.94 ? 43  GLN A CG  1 
ATOM   325  C  CD  . GLN A 1 55  ? 5.073   -24.417 6.794   1.00 22.51 ? 43  GLN A CD  1 
ATOM   326  O  OE1 . GLN A 1 55  ? 4.579   -25.531 7.005   1.00 21.59 ? 43  GLN A OE1 1 
ATOM   327  N  NE2 . GLN A 1 55  ? 6.235   -24.037 7.318   1.00 21.06 ? 43  GLN A NE2 1 
ATOM   328  N  N   . ASP A 1 56  ? 4.224   -21.368 2.670   1.00 16.48 ? 44  ASP A N   1 
ATOM   329  C  CA  . ASP A 1 56  ? 4.764   -20.028 2.458   1.00 16.82 ? 44  ASP A CA  1 
ATOM   330  C  C   . ASP A 1 56  ? 3.635   -19.028 2.226   1.00 16.84 ? 44  ASP A C   1 
ATOM   331  O  O   . ASP A 1 56  ? 3.639   -17.918 2.771   1.00 16.14 ? 44  ASP A O   1 
ATOM   332  C  CB  . ASP A 1 56  ? 5.679   -19.964 1.226   1.00 20.79 ? 44  ASP A CB  1 
ATOM   333  C  CG  . ASP A 1 56  ? 7.007   -20.708 1.401   1.00 24.11 ? 44  ASP A CG  1 
ATOM   334  O  OD1 . ASP A 1 56  ? 7.464   -21.002 2.538   1.00 24.65 ? 44  ASP A OD1 1 
ATOM   335  O  OD2 . ASP A 1 56  ? 7.612   -20.986 0.349   1.00 27.28 ? 44  ASP A OD2 1 
ATOM   336  N  N   . ILE A 1 57  ? 2.678   -19.416 1.388   1.00 14.99 ? 45  ILE A N   1 
ATOM   337  C  CA  . ILE A 1 57  ? 1.558   -18.534 1.085   1.00 13.61 ? 45  ILE A CA  1 
ATOM   338  C  C   . ILE A 1 57  ? 0.712   -18.227 2.332   1.00 14.79 ? 45  ILE A C   1 
ATOM   339  O  O   . ILE A 1 57  ? 0.265   -17.091 2.510   1.00 15.98 ? 45  ILE A O   1 
ATOM   340  C  CB  . ILE A 1 57  ? 0.673   -19.148 -0.016  1.00 13.15 ? 45  ILE A CB  1 
ATOM   341  C  CG1 . ILE A 1 57  ? 1.477   -19.255 -1.314  1.00 13.45 ? 45  ILE A CG1 1 
ATOM   342  C  CG2 . ILE A 1 57  ? -0.601  -18.313 -0.231  1.00 10.45 ? 45  ILE A CG2 1 
ATOM   343  C  CD1 . ILE A 1 57  ? 1.775   -17.963 -1.970  1.00 15.50 ? 45  ILE A CD1 1 
ATOM   344  N  N   . ALA A 1 58  ? 0.484   -19.229 3.183   1.00 14.37 ? 46  ALA A N   1 
ATOM   345  C  CA  . ALA A 1 58  ? -0.306  -19.009 4.389   1.00 15.62 ? 46  ALA A CA  1 
ATOM   346  C  C   . ALA A 1 58  ? 0.445   -18.022 5.277   1.00 15.91 ? 46  ALA A C   1 
ATOM   347  O  O   . ALA A 1 58  ? -0.157  -17.123 5.879   1.00 14.69 ? 46  ALA A O   1 
ATOM   348  C  CB  . ALA A 1 58  ? -0.547  -20.338 5.143   1.00 12.78 ? 46  ALA A CB  1 
ATOM   349  N  N   . TYR A 1 59  ? 1.764   -18.185 5.335   1.00 15.07 ? 47  TYR A N   1 
ATOM   350  C  CA  . TYR A 1 59  ? 2.607   -17.303 6.126   1.00 17.30 ? 47  TYR A CA  1 
ATOM   351  C  C   . TYR A 1 59  ? 2.536   -15.881 5.560   1.00 18.37 ? 47  TYR A C   1 
ATOM   352  O  O   . TYR A 1 59  ? 2.293   -14.937 6.301   1.00 20.54 ? 47  TYR A O   1 
ATOM   353  C  CB  . TYR A 1 59  ? 4.059   -17.790 6.119   1.00 18.89 ? 47  TYR A CB  1 
ATOM   354  C  CG  . TYR A 1 59  ? 4.970   -16.925 6.959   1.00 20.57 ? 47  TYR A CG  1 
ATOM   355  C  CD1 . TYR A 1 59  ? 4.805   -16.848 8.347   1.00 23.18 ? 47  TYR A CD1 1 
ATOM   356  C  CD2 . TYR A 1 59  ? 5.958   -16.141 6.368   1.00 20.09 ? 47  TYR A CD2 1 
ATOM   357  C  CE1 . TYR A 1 59  ? 5.611   -15.997 9.124   1.00 23.07 ? 47  TYR A CE1 1 
ATOM   358  C  CE2 . TYR A 1 59  ? 6.758   -15.295 7.126   1.00 21.50 ? 47  TYR A CE2 1 
ATOM   359  C  CZ  . TYR A 1 59  ? 6.583   -15.227 8.499   1.00 23.80 ? 47  TYR A CZ  1 
ATOM   360  O  OH  . TYR A 1 59  ? 7.398   -14.404 9.244   1.00 26.14 ? 47  TYR A OH  1 
ATOM   361  N  N   . LEU A 1 60  ? 2.750   -15.732 4.252   1.00 17.54 ? 48  LEU A N   1 
ATOM   362  C  CA  . LEU A 1 60  ? 2.673   -14.421 3.618   1.00 17.34 ? 48  LEU A CA  1 
ATOM   363  C  C   . LEU A 1 60  ? 1.313   -13.745 3.894   1.00 17.63 ? 48  LEU A C   1 
ATOM   364  O  O   . LEU A 1 60  ? 1.248   -12.549 4.141   1.00 17.78 ? 48  LEU A O   1 
ATOM   365  C  CB  . LEU A 1 60  ? 2.888   -14.544 2.107   1.00 15.26 ? 48  LEU A CB  1 
ATOM   366  C  CG  . LEU A 1 60  ? 4.320   -14.830 1.658   1.00 15.41 ? 48  LEU A CG  1 
ATOM   367  C  CD1 . LEU A 1 60  ? 4.362   -15.218 0.191   1.00 12.36 ? 48  LEU A CD1 1 
ATOM   368  C  CD2 . LEU A 1 60  ? 5.168   -13.603 1.930   1.00 16.73 ? 48  LEU A CD2 1 
ATOM   369  N  N   . ARG A 1 61  ? 0.229   -14.507 3.884   1.00 17.43 ? 49  ARG A N   1 
ATOM   370  C  CA  . ARG A 1 61  ? -1.071  -13.897 4.131   1.00 19.66 ? 49  ARG A CA  1 
ATOM   371  C  C   . ARG A 1 61  ? -1.219  -13.409 5.571   1.00 19.78 ? 49  ARG A C   1 
ATOM   372  O  O   . ARG A 1 61  ? -1.789  -12.348 5.816   1.00 20.41 ? 49  ARG A O   1 
ATOM   373  C  CB  . ARG A 1 61  ? -2.200  -14.873 3.776   1.00 16.25 ? 49  ARG A CB  1 
ATOM   374  C  CG  . ARG A 1 61  ? -2.212  -15.198 2.287   1.00 17.31 ? 49  ARG A CG  1 
ATOM   375  C  CD  . ARG A 1 61  ? -3.190  -16.302 1.942   1.00 17.44 ? 49  ARG A CD  1 
ATOM   376  N  NE  . ARG A 1 61  ? -4.569  -15.840 1.933   1.00 18.65 ? 49  ARG A NE  1 
ATOM   377  C  CZ  . ARG A 1 61  ? -5.593  -16.568 1.491   1.00 19.27 ? 49  ARG A CZ  1 
ATOM   378  N  NH1 . ARG A 1 61  ? -5.395  -17.806 1.033   1.00 19.94 ? 49  ARG A NH1 1 
ATOM   379  N  NH2 . ARG A 1 61  ? -6.808  -16.046 1.456   1.00 16.97 ? 49  ARG A NH2 1 
ATOM   380  N  N   . SER A 1 62  ? -0.687  -14.173 6.517   1.00 19.16 ? 50  SER A N   1 
ATOM   381  C  CA  . SER A 1 62  ? -0.799  -13.788 7.903   1.00 20.42 ? 50  SER A CA  1 
ATOM   382  C  C   . SER A 1 62  ? 0.031   -12.532 8.158   1.00 22.37 ? 50  SER A C   1 
ATOM   383  O  O   . SER A 1 62  ? -0.192  -11.838 9.143   1.00 24.02 ? 50  SER A O   1 
ATOM   384  C  CB  . SER A 1 62  ? -0.362  -14.939 8.821   1.00 17.72 ? 50  SER A CB  1 
ATOM   385  O  OG  . SER A 1 62  ? 1.038   -15.112 8.793   1.00 19.08 ? 50  SER A OG  1 
ATOM   386  N  N   . LEU A 1 63  ? 0.982   -12.239 7.274   1.00 23.43 ? 51  LEU A N   1 
ATOM   387  C  CA  . LEU A 1 63  ? 1.793   -11.035 7.416   1.00 23.88 ? 51  LEU A CA  1 
ATOM   388  C  C   . LEU A 1 63  ? 1.067   -9.827  6.803   1.00 24.53 ? 51  LEU A C   1 
ATOM   389  O  O   . LEU A 1 63  ? 1.417   -8.697  7.091   1.00 27.39 ? 51  LEU A O   1 
ATOM   390  C  CB  . LEU A 1 63  ? 3.155   -11.180 6.721   1.00 22.46 ? 51  LEU A CB  1 
ATOM   391  C  CG  . LEU A 1 63  ? 4.278   -12.071 7.260   1.00 24.43 ? 51  LEU A CG  1 
ATOM   392  C  CD1 . LEU A 1 63  ? 5.515   -11.860 6.394   1.00 20.39 ? 51  LEU A CD1 1 
ATOM   393  C  CD2 . LEU A 1 63  ? 4.599   -11.746 8.724   1.00 20.57 ? 51  LEU A CD2 1 
ATOM   394  N  N   . GLY A 1 64  ? 0.076   -10.058 5.950   1.00 23.27 ? 52  GLY A N   1 
ATOM   395  C  CA  . GLY A 1 64  ? -0.634  -8.940  5.346   1.00 20.27 ? 52  GLY A CA  1 
ATOM   396  C  C   . GLY A 1 64  ? -0.749  -8.972  3.832   1.00 20.75 ? 52  GLY A C   1 
ATOM   397  O  O   . GLY A 1 64  ? -1.462  -8.165  3.243   1.00 19.74 ? 52  GLY A O   1 
ATOM   398  N  N   . TYR A 1 65  ? -0.055  -9.897  3.178   1.00 19.63 ? 53  TYR A N   1 
ATOM   399  C  CA  . TYR A 1 65  ? -0.133  -9.967  1.720   1.00 19.78 ? 53  TYR A CA  1 
ATOM   400  C  C   . TYR A 1 65  ? -1.507  -10.389 1.239   1.00 20.29 ? 53  TYR A C   1 
ATOM   401  O  O   . TYR A 1 65  ? -2.033  -11.428 1.652   1.00 23.28 ? 53  TYR A O   1 
ATOM   402  C  CB  . TYR A 1 65  ? 0.935   -10.905 1.203   1.00 15.87 ? 53  TYR A CB  1 
ATOM   403  C  CG  . TYR A 1 65  ? 2.294   -10.283 1.297   1.00 17.48 ? 53  TYR A CG  1 
ATOM   404  C  CD1 . TYR A 1 65  ? 2.818   -9.544  0.234   1.00 15.27 ? 53  TYR A CD1 1 
ATOM   405  C  CD2 . TYR A 1 65  ? 3.055   -10.402 2.465   1.00 16.62 ? 53  TYR A CD2 1 
ATOM   406  C  CE1 . TYR A 1 65  ? 4.069   -8.944  0.337   1.00 16.92 ? 53  TYR A CE1 1 
ATOM   407  C  CE2 . TYR A 1 65  ? 4.298   -9.806  2.569   1.00 17.82 ? 53  TYR A CE2 1 
ATOM   408  C  CZ  . TYR A 1 65  ? 4.800   -9.080  1.500   1.00 17.62 ? 53  TYR A CZ  1 
ATOM   409  O  OH  . TYR A 1 65  ? 6.043   -8.503  1.604   1.00 20.65 ? 53  TYR A OH  1 
ATOM   410  N  N   . ASN A 1 66  ? -2.082  -9.592  0.353   1.00 20.11 ? 54  ASN A N   1 
ATOM   411  C  CA  . ASN A 1 66  ? -3.413  -9.864  -0.148  1.00 21.00 ? 54  ASN A CA  1 
ATOM   412  C  C   . ASN A 1 66  ? -3.450  -10.928 -1.229  1.00 20.48 ? 54  ASN A C   1 
ATOM   413  O  O   . ASN A 1 66  ? -3.890  -10.675 -2.347  1.00 20.43 ? 54  ASN A O   1 
ATOM   414  C  CB  . ASN A 1 66  ? -4.047  -8.560  -0.645  1.00 26.33 ? 54  ASN A CB  1 
ATOM   415  C  CG  . ASN A 1 66  ? -5.550  -8.695  -0.899  1.00 31.25 ? 54  ASN A CG  1 
ATOM   416  O  OD1 . ASN A 1 66  ? -6.216  -9.570  -0.324  1.00 35.43 ? 54  ASN A OD1 1 
ATOM   417  N  ND2 . ASN A 1 66  ? -6.095  -7.818  -1.752  1.00 32.65 ? 54  ASN A ND2 1 
ATOM   418  N  N   . ILE A 1 67  ? -3.015  -12.134 -0.878  1.00 18.49 ? 55  ILE A N   1 
ATOM   419  C  CA  . ILE A 1 67  ? -2.987  -13.233 -1.828  1.00 17.72 ? 55  ILE A CA  1 
ATOM   420  C  C   . ILE A 1 67  ? -4.233  -14.098 -1.746  1.00 18.17 ? 55  ILE A C   1 
ATOM   421  O  O   . ILE A 1 67  ? -4.731  -14.374 -0.661  1.00 19.39 ? 55  ILE A O   1 
ATOM   422  C  CB  . ILE A 1 67  ? -1.783  -14.139 -1.575  1.00 16.66 ? 55  ILE A CB  1 
ATOM   423  C  CG1 . ILE A 1 67  ? -0.498  -13.331 -1.679  1.00 15.93 ? 55  ILE A CG1 1 
ATOM   424  C  CG2 . ILE A 1 67  ? -1.771  -15.277 -2.579  1.00 15.07 ? 55  ILE A CG2 1 
ATOM   425  C  CD1 . ILE A 1 67  ? 0.722   -14.077 -1.225  1.00 15.64 ? 55  ILE A CD1 1 
ATOM   426  N  N   . VAL A 1 68  ? -4.731  -14.534 -2.893  1.00 17.75 ? 56  VAL A N   1 
ATOM   427  C  CA  . VAL A 1 68  ? -5.892  -15.408 -2.908  1.00 17.61 ? 56  VAL A CA  1 
ATOM   428  C  C   . VAL A 1 68  ? -5.576  -16.636 -3.762  1.00 18.09 ? 56  VAL A C   1 
ATOM   429  O  O   . VAL A 1 68  ? -4.967  -16.543 -4.829  1.00 18.35 ? 56  VAL A O   1 
ATOM   430  C  CB  . VAL A 1 68  ? -7.166  -14.653 -3.421  1.00 20.38 ? 56  VAL A CB  1 
ATOM   431  C  CG1 . VAL A 1 68  ? -8.326  -15.639 -3.695  1.00 20.10 ? 56  VAL A CG1 1 
ATOM   432  C  CG2 . VAL A 1 68  ? -7.635  -13.650 -2.321  1.00 21.66 ? 56  VAL A CG2 1 
ATOM   433  N  N   . ALA A 1 69  ? -5.954  -17.800 -3.255  1.00 17.95 ? 57  ALA A N   1 
ATOM   434  C  CA  . ALA A 1 69  ? -5.734  -19.059 -3.961  1.00 17.00 ? 57  ALA A CA  1 
ATOM   435  C  C   . ALA A 1 69  ? -6.999  -19.372 -4.772  1.00 15.69 ? 57  ALA A C   1 
ATOM   436  O  O   . ALA A 1 69  ? -8.021  -19.692 -4.198  1.00 18.48 ? 57  ALA A O   1 
ATOM   437  C  CB  . ALA A 1 69  ? -5.470  -20.176 -2.937  1.00 14.02 ? 57  ALA A CB  1 
ATOM   438  N  N   . THR A 1 70  ? -6.941  -19.263 -6.096  1.00 16.52 ? 58  THR A N   1 
ATOM   439  C  CA  . THR A 1 70  ? -8.104  -19.550 -6.932  1.00 14.80 ? 58  THR A CA  1 
ATOM   440  C  C   . THR A 1 70  ? -7.846  -20.884 -7.627  1.00 15.99 ? 58  THR A C   1 
ATOM   441  O  O   . THR A 1 70  ? -6.725  -21.365 -7.627  1.00 16.58 ? 58  THR A O   1 
ATOM   442  C  CB  . THR A 1 70  ? -8.327  -18.458 -7.978  1.00 15.26 ? 58  THR A CB  1 
ATOM   443  O  OG1 . THR A 1 70  ? -7.355  -18.588 -9.021  1.00 13.19 ? 58  THR A OG1 1 
ATOM   444  C  CG2 . THR A 1 70  ? -8.191  -17.078 -7.338  1.00 13.22 ? 58  THR A CG2 1 
ATOM   445  N  N   . PRO A 1 71  ? -8.877  -21.499 -8.232  1.00 16.99 ? 59  PRO A N   1 
ATOM   446  C  CA  . PRO A 1 71  ? -8.644  -22.790 -8.893  1.00 17.81 ? 59  PRO A CA  1 
ATOM   447  C  C   . PRO A 1 71  ? -7.548  -22.781 -9.948  1.00 19.04 ? 59  PRO A C   1 
ATOM   448  O  O   . PRO A 1 71  ? -6.885  -23.794 -10.172 1.00 20.46 ? 59  PRO A O   1 
ATOM   449  C  CB  . PRO A 1 71  ? -10.018 -23.139 -9.489  1.00 18.37 ? 59  PRO A CB  1 
ATOM   450  C  CG  . PRO A 1 71  ? -10.983 -22.423 -8.563  1.00 16.57 ? 59  PRO A CG  1 
ATOM   451  C  CD  . PRO A 1 71  ? -10.289 -21.090 -8.352  1.00 14.00 ? 59  PRO A CD  1 
ATOM   452  N  N   . ARG A 1 72  ? -7.354  -21.651 -10.607 1.00 21.20 ? 60  ARG A N   1 
ATOM   453  C  CA  . ARG A 1 72  ? -6.324  -21.574 -11.637 1.00 22.60 ? 60  ARG A CA  1 
ATOM   454  C  C   . ARG A 1 72  ? -4.975  -21.067 -11.115 1.00 22.32 ? 60  ARG A C   1 
ATOM   455  O  O   . ARG A 1 72  ? -4.015  -20.928 -11.881 1.00 23.56 ? 60  ARG A O   1 
ATOM   456  C  CB  . ARG A 1 72  ? -6.809  -20.713 -12.809 1.00 23.12 ? 60  ARG A CB  1 
ATOM   457  C  CG  . ARG A 1 72  ? -7.852  -21.426 -13.681 1.00 27.39 ? 60  ARG A CG  1 
ATOM   458  C  CD  . ARG A 1 72  ? -8.329  -20.588 -14.881 1.00 29.16 ? 60  ARG A CD  1 
ATOM   459  N  NE  . ARG A 1 72  ? -9.219  -19.494 -14.485 1.00 32.02 ? 60  ARG A NE  1 
ATOM   460  C  CZ  . ARG A 1 72  ? -8.882  -18.205 -14.512 1.00 33.04 ? 60  ARG A CZ  1 
ATOM   461  N  NH1 . ARG A 1 72  ? -7.672  -17.844 -14.927 1.00 32.00 ? 60  ARG A NH1 1 
ATOM   462  N  NH2 . ARG A 1 72  ? -9.752  -17.278 -14.115 1.00 31.86 ? 60  ARG A NH2 1 
ATOM   463  N  N   . GLY A 1 73  ? -4.890  -20.803 -9.815  1.00 20.54 ? 61  GLY A N   1 
ATOM   464  C  CA  . GLY A 1 73  ? -3.626  -20.344 -9.256  1.00 18.42 ? 61  GLY A CA  1 
ATOM   465  C  C   . GLY A 1 73  ? -3.739  -19.214 -8.260  1.00 17.90 ? 61  GLY A C   1 
ATOM   466  O  O   . GLY A 1 73  ? -4.830  -18.721 -7.997  1.00 18.19 ? 61  GLY A O   1 
ATOM   467  N  N   . TYR A 1 74  ? -2.603  -18.815 -7.698  1.00 17.02 ? 62  TYR A N   1 
ATOM   468  C  CA  . TYR A 1 74  ? -2.561  -17.742 -6.726  1.00 18.06 ? 62  TYR A CA  1 
ATOM   469  C  C   . TYR A 1 74  ? -2.640  -16.396 -7.387  1.00 19.57 ? 62  TYR A C   1 
ATOM   470  O  O   . TYR A 1 74  ? -2.057  -16.182 -8.435  1.00 20.87 ? 62  TYR A O   1 
ATOM   471  C  CB  . TYR A 1 74  ? -1.271  -17.803 -5.910  1.00 18.29 ? 62  TYR A CB  1 
ATOM   472  C  CG  . TYR A 1 74  ? -1.126  -19.047 -5.088  1.00 18.07 ? 62  TYR A CG  1 
ATOM   473  C  CD1 . TYR A 1 74  ? -1.861  -19.228 -3.917  1.00 17.36 ? 62  TYR A CD1 1 
ATOM   474  C  CD2 . TYR A 1 74  ? -0.200  -20.020 -5.444  1.00 19.03 ? 62  TYR A CD2 1 
ATOM   475  C  CE1 . TYR A 1 74  ? -1.658  -20.356 -3.110  1.00 19.86 ? 62  TYR A CE1 1 
ATOM   476  C  CE2 . TYR A 1 74  ? 0.010   -21.141 -4.651  1.00 19.36 ? 62  TYR A CE2 1 
ATOM   477  C  CZ  . TYR A 1 74  ? -0.711  -21.304 -3.491  1.00 19.27 ? 62  TYR A CZ  1 
ATOM   478  O  OH  . TYR A 1 74  ? -0.461  -22.419 -2.722  1.00 21.22 ? 62  TYR A OH  1 
ATOM   479  N  N   . VAL A 1 75  ? -3.346  -15.475 -6.747  1.00 21.79 ? 63  VAL A N   1 
ATOM   480  C  CA  . VAL A 1 75  ? -3.514  -14.131 -7.275  1.00 22.50 ? 63  VAL A CA  1 
ATOM   481  C  C   . VAL A 1 75  ? -3.098  -13.100 -6.233  1.00 22.89 ? 63  VAL A C   1 
ATOM   482  O  O   . VAL A 1 75  ? -3.480  -13.195 -5.071  1.00 23.89 ? 63  VAL A O   1 
ATOM   483  C  CB  . VAL A 1 75  ? -5.000  -13.878 -7.673  1.00 23.65 ? 63  VAL A CB  1 
ATOM   484  C  CG1 . VAL A 1 75  ? -5.228  -12.392 -7.899  1.00 24.76 ? 63  VAL A CG1 1 
ATOM   485  C  CG2 . VAL A 1 75  ? -5.344  -14.657 -8.947  1.00 21.14 ? 63  VAL A CG2 1 
ATOM   486  N  N   . LEU A 1 76  ? -2.308  -12.123 -6.664  1.00 23.01 ? 64  LEU A N   1 
ATOM   487  C  CA  . LEU A 1 76  ? -1.833  -11.038 -5.806  1.00 24.38 ? 64  LEU A CA  1 
ATOM   488  C  C   . LEU A 1 76  ? -1.722  -9.847  -6.721  1.00 26.12 ? 64  LEU A C   1 
ATOM   489  O  O   . LEU A 1 76  ? -0.849  -9.836  -7.571  1.00 25.95 ? 64  LEU A O   1 
ATOM   490  C  CB  . LEU A 1 76  ? -0.444  -11.319 -5.241  1.00 20.58 ? 64  LEU A CB  1 
ATOM   491  C  CG  . LEU A 1 76  ? 0.089   -10.167 -4.362  1.00 21.26 ? 64  LEU A CG  1 
ATOM   492  C  CD1 . LEU A 1 76  ? -0.856  -9.898  -3.142  1.00 16.80 ? 64  LEU A CD1 1 
ATOM   493  C  CD2 . LEU A 1 76  ? 1.487   -10.528 -3.877  1.00 17.07 ? 64  LEU A CD2 1 
ATOM   494  N  N   . ALA A 1 77  ? -2.575  -8.846  -6.531  1.00 27.45 ? 65  ALA A N   1 
ATOM   495  C  CA  . ALA A 1 77  ? -2.591  -7.659  -7.389  1.00 28.87 ? 65  ALA A CA  1 
ATOM   496  C  C   . ALA A 1 77  ? -1.253  -6.975  -7.586  1.00 31.29 ? 65  ALA A C   1 
ATOM   497  O  O   . ALA A 1 77  ? -0.558  -6.641  -6.622  1.00 32.32 ? 65  ALA A O   1 
ATOM   498  C  CB  . ALA A 1 77  ? -3.589  -6.650  -6.851  1.00 26.88 ? 65  ALA A CB  1 
ATOM   499  N  N   . GLY A 1 78  ? -0.864  -6.777  -8.837  1.00 32.03 ? 66  GLY A N   1 
ATOM   500  C  CA  . GLY A 1 78  ? 0.371   -6.055  -9.060  1.00 34.10 ? 66  GLY A CA  1 
ATOM   501  C  C   . GLY A 1 78  ? -0.008  -4.609  -8.774  1.00 35.21 ? 66  GLY A C   1 
ATOM   502  O  O   . GLY A 1 78  ? -0.827  -4.338  -7.891  1.00 34.60 ? 66  GLY A O   1 
ATOM   503  N  N   . GLY A 1 79  ? 0.560   -3.674  -9.523  1.00 37.25 ? 67  GLY A N   1 
ATOM   504  C  CA  . GLY A 1 79  ? 0.226   -2.272  -9.323  1.00 37.46 ? 67  GLY A CA  1 
ATOM   505  C  C   . GLY A 1 79  ? 0.347   -1.738  -7.902  1.00 37.65 ? 67  GLY A C   1 
ATOM   506  O  O   . GLY A 1 79  ? -0.529  -0.992  -7.454  1.00 37.61 ? 67  GLY A O   1 
ATOM   507  N  N   . LYS A 1 80  ? 1.414   -2.122  -7.196  1.00 36.66 ? 68  LYS A N   1 
ATOM   508  C  CA  . LYS A 1 80  ? 1.673   -1.650  -5.827  1.00 36.00 ? 68  LYS A CA  1 
ATOM   509  C  C   . LYS A 1 80  ? 0.537   -1.856  -4.832  1.00 36.01 ? 68  LYS A C   1 
ATOM   510  O  O   . LYS A 1 80  ? 0.311   -1.003  -3.983  1.00 37.10 ? 68  LYS A O   1 
ATOM   511  C  CB  . LYS A 1 80  ? 2.034   -0.163  -5.863  1.00 35.53 ? 68  LYS A CB  1 
ATOM   512  C  CG  . LYS A 1 80  ? 3.172   0.144   -6.826  1.00 36.48 ? 68  LYS A CG  1 
ATOM   513  C  CD  . LYS A 1 80  ? 3.266   1.614   -7.166  1.00 36.84 ? 68  LYS A CD  1 
ATOM   514  C  CE  . LYS A 1 80  ? 4.441   1.876   -8.116  1.00 36.95 ? 68  LYS A CE  1 
ATOM   515  N  NZ  . LYS A 1 80  ? 4.415   3.260   -8.683  1.00 34.75 ? 68  LYS A NZ  1 
ATOM   516  N  N   . SER A 1 81  ? -0.151  -2.992  -4.910  1.00 35.70 ? 69  SER A N   1 
ATOM   517  C  CA  . SER A 1 81  ? -1.266  -3.271  -4.019  1.00 35.43 ? 69  SER A CA  1 
ATOM   518  C  C   . SER A 1 81  ? -1.119  -4.581  -3.246  1.00 35.50 ? 69  SER A C   1 
ATOM   519  O  O   . SER A 1 81  ? -2.103  -5.122  -2.738  1.00 36.27 ? 69  SER A O   1 
ATOM   520  C  CB  . SER A 1 81  ? -2.564  -3.308  -4.824  1.00 37.42 ? 69  SER A CB  1 
ATOM   521  O  OG  . SER A 1 81  ? -2.766  -2.092  -5.523  1.00 39.91 ? 69  SER A OG  1 
ATOM   522  N  N   . GLY A 1 82  ? 0.105   -5.089  -3.159  1.00 34.18 ? 70  GLY A N   1 
ATOM   523  C  CA  . GLY A 1 82  ? 0.341   -6.327  -2.440  1.00 31.65 ? 70  GLY A CA  1 
ATOM   524  C  C   . GLY A 1 82  ? -0.081  -6.250  -0.982  1.00 30.62 ? 70  GLY A C   1 
ATOM   525  O  O   . GLY A 1 82  ? -0.817  -7.114  -0.522  1.00 29.02 ? 70  GLY A O   1 
ATOM   526  N  N   . VAL A 1 83  ? 0.399   -5.231  -0.261  1.00 28.98 ? 71  VAL A N   1 
ATOM   527  C  CA  . VAL A 1 83  ? 0.069   -5.014  1.148   1.00 26.95 ? 71  VAL A CA  1 
ATOM   528  C  C   . VAL A 1 83  ? -0.659  -3.688  1.343   1.00 27.47 ? 71  VAL A C   1 
ATOM   529  O  O   . VAL A 1 83  ? -0.522  -2.754  0.556   1.00 27.24 ? 71  VAL A O   1 
ATOM   530  C  CB  . VAL A 1 83  ? 1.316   -4.992  2.054   1.00 28.00 ? 71  VAL A CB  1 
ATOM   531  C  CG1 . VAL A 1 83  ? 2.010   -6.344  2.024   1.00 28.51 ? 71  VAL A CG1 1 
ATOM   532  C  CG2 . VAL A 1 83  ? 2.264   -3.901  1.602   1.00 27.13 ? 71  VAL A CG2 1 
ATOM   533  N  N   . SER A 1 84  ? -1.418  -3.610  2.424   1.00 26.67 ? 72  SER A N   1 
ATOM   534  C  CA  . SER A 1 84  ? -2.209  -2.438  2.727   1.00 27.36 ? 72  SER A CA  1 
ATOM   535  C  C   . SER A 1 84  ? -2.057  -2.051  4.188   1.00 26.21 ? 72  SER A C   1 
ATOM   536  O  O   . SER A 1 84  ? -1.777  -2.890  5.022   1.00 26.36 ? 72  SER A O   1 
ATOM   537  C  CB  . SER A 1 84  ? -3.666  -2.738  2.435   1.00 27.03 ? 72  SER A CB  1 
ATOM   538  O  OG  . SER A 1 84  ? -4.383  -1.533  2.292   1.00 36.22 ? 72  SER A OG  1 
ATOM   539  N  N   . ARG A 1 85  ? -2.251  -0.779  4.502   1.00 25.98 ? 73  ARG A N   1 
ATOM   540  C  CA  . ARG A 1 85  ? -2.113  -0.354  5.875   1.00 24.15 ? 73  ARG A CA  1 
ATOM   541  C  C   . ARG A 1 85  ? -2.711  1.029   6.137   1.00 23.66 ? 73  ARG A C   1 
ATOM   542  O  O   . ARG A 1 85  ? -2.634  1.902   5.270   1.00 23.81 ? 73  ARG A O   1 
ATOM   543  C  CB  . ARG A 1 85  ? -0.641  -0.369  6.215   1.00 24.70 ? 73  ARG A CB  1 
ATOM   544  C  CG  . ARG A 1 85  ? -0.303  0.296   7.501   1.00 30.06 ? 73  ARG A CG  1 
ATOM   545  C  CD  . ARG A 1 85  ? 1.118   -0.004  7.836   1.00 33.90 ? 73  ARG A CD  1 
ATOM   546  N  NE  . ARG A 1 85  ? 1.528   0.571   9.113   1.00 39.38 ? 73  ARG A NE  1 
ATOM   547  C  CZ  . ARG A 1 85  ? 2.576   0.134   9.805   1.00 41.82 ? 73  ARG A CZ  1 
ATOM   548  N  NH1 . ARG A 1 85  ? 3.301   -0.889  9.331   1.00 42.04 ? 73  ARG A NH1 1 
ATOM   549  N  NH2 . ARG A 1 85  ? 2.898   0.709   10.958  1.00 41.51 ? 73  ARG A NH2 1 
ATOM   550  N  N   . LEU A 1 86  ? -3.323  1.216   7.312   1.00 20.72 ? 74  LEU A N   1 
ATOM   551  C  CA  . LEU A 1 86  ? -3.893  2.509   7.700   1.00 18.85 ? 74  LEU A CA  1 
ATOM   552  C  C   . LEU A 1 86  ? -2.802  3.291   8.409   1.00 18.28 ? 74  LEU A C   1 
ATOM   553  O  O   . LEU A 1 86  ? -2.203  2.805   9.351   1.00 17.14 ? 74  LEU A O   1 
ATOM   554  C  CB  . LEU A 1 86  ? -5.055  2.353   8.670   1.00 21.58 ? 74  LEU A CB  1 
ATOM   555  C  CG  . LEU A 1 86  ? -6.460  2.143   8.126   1.00 24.95 ? 74  LEU A CG  1 
ATOM   556  C  CD1 . LEU A 1 86  ? -7.411  2.003   9.316   1.00 24.52 ? 74  LEU A CD1 1 
ATOM   557  C  CD2 . LEU A 1 86  ? -6.856  3.318   7.210   1.00 20.53 ? 74  LEU A CD2 1 
ATOM   558  N  N   . VAL A 1 87  ? -2.560  4.514   7.964   1.00 16.71 ? 75  VAL A N   1 
ATOM   559  C  CA  . VAL A 1 87  ? -1.530  5.328   8.558   1.00 15.12 ? 75  VAL A CA  1 
ATOM   560  C  C   . VAL A 1 87  ? -2.150  6.582   9.136   1.00 16.34 ? 75  VAL A C   1 
ATOM   561  O  O   . VAL A 1 87  ? -2.951  7.235   8.478   1.00 15.16 ? 75  VAL A O   1 
ATOM   562  C  CB  . VAL A 1 87  ? -0.489  5.691   7.505   1.00 15.32 ? 75  VAL A CB  1 
ATOM   563  C  CG1 . VAL A 1 87  ? 0.598   6.482   8.131   1.00 13.10 ? 75  VAL A CG1 1 
ATOM   564  C  CG2 . VAL A 1 87  ? 0.084   4.387   6.873   1.00 16.94 ? 75  VAL A CG2 1 
ATOM   565  N  N   . ALA A 1 88  ? -1.805  6.901   10.380  1.00 16.10 ? 76  ALA A N   1 
ATOM   566  C  CA  . ALA A 1 88  ? -2.351  8.090   11.025  1.00 17.57 ? 76  ALA A CA  1 
ATOM   567  C  C   . ALA A 1 88  ? -1.345  9.214   10.845  1.00 17.58 ? 76  ALA A C   1 
ATOM   568  O  O   . ALA A 1 88  ? -0.191  9.084   11.229  1.00 18.96 ? 76  ALA A O   1 
ATOM   569  C  CB  . ALA A 1 88  ? -2.600  7.831   12.499  1.00 15.80 ? 76  ALA A CB  1 
ATOM   570  N  N   . VAL A 1 89  ? -1.789  10.310  10.246  1.00 17.30 ? 77  VAL A N   1 
ATOM   571  C  CA  . VAL A 1 89  ? -0.915  11.431  9.978   1.00 18.42 ? 77  VAL A CA  1 
ATOM   572  C  C   . VAL A 1 89  ? -1.558  12.750  10.391  1.00 19.68 ? 77  VAL A C   1 
ATOM   573  O  O   . VAL A 1 89  ? -2.746  12.811  10.709  1.00 16.96 ? 77  VAL A O   1 
ATOM   574  C  CB  . VAL A 1 89  ? -0.548  11.497  8.473   1.00 18.09 ? 77  VAL A CB  1 
ATOM   575  C  CG1 . VAL A 1 89  ? 0.294   10.308  8.075   1.00 18.02 ? 77  VAL A CG1 1 
ATOM   576  C  CG2 . VAL A 1 89  ? -1.799  11.522  7.649   1.00 19.12 ? 77  VAL A CG2 1 
ATOM   577  N  N   . LYS A 1 90  ? -0.766  13.811  10.387  1.00 21.39 ? 78  LYS A N   1 
ATOM   578  C  CA  . LYS A 1 90  ? -1.296  15.112  10.761  1.00 23.79 ? 78  LYS A CA  1 
ATOM   579  C  C   . LYS A 1 90  ? -0.580  16.196  9.985   1.00 23.66 ? 78  LYS A C   1 
ATOM   580  O  O   . LYS A 1 90  ? 0.633   16.352  10.119  1.00 24.81 ? 78  LYS A O   1 
ATOM   581  C  CB  . LYS A 1 90  ? -1.107  15.355  12.259  1.00 26.53 ? 78  LYS A CB  1 
ATOM   582  C  CG  . LYS A 1 90  ? -1.598  16.728  12.709  1.00 30.05 ? 78  LYS A CG  1 
ATOM   583  C  CD  . LYS A 1 90  ? -1.349  16.990  14.196  1.00 32.70 ? 78  LYS A CD  1 
ATOM   584  C  CE  . LYS A 1 90  ? -1.910  18.368  14.586  1.00 36.93 ? 78  LYS A CE  1 
ATOM   585  N  NZ  . LYS A 1 90  ? -2.054  18.580  16.062  1.00 37.89 ? 78  LYS A NZ  1 
ATOM   586  N  N   . HIS A 1 91  ? -1.322  16.929  9.160   1.00 21.97 ? 79  HIS A N   1 
ATOM   587  C  CA  . HIS A 1 91  ? -0.730  18.002  8.377   1.00 21.23 ? 79  HIS A CA  1 
ATOM   588  C  C   . HIS A 1 91  ? -1.817  18.885  7.790   1.00 21.74 ? 79  HIS A C   1 
ATOM   589  O  O   . HIS A 1 91  ? -2.991  18.516  7.766   1.00 23.27 ? 79  HIS A O   1 
ATOM   590  C  CB  . HIS A 1 91  ? 0.149   17.426  7.269   1.00 21.35 ? 79  HIS A CB  1 
ATOM   591  C  CG  . HIS A 1 91  ? -0.614  16.697  6.206   1.00 24.26 ? 79  HIS A CG  1 
ATOM   592  N  ND1 . HIS A 1 91  ? -1.389  17.344  5.266   1.00 24.28 ? 79  HIS A ND1 1 
ATOM   593  C  CD2 . HIS A 1 91  ? -0.716  15.376  5.931   1.00 23.18 ? 79  HIS A CD2 1 
ATOM   594  C  CE1 . HIS A 1 91  ? -1.931  16.455  4.458   1.00 21.37 ? 79  HIS A CE1 1 
ATOM   595  N  NE2 . HIS A 1 91  ? -1.538  15.255  4.840   1.00 23.02 ? 79  HIS A NE2 1 
ATOM   596  N  N   . ALA A 1 92  ? -1.428  20.056  7.312   1.00 22.77 ? 80  ALA A N   1 
ATOM   597  C  CA  . ALA A 1 92  ? -2.394  20.992  6.750   1.00 23.36 ? 80  ALA A CA  1 
ATOM   598  C  C   . ALA A 1 92  ? -2.675  20.657  5.309   1.00 24.12 ? 80  ALA A C   1 
ATOM   599  O  O   . ALA A 1 92  ? -1.945  19.902  4.690   1.00 23.73 ? 80  ALA A O   1 
ATOM   600  C  CB  . ALA A 1 92  ? -1.870  22.411  6.857   1.00 22.28 ? 80  ALA A CB  1 
ATOM   601  N  N   . PRO A 1 93  ? -3.772  21.183  4.769   1.00 25.86 ? 81  PRO A N   1 
ATOM   602  C  CA  . PRO A 1 93  ? -4.076  20.891  3.367   1.00 27.50 ? 81  PRO A CA  1 
ATOM   603  C  C   . PRO A 1 93  ? -2.948  21.259  2.386   1.00 28.46 ? 81  PRO A C   1 
ATOM   604  O  O   . PRO A 1 93  ? -2.793  20.608  1.357   1.00 29.68 ? 81  PRO A O   1 
ATOM   605  C  CB  . PRO A 1 93  ? -5.373  21.670  3.104   1.00 28.94 ? 81  PRO A CB  1 
ATOM   606  C  CG  . PRO A 1 93  ? -5.691  22.413  4.432   1.00 28.58 ? 81  PRO A CG  1 
ATOM   607  C  CD  . PRO A 1 93  ? -4.947  21.694  5.497   1.00 25.42 ? 81  PRO A CD  1 
ATOM   608  N  N   . GLU A 1 94  ? -2.137  22.266  2.707   1.00 28.69 ? 82  GLU A N   1 
ATOM   609  C  CA  . GLU A 1 94  ? -1.059  22.661  1.803   1.00 29.47 ? 82  GLU A CA  1 
ATOM   610  C  C   . GLU A 1 94  ? 0.078   21.684  1.747   1.00 29.24 ? 82  GLU A C   1 
ATOM   611  O  O   . GLU A 1 94  ? 0.947   21.801  0.880   1.00 29.73 ? 82  GLU A O   1 
ATOM   612  C  CB  . GLU A 1 94  ? -0.484  24.036  2.155   1.00 33.39 ? 82  GLU A CB  1 
ATOM   613  C  CG  . GLU A 1 94  ? -1.434  25.175  1.911   1.00 37.73 ? 82  GLU A CG  1 
ATOM   614  C  CD  . GLU A 1 94  ? -2.186  25.575  3.162   1.00 40.67 ? 82  GLU A CD  1 
ATOM   615  O  OE1 . GLU A 1 94  ? -2.632  24.676  3.925   1.00 39.73 ? 82  GLU A OE1 1 
ATOM   616  O  OE2 . GLU A 1 94  ? -2.326  26.800  3.372   1.00 43.35 ? 82  GLU A OE2 1 
ATOM   617  N  N   . GLU A 1 95  ? 0.100   20.723  2.662   1.00 27.88 ? 83  GLU A N   1 
ATOM   618  C  CA  . GLU A 1 95  ? 1.174   19.736  2.643   1.00 28.08 ? 83  GLU A CA  1 
ATOM   619  C  C   . GLU A 1 95  ? 0.779   18.460  1.915   1.00 25.41 ? 83  GLU A C   1 
ATOM   620  O  O   . GLU A 1 95  ? 1.565   17.536  1.840   1.00 26.37 ? 83  GLU A O   1 
ATOM   621  C  CB  . GLU A 1 95  ? 1.619   19.394  4.066   1.00 31.92 ? 83  GLU A CB  1 
ATOM   622  C  CG  . GLU A 1 95  ? 2.281   20.544  4.798   1.00 35.63 ? 83  GLU A CG  1 
ATOM   623  C  CD  . GLU A 1 95  ? 3.402   21.170  3.980   1.00 40.09 ? 83  GLU A CD  1 
ATOM   624  O  OE1 . GLU A 1 95  ? 4.302   20.426  3.524   1.00 40.05 ? 83  GLU A OE1 1 
ATOM   625  O  OE2 . GLU A 1 95  ? 3.378   22.411  3.794   1.00 42.27 ? 83  GLU A OE2 1 
ATOM   626  N  N   . ILE A 1 96  ? -0.432  18.422  1.378   1.00 23.83 ? 84  ILE A N   1 
ATOM   627  C  CA  . ILE A 1 96  ? -0.925  17.262  0.653   1.00 25.12 ? 84  ILE A CA  1 
ATOM   628  C  C   . ILE A 1 96  ? 0.039   16.777  -0.422  1.00 26.20 ? 84  ILE A C   1 
ATOM   629  O  O   . ILE A 1 96  ? 0.362   15.585  -0.481  1.00 26.25 ? 84  ILE A O   1 
ATOM   630  C  CB  . ILE A 1 96  ? -2.296  17.561  0.030   1.00 26.62 ? 84  ILE A CB  1 
ATOM   631  C  CG1 . ILE A 1 96  ? -3.353  17.597  1.142   1.00 29.23 ? 84  ILE A CG1 1 
ATOM   632  C  CG2 . ILE A 1 96  ? -2.666  16.503  -0.963  1.00 27.41 ? 84  ILE A CG2 1 
ATOM   633  C  CD1 . ILE A 1 96  ? -4.739  18.085  0.680   1.00 31.57 ? 84  ILE A CD1 1 
ATOM   634  N  N   . LYS A 1 97  ? 0.520   17.697  -1.252  1.00 26.49 ? 85  LYS A N   1 
ATOM   635  C  CA  . LYS A 1 97  ? 1.445   17.342  -2.311  1.00 27.13 ? 85  LYS A CA  1 
ATOM   636  C  C   . LYS A 1 97  ? 2.706   16.685  -1.744  1.00 27.77 ? 85  LYS A C   1 
ATOM   637  O  O   . LYS A 1 97  ? 3.152   15.633  -2.225  1.00 26.26 ? 85  LYS A O   1 
ATOM   638  C  CB  . LYS A 1 97  ? 1.823   18.587  -3.122  1.00 28.96 ? 85  LYS A CB  1 
ATOM   639  C  CG  . LYS A 1 97  ? 2.854   18.355  -4.242  1.00 32.64 ? 85  LYS A CG  1 
ATOM   640  C  CD  . LYS A 1 97  ? 3.144   19.676  -4.951  1.00 37.42 ? 85  LYS A CD  1 
ATOM   641  C  CE  . LYS A 1 97  ? 4.229   19.567  -6.009  1.00 41.23 ? 85  LYS A CE  1 
ATOM   642  N  NZ  . LYS A 1 97  ? 4.494   20.900  -6.642  1.00 43.90 ? 85  LYS A NZ  1 
ATOM   643  N  N   . GLU A 1 98  ? 3.285   17.309  -0.728  1.00 26.41 ? 86  GLU A N   1 
ATOM   644  C  CA  . GLU A 1 98  ? 4.499   16.779  -0.115  1.00 27.02 ? 86  GLU A CA  1 
ATOM   645  C  C   . GLU A 1 98  ? 4.270   15.358  0.400   1.00 24.57 ? 86  GLU A C   1 
ATOM   646  O  O   . GLU A 1 98  ? 5.088   14.466  0.213   1.00 22.65 ? 86  GLU A O   1 
ATOM   647  C  CB  . GLU A 1 98  ? 4.930   17.702  1.035   1.00 29.11 ? 86  GLU A CB  1 
ATOM   648  C  CG  . GLU A 1 98  ? 6.117   17.231  1.863   1.00 36.36 ? 86  GLU A CG  1 
ATOM   649  C  CD  . GLU A 1 98  ? 7.449   17.771  1.364   1.00 40.35 ? 86  GLU A CD  1 
ATOM   650  O  OE1 . GLU A 1 98  ? 7.495   18.944  0.934   1.00 43.93 ? 86  GLU A OE1 1 
ATOM   651  O  OE2 . GLU A 1 98  ? 8.460   17.032  1.423   1.00 43.39 ? 86  GLU A OE2 1 
ATOM   652  N  N   . GLU A 1 99  ? 3.137   15.145  1.041   1.00 24.49 ? 87  GLU A N   1 
ATOM   653  C  CA  . GLU A 1 99  ? 2.850   13.838  1.600   1.00 24.02 ? 87  GLU A CA  1 
ATOM   654  C  C   . GLU A 1 99  ? 2.670   12.785  0.509   1.00 22.57 ? 87  GLU A C   1 
ATOM   655  O  O   . GLU A 1 99  ? 3.235   11.699  0.593   1.00 22.83 ? 87  GLU A O   1 
ATOM   656  C  CB  . GLU A 1 99  ? 1.598   13.919  2.478   1.00 24.01 ? 87  GLU A CB  1 
ATOM   657  C  CG  . GLU A 1 99  ? 1.259   12.631  3.176   1.00 25.40 ? 87  GLU A CG  1 
ATOM   658  C  CD  . GLU A 1 99  ? -0.177  12.605  3.641   1.00 26.46 ? 87  GLU A CD  1 
ATOM   659  O  OE1 . GLU A 1 99  ? -1.060  12.956  2.840   1.00 27.66 ? 87  GLU A OE1 1 
ATOM   660  O  OE2 . GLU A 1 99  ? -0.436  12.226  4.793   1.00 27.50 ? 87  GLU A OE2 1 
ATOM   661  N  N   . LEU A 1 100 ? 1.900   13.106  -0.524  1.00 22.24 ? 88  LEU A N   1 
ATOM   662  C  CA  . LEU A 1 100 ? 1.670   12.141  -1.592  1.00 22.95 ? 88  LEU A CA  1 
ATOM   663  C  C   . LEU A 1 100 ? 2.965   11.845  -2.339  1.00 24.90 ? 88  LEU A C   1 
ATOM   664  O  O   . LEU A 1 100 ? 3.269   10.675  -2.629  1.00 27.79 ? 88  LEU A O   1 
ATOM   665  C  CB  . LEU A 1 100 ? 0.593   12.644  -2.564  1.00 21.10 ? 88  LEU A CB  1 
ATOM   666  C  CG  . LEU A 1 100 ? -0.774  13.068  -2.003  1.00 23.44 ? 88  LEU A CG  1 
ATOM   667  C  CD1 . LEU A 1 100 ? -1.612  13.710  -3.102  1.00 22.56 ? 88  LEU A CD1 1 
ATOM   668  C  CD2 . LEU A 1 100 ? -1.505  11.864  -1.406  1.00 23.04 ? 88  LEU A CD2 1 
ATOM   669  N  N   . LEU A 1 101 ? 3.741   12.883  -2.653  1.00 23.56 ? 89  LEU A N   1 
ATOM   670  C  CA  . LEU A 1 101 ? 4.980   12.649  -3.371  1.00 23.65 ? 89  LEU A CA  1 
ATOM   671  C  C   . LEU A 1 101 ? 5.885   11.785  -2.525  1.00 24.40 ? 89  LEU A C   1 
ATOM   672  O  O   . LEU A 1 101 ? 6.591   10.922  -3.030  1.00 26.83 ? 89  LEU A O   1 
ATOM   673  C  CB  . LEU A 1 101 ? 5.672   13.971  -3.709  1.00 24.14 ? 89  LEU A CB  1 
ATOM   674  C  CG  . LEU A 1 101 ? 4.994   14.809  -4.803  1.00 25.84 ? 89  LEU A CG  1 
ATOM   675  C  CD1 . LEU A 1 101 ? 5.586   16.207  -4.851  1.00 24.64 ? 89  LEU A CD1 1 
ATOM   676  C  CD2 . LEU A 1 101 ? 5.156   14.111  -6.136  1.00 26.81 ? 89  LEU A CD2 1 
ATOM   677  N  N   . CYS A 1 102 ? 5.887   12.013  -1.223  1.00 24.22 ? 90  CYS A N   1 
ATOM   678  C  CA  . CYS A 1 102 ? 6.730   11.206  -0.362  1.00 24.99 ? 90  CYS A CA  1 
ATOM   679  C  C   . CYS A 1 102 ? 6.356   9.710   -0.481  1.00 25.02 ? 90  CYS A C   1 
ATOM   680  O  O   . CYS A 1 102 ? 7.227   8.843   -0.579  1.00 24.62 ? 90  CYS A O   1 
ATOM   681  C  CB  . CYS A 1 102 ? 6.582   11.680  1.072   1.00 27.16 ? 90  CYS A CB  1 
ATOM   682  S  SG  . CYS A 1 102 ? 7.497   10.683  2.182   1.00 34.10 ? 90  CYS A SG  1 
ATOM   683  N  N   . VAL A 1 103 ? 5.057   9.416   -0.484  1.00 23.77 ? 91  VAL A N   1 
ATOM   684  C  CA  . VAL A 1 103 ? 4.593   8.037   -0.613  1.00 22.83 ? 91  VAL A CA  1 
ATOM   685  C  C   . VAL A 1 103 ? 4.829   7.433   -2.006  1.00 23.13 ? 91  VAL A C   1 
ATOM   686  O  O   . VAL A 1 103 ? 5.351   6.324   -2.103  1.00 23.38 ? 91  VAL A O   1 
ATOM   687  C  CB  . VAL A 1 103 ? 3.082   7.910   -0.287  1.00 22.32 ? 91  VAL A CB  1 
ATOM   688  C  CG1 . VAL A 1 103 ? 2.622   6.472   -0.497  1.00 18.99 ? 91  VAL A CG1 1 
ATOM   689  C  CG2 . VAL A 1 103 ? 2.820   8.345   1.148   1.00 21.43 ? 91  VAL A CG2 1 
ATOM   690  N  N   . VAL A 1 104 ? 4.439   8.115   -3.084  1.00 22.89 ? 92  VAL A N   1 
ATOM   691  C  CA  . VAL A 1 104 ? 4.671   7.508   -4.400  1.00 24.16 ? 92  VAL A CA  1 
ATOM   692  C  C   . VAL A 1 104 ? 6.153   7.419   -4.755  1.00 25.17 ? 92  VAL A C   1 
ATOM   693  O  O   . VAL A 1 104 ? 6.582   6.441   -5.346  1.00 25.64 ? 92  VAL A O   1 
ATOM   694  C  CB  . VAL A 1 104 ? 3.914   8.219   -5.578  1.00 24.83 ? 92  VAL A CB  1 
ATOM   695  C  CG1 . VAL A 1 104 ? 2.388   8.219   -5.315  1.00 21.57 ? 92  VAL A CG1 1 
ATOM   696  C  CG2 . VAL A 1 104 ? 4.449   9.610   -5.795  1.00 24.84 ? 92  VAL A CG2 1 
ATOM   697  N  N   . ARG A 1 105 ? 6.951   8.405   -4.376  1.00 25.18 ? 93  ARG A N   1 
ATOM   698  C  CA  . ARG A 1 105 ? 8.365   8.319   -4.697  1.00 26.62 ? 93  ARG A CA  1 
ATOM   699  C  C   . ARG A 1 105 ? 9.022   7.176   -3.952  1.00 28.29 ? 93  ARG A C   1 
ATOM   700  O  O   . ARG A 1 105 ? 10.085  6.699   -4.364  1.00 28.11 ? 93  ARG A O   1 
ATOM   701  C  CB  . ARG A 1 105 ? 9.088   9.623   -4.377  1.00 27.69 ? 93  ARG A CB  1 
ATOM   702  C  CG  . ARG A 1 105 ? 8.735   10.740  -5.333  1.00 28.66 ? 93  ARG A CG  1 
ATOM   703  C  CD  . ARG A 1 105 ? 9.366   12.050  -4.906  1.00 31.01 ? 93  ARG A CD  1 
ATOM   704  N  NE  . ARG A 1 105 ? 9.113   13.093  -5.897  1.00 33.55 ? 93  ARG A NE  1 
ATOM   705  C  CZ  . ARG A 1 105 ? 9.405   14.379  -5.724  1.00 35.41 ? 93  ARG A CZ  1 
ATOM   706  N  NH1 . ARG A 1 105 ? 9.964   14.788  -4.587  1.00 32.51 ? 93  ARG A NH1 1 
ATOM   707  N  NH2 . ARG A 1 105 ? 9.135   15.257  -6.691  1.00 36.17 ? 93  ARG A NH2 1 
ATOM   708  N  N   . ASN A 1 106 ? 8.410   6.725   -2.854  1.00 28.09 ? 94  ASN A N   1 
ATOM   709  C  CA  . ASN A 1 106 ? 9.000   5.614   -2.117  1.00 27.81 ? 94  ASN A CA  1 
ATOM   710  C  C   . ASN A 1 106 ? 8.445   4.244   -2.464  1.00 27.86 ? 94  ASN A C   1 
ATOM   711  O  O   . ASN A 1 106 ? 8.763   3.260   -1.808  1.00 28.87 ? 94  ASN A O   1 
ATOM   712  C  CB  . ASN A 1 106 ? 8.945   5.877   -0.622  1.00 26.12 ? 94  ASN A CB  1 
ATOM   713  C  CG  . ASN A 1 106 ? 9.994   6.883   -0.200  1.00 27.09 ? 94  ASN A CG  1 
ATOM   714  O  OD1 . ASN A 1 106 ? 11.165  6.547   -0.070  1.00 27.09 ? 94  ASN A OD1 1 
ATOM   715  N  ND2 . ASN A 1 106 ? 9.585   8.130   -0.021  1.00 24.79 ? 94  ASN A ND2 1 
ATOM   716  N  N   . GLY A 1 107 ? 7.621   4.187   -3.506  1.00 27.44 ? 95  GLY A N   1 
ATOM   717  C  CA  . GLY A 1 107 ? 7.101   2.919   -3.972  1.00 26.31 ? 95  GLY A CA  1 
ATOM   718  C  C   . GLY A 1 107 ? 5.670   2.548   -3.671  1.00 26.51 ? 95  GLY A C   1 
ATOM   719  O  O   . GLY A 1 107 ? 5.238   1.460   -4.048  1.00 26.96 ? 95  GLY A O   1 
ATOM   720  N  N   . GLY A 1 108 ? 4.916   3.429   -3.028  1.00 24.73 ? 96  GLY A N   1 
ATOM   721  C  CA  . GLY A 1 108 ? 3.555   3.046   -2.696  1.00 24.00 ? 96  GLY A CA  1 
ATOM   722  C  C   . GLY A 1 108 ? 2.458   3.847   -3.342  1.00 22.61 ? 96  GLY A C   1 
ATOM   723  O  O   . GLY A 1 108 ? 2.681   4.639   -4.239  1.00 22.75 ? 96  GLY A O   1 
ATOM   724  N  N   . ARG A 1 109 ? 1.245   3.626   -2.885  1.00 22.58 ? 97  ARG A N   1 
ATOM   725  C  CA  . ARG A 1 109 ? 0.126   4.360   -3.428  1.00 24.34 ? 97  ARG A CA  1 
ATOM   726  C  C   . ARG A 1 109 ? -0.802  4.739   -2.288  1.00 21.36 ? 97  ARG A C   1 
ATOM   727  O  O   . ARG A 1 109 ? -0.841  4.073   -1.264  1.00 21.81 ? 97  ARG A O   1 
ATOM   728  C  CB  . ARG A 1 109 ? -0.632  3.506   -4.438  1.00 26.81 ? 97  ARG A CB  1 
ATOM   729  C  CG  . ARG A 1 109 ? -1.366  2.357   -3.812  1.00 34.65 ? 97  ARG A CG  1 
ATOM   730  C  CD  . ARG A 1 109 ? -2.629  2.035   -4.607  1.00 38.52 ? 97  ARG A CD  1 
ATOM   731  N  NE  . ARG A 1 109 ? -2.293  1.566   -5.941  1.00 42.81 ? 97  ARG A NE  1 
ATOM   732  C  CZ  . ARG A 1 109 ? -2.931  1.956   -7.035  1.00 44.14 ? 97  ARG A CZ  1 
ATOM   733  N  NH1 . ARG A 1 109 ? -3.937  2.819   -6.924  1.00 44.03 ? 97  ARG A NH1 1 
ATOM   734  N  NH2 . ARG A 1 109 ? -2.548  1.504   -8.234  1.00 43.35 ? 97  ARG A NH2 1 
ATOM   735  N  N   . ILE A 1 110 ? -1.537  5.816   -2.481  1.00 19.92 ? 98  ILE A N   1 
ATOM   736  C  CA  . ILE A 1 110 ? -2.469  6.301   -1.490  1.00 19.90 ? 98  ILE A CA  1 
ATOM   737  C  C   . ILE A 1 110 ? -3.842  6.047   -2.047  1.00 18.99 ? 98  ILE A C   1 
ATOM   738  O  O   . ILE A 1 110 ? -4.216  6.627   -3.066  1.00 18.41 ? 98  ILE A O   1 
ATOM   739  C  CB  . ILE A 1 110 ? -2.300  7.805   -1.257  1.00 21.09 ? 98  ILE A CB  1 
ATOM   740  C  CG1 . ILE A 1 110 ? -0.866  8.082   -0.822  1.00 22.11 ? 98  ILE A CG1 1 
ATOM   741  C  CG2 . ILE A 1 110 ? -3.288  8.294   -0.205  1.00 19.72 ? 98  ILE A CG2 1 
ATOM   742  C  CD1 . ILE A 1 110 ? 0.100   8.227   -1.991  1.00 25.53 ? 98  ILE A CD1 1 
ATOM   743  N  N   . VAL A 1 111 ? -4.586  5.185   -1.364  1.00 18.24 ? 99  VAL A N   1 
ATOM   744  C  CA  . VAL A 1 111 ? -5.910  4.803   -1.780  1.00 17.37 ? 99  VAL A CA  1 
ATOM   745  C  C   . VAL A 1 111 ? -6.987  5.811   -1.400  1.00 18.62 ? 99  VAL A C   1 
ATOM   746  O  O   . VAL A 1 111 ? -7.739  6.260   -2.261  1.00 17.21 ? 99  VAL A O   1 
ATOM   747  C  CB  . VAL A 1 111 ? -6.266  3.411   -1.195  1.00 18.99 ? 99  VAL A CB  1 
ATOM   748  C  CG1 . VAL A 1 111 ? -7.728  3.051   -1.492  1.00 18.62 ? 99  VAL A CG1 1 
ATOM   749  C  CG2 . VAL A 1 111 ? -5.339  2.367   -1.789  1.00 17.39 ? 99  VAL A CG2 1 
ATOM   750  N  N   . ASP A 1 112 ? -7.063  6.171   -0.120  1.00 18.49 ? 100 ASP A N   1 
ATOM   751  C  CA  . ASP A 1 112 ? -8.085  7.101   0.323   1.00 18.52 ? 100 ASP A CA  1 
ATOM   752  C  C   . ASP A 1 112 ? -7.675  7.908   1.532   1.00 18.05 ? 100 ASP A C   1 
ATOM   753  O  O   . ASP A 1 112 ? -6.529  7.861   1.962   1.00 17.18 ? 100 ASP A O   1 
ATOM   754  C  CB  . ASP A 1 112 ? -9.377  6.348   0.662   1.00 20.89 ? 100 ASP A CB  1 
ATOM   755  C  CG  . ASP A 1 112 ? -9.188  5.300   1.751   1.00 24.46 ? 100 ASP A CG  1 
ATOM   756  O  OD1 . ASP A 1 112 ? -8.184  5.326   2.504   1.00 25.56 ? 100 ASP A OD1 1 
ATOM   757  O  OD2 . ASP A 1 112 ? -10.076 4.431   1.863   1.00 28.57 ? 100 ASP A OD2 1 
ATOM   758  N  N   . VAL A 1 113 ? -8.637  8.648   2.077   1.00 17.66 ? 101 VAL A N   1 
ATOM   759  C  CA  . VAL A 1 113 ? -8.422  9.455   3.256   1.00 16.18 ? 101 VAL A CA  1 
ATOM   760  C  C   . VAL A 1 113 ? -9.650  9.382   4.142   1.00 16.67 ? 101 VAL A C   1 
ATOM   761  O  O   . VAL A 1 113 ? -10.775 9.469   3.656   1.00 17.67 ? 101 VAL A O   1 
ATOM   762  C  CB  . VAL A 1 113 ? -8.169  10.925  2.898   1.00 17.65 ? 101 VAL A CB  1 
ATOM   763  C  CG1 . VAL A 1 113 ? -9.366  11.502  2.160   1.00 19.32 ? 101 VAL A CG1 1 
ATOM   764  C  CG2 . VAL A 1 113 ? -7.910  11.736  4.171   1.00 19.27 ? 101 VAL A CG2 1 
ATOM   765  N  N   . ILE A 1 114 ? -9.438  9.203   5.442   1.00 15.68 ? 102 ILE A N   1 
ATOM   766  C  CA  . ILE A 1 114 ? -10.544 9.172   6.400   1.00 15.05 ? 102 ILE A CA  1 
ATOM   767  C  C   . ILE A 1 114 ? -10.254 10.286  7.405   1.00 15.40 ? 102 ILE A C   1 
ATOM   768  O  O   . ILE A 1 114 ? -9.152  10.349  7.958   1.00 15.88 ? 102 ILE A O   1 
ATOM   769  C  CB  . ILE A 1 114 ? -10.621 7.820   7.155   1.00 14.03 ? 102 ILE A CB  1 
ATOM   770  C  CG1 . ILE A 1 114 ? -10.990 6.683   6.194   1.00 13.06 ? 102 ILE A CG1 1 
ATOM   771  C  CG2 . ILE A 1 114 ? -11.647 7.913   8.249   1.00 13.94 ? 102 ILE A CG2 1 
ATOM   772  C  CD1 . ILE A 1 114 ? -10.795 5.270   6.801   1.00 12.45 ? 102 ILE A CD1 1 
ATOM   773  N  N   . VAL A 1 115 ? -11.222 11.178  7.620   1.00 14.89 ? 103 VAL A N   1 
ATOM   774  C  CA  . VAL A 1 115 ? -11.047 12.292  8.553   1.00 15.23 ? 103 VAL A CA  1 
ATOM   775  C  C   . VAL A 1 115 ? -12.324 12.486  9.353   1.00 15.47 ? 103 VAL A C   1 
ATOM   776  O  O   . VAL A 1 115 ? -13.423 12.338  8.811   1.00 15.07 ? 103 VAL A O   1 
ATOM   777  C  CB  . VAL A 1 115 ? -10.714 13.622  7.793   1.00 17.08 ? 103 VAL A CB  1 
ATOM   778  C  CG1 . VAL A 1 115 ? -11.900 14.087  7.007   1.00 17.68 ? 103 VAL A CG1 1 
ATOM   779  C  CG2 . VAL A 1 115 ? -10.286 14.698  8.772   1.00 15.83 ? 103 VAL A CG2 1 
ATOM   780  N  N   . GLU A 1 116 ? -12.205 12.802  10.638  1.00 15.20 ? 104 GLU A N   1 
ATOM   781  C  CA  . GLU A 1 116 ? -13.422 13.004  11.420  1.00 18.99 ? 104 GLU A CA  1 
ATOM   782  C  C   . GLU A 1 116 ? -14.172 14.252  10.955  1.00 20.20 ? 104 GLU A C   1 
ATOM   783  O  O   . GLU A 1 116 ? -13.562 15.218  10.515  1.00 19.92 ? 104 GLU A O   1 
ATOM   784  C  CB  . GLU A 1 116 ? -13.115 13.097  12.905  1.00 19.69 ? 104 GLU A CB  1 
ATOM   785  C  CG  . GLU A 1 116 ? -12.988 11.741  13.567  1.00 21.36 ? 104 GLU A CG  1 
ATOM   786  C  CD  . GLU A 1 116 ? -12.948 11.830  15.092  1.00 23.27 ? 104 GLU A CD  1 
ATOM   787  O  OE1 . GLU A 1 116 ? -13.877 12.419  15.700  1.00 21.25 ? 104 GLU A OE1 1 
ATOM   788  O  OE2 . GLU A 1 116 ? -11.987 11.304  15.676  1.00 23.60 ? 104 GLU A OE2 1 
ATOM   789  N  N   . HIS A 1 117 ? -15.497 14.218  11.053  1.00 22.37 ? 105 HIS A N   1 
ATOM   790  C  CA  . HIS A 1 117 ? -16.345 15.325  10.612  1.00 23.13 ? 105 HIS A CA  1 
ATOM   791  C  C   . HIS A 1 117 ? -17.374 15.615  11.719  1.00 23.96 ? 105 HIS A C   1 
ATOM   792  O  O   . HIS A 1 117 ? -17.910 14.692  12.325  1.00 24.82 ? 105 HIS A O   1 
ATOM   793  C  CB  . HIS A 1 117 ? -17.028 14.909  9.306   1.00 22.55 ? 105 HIS A CB  1 
ATOM   794  C  CG  . HIS A 1 117 ? -17.723 16.024  8.589   1.00 25.98 ? 105 HIS A CG  1 
ATOM   795  N  ND1 . HIS A 1 117 ? -18.965 16.493  8.965   1.00 26.24 ? 105 HIS A ND1 1 
ATOM   796  C  CD2 . HIS A 1 117 ? -17.341 16.778  7.529   1.00 24.36 ? 105 HIS A CD2 1 
ATOM   797  C  CE1 . HIS A 1 117 ? -19.314 17.487  8.170   1.00 25.53 ? 105 HIS A CE1 1 
ATOM   798  N  NE2 . HIS A 1 117 ? -18.348 17.680  7.292   1.00 25.04 ? 105 HIS A NE2 1 
ATOM   799  N  N   . PRO A 1 118 ? -17.671 16.901  11.983  1.00 24.36 ? 106 PRO A N   1 
ATOM   800  C  CA  . PRO A 1 118 ? -18.632 17.275  13.036  1.00 25.35 ? 106 PRO A CA  1 
ATOM   801  C  C   . PRO A 1 118 ? -20.079 16.874  12.791  1.00 25.69 ? 106 PRO A C   1 
ATOM   802  O  O   . PRO A 1 118 ? -20.902 16.889  13.712  1.00 25.49 ? 106 PRO A O   1 
ATOM   803  C  CB  . PRO A 1 118 ? -18.458 18.796  13.143  1.00 26.45 ? 106 PRO A CB  1 
ATOM   804  C  CG  . PRO A 1 118 ? -18.112 19.181  11.693  1.00 27.80 ? 106 PRO A CG  1 
ATOM   805  C  CD  . PRO A 1 118 ? -17.124 18.098  11.308  1.00 25.11 ? 106 PRO A CD  1 
ATOM   806  N  N   . VAL A 1 119 ? -20.402 16.502  11.559  1.00 24.39 ? 107 VAL A N   1 
ATOM   807  C  CA  . VAL A 1 119 ? -21.769 16.113  11.277  1.00 23.48 ? 107 VAL A CA  1 
ATOM   808  C  C   . VAL A 1 119 ? -21.939 14.630  10.953  1.00 23.44 ? 107 VAL A C   1 
ATOM   809  O  O   . VAL A 1 119 ? -22.845 13.958  11.462  1.00 22.02 ? 107 VAL A O   1 
ATOM   810  C  CB  . VAL A 1 119 ? -22.325 16.933  10.104  1.00 24.19 ? 107 VAL A CB  1 
ATOM   811  C  CG1 . VAL A 1 119 ? -23.709 16.434  9.726   1.00 23.14 ? 107 VAL A CG1 1 
ATOM   812  C  CG2 . VAL A 1 119 ? -22.373 18.410  10.496  1.00 26.45 ? 107 VAL A CG2 1 
ATOM   813  N  N   . TYR A 1 120 ? -21.052 14.128  10.109  1.00 22.15 ? 108 TYR A N   1 
ATOM   814  C  CA  . TYR A 1 120 ? -21.132 12.767  9.648   1.00 22.02 ? 108 TYR A CA  1 
ATOM   815  C  C   . TYR A 1 120 ? -20.220 11.764  10.334  1.00 21.62 ? 108 TYR A C   1 
ATOM   816  O  O   . TYR A 1 120 ? -19.977 10.691  9.800   1.00 22.05 ? 108 TYR A O   1 
ATOM   817  C  CB  . TYR A 1 120 ? -20.880 12.785  8.144   1.00 23.29 ? 108 TYR A CB  1 
ATOM   818  C  CG  . TYR A 1 120 ? -21.973 13.498  7.376   1.00 24.20 ? 108 TYR A CG  1 
ATOM   819  C  CD1 . TYR A 1 120 ? -23.191 12.876  7.156   1.00 24.94 ? 108 TYR A CD1 1 
ATOM   820  C  CD2 . TYR A 1 120 ? -21.808 14.809  6.913   1.00 25.03 ? 108 TYR A CD2 1 
ATOM   821  C  CE1 . TYR A 1 120 ? -24.227 13.521  6.505   1.00 26.44 ? 108 TYR A CE1 1 
ATOM   822  C  CE2 . TYR A 1 120 ? -22.845 15.471  6.254   1.00 25.02 ? 108 TYR A CE2 1 
ATOM   823  C  CZ  . TYR A 1 120 ? -24.058 14.813  6.057   1.00 27.24 ? 108 TYR A CZ  1 
ATOM   824  O  OH  . TYR A 1 120 ? -25.130 15.415  5.430   1.00 29.17 ? 108 TYR A OH  1 
ATOM   825  N  N   . GLY A 1 121 ? -19.725 12.105  11.518  1.00 21.70 ? 109 GLY A N   1 
ATOM   826  C  CA  . GLY A 1 121 ? -18.838 11.208  12.237  1.00 19.07 ? 109 GLY A CA  1 
ATOM   827  C  C   . GLY A 1 121 ? -17.465 11.272  11.597  1.00 19.53 ? 109 GLY A C   1 
ATOM   828  O  O   . GLY A 1 121 ? -16.514 11.814  12.168  1.00 18.81 ? 109 GLY A O   1 
ATOM   829  N  N   . GLU A 1 122 ? -17.364 10.701  10.405  1.00 17.35 ? 110 GLU A N   1 
ATOM   830  C  CA  . GLU A 1 122 ? -16.130 10.721  9.636   1.00 18.48 ? 110 GLU A CA  1 
ATOM   831  C  C   . GLU A 1 122 ? -16.535 10.664  8.170   1.00 17.51 ? 110 GLU A C   1 
ATOM   832  O  O   . GLU A 1 122 ? -17.616 10.223  7.844   1.00 15.21 ? 110 GLU A O   1 
ATOM   833  C  CB  . GLU A 1 122 ? -15.237 9.510   9.975   1.00 18.43 ? 110 GLU A CB  1 
ATOM   834  C  CG  . GLU A 1 122 ? -15.863 8.123   9.710   1.00 20.03 ? 110 GLU A CG  1 
ATOM   835  C  CD  . GLU A 1 122 ? -14.957 6.965   10.167  1.00 23.88 ? 110 GLU A CD  1 
ATOM   836  O  OE1 . GLU A 1 122 ? -14.529 6.961   11.356  1.00 23.28 ? 110 GLU A OE1 1 
ATOM   837  O  OE2 . GLU A 1 122 ? -14.675 6.059   9.342   1.00 22.85 ? 110 GLU A OE2 1 
ATOM   838  N  N   . ILE A 1 123 ? -15.681 11.149  7.293   1.00 19.10 ? 111 ILE A N   1 
ATOM   839  C  CA  . ILE A 1 123 ? -15.971 11.065  5.880   1.00 22.29 ? 111 ILE A CA  1 
ATOM   840  C  C   . ILE A 1 123 ? -14.772 10.385  5.274   1.00 20.60 ? 111 ILE A C   1 
ATOM   841  O  O   . ILE A 1 123 ? -13.650 10.551  5.741   1.00 20.35 ? 111 ILE A O   1 
ATOM   842  C  CB  . ILE A 1 123 ? -16.184 12.452  5.212   1.00 25.44 ? 111 ILE A CB  1 
ATOM   843  C  CG1 . ILE A 1 123 ? -14.978 13.342  5.455   1.00 27.47 ? 111 ILE A CG1 1 
ATOM   844  C  CG2 . ILE A 1 123 ? -17.463 13.137  5.766   1.00 25.76 ? 111 ILE A CG2 1 
ATOM   845  C  CD1 . ILE A 1 123 ? -15.207 14.752  4.958   1.00 33.31 ? 111 ILE A CD1 1 
ATOM   846  N  N   . ARG A 1 124 ? -15.023 9.576   4.260   1.00 21.08 ? 112 ARG A N   1 
ATOM   847  C  CA  . ARG A 1 124 ? -13.964 8.870   3.571   1.00 19.59 ? 112 ARG A CA  1 
ATOM   848  C  C   . ARG A 1 124 ? -13.944 9.404   2.145   1.00 17.74 ? 112 ARG A C   1 
ATOM   849  O  O   . ARG A 1 124 ? -14.965 9.375   1.456   1.00 14.36 ? 112 ARG A O   1 
ATOM   850  C  CB  . ARG A 1 124 ? -14.248 7.368   3.551   1.00 22.31 ? 112 ARG A CB  1 
ATOM   851  C  CG  . ARG A 1 124 ? -13.115 6.589   2.918   1.00 29.99 ? 112 ARG A CG  1 
ATOM   852  C  CD  . ARG A 1 124 ? -13.498 5.196   2.396   1.00 36.48 ? 112 ARG A CD  1 
ATOM   853  N  NE  . ARG A 1 124 ? -12.598 4.863   1.278   1.00 45.21 ? 112 ARG A NE  1 
ATOM   854  C  CZ  . ARG A 1 124 ? -12.626 3.746   0.550   1.00 47.25 ? 112 ARG A CZ  1 
ATOM   855  N  NH1 . ARG A 1 124 ? -13.529 2.792   0.798   1.00 51.31 ? 112 ARG A NH1 1 
ATOM   856  N  NH2 . ARG A 1 124 ? -11.741 3.578   -0.431  1.00 45.09 ? 112 ARG A NH2 1 
ATOM   857  N  N   . GLY A 1 125 ? -12.791 9.906   1.721   1.00 15.34 ? 113 GLY A N   1 
ATOM   858  C  CA  . GLY A 1 125 ? -12.657 10.427  0.373   1.00 15.85 ? 113 GLY A CA  1 
ATOM   859  C  C   . GLY A 1 125 ? -11.658 9.594   -0.408  1.00 17.52 ? 113 GLY A C   1 
ATOM   860  O  O   . GLY A 1 125 ? -10.789 8.937   0.172   1.00 18.50 ? 113 GLY A O   1 
ATOM   861  N  N   . ILE A 1 126 ? -11.770 9.602   -1.727  1.00 17.90 ? 114 ILE A N   1 
ATOM   862  C  CA  . ILE A 1 126 ? -10.866 8.810   -2.555  1.00 16.87 ? 114 ILE A CA  1 
ATOM   863  C  C   . ILE A 1 126 ? -9.717  9.623   -3.111  1.00 16.23 ? 114 ILE A C   1 
ATOM   864  O  O   . ILE A 1 126 ? -9.896  10.760  -3.528  1.00 17.08 ? 114 ILE A O   1 
ATOM   865  C  CB  . ILE A 1 126 ? -11.629 8.157   -3.722  1.00 17.79 ? 114 ILE A CB  1 
ATOM   866  C  CG1 . ILE A 1 126 ? -12.663 7.204   -3.139  1.00 17.03 ? 114 ILE A CG1 1 
ATOM   867  C  CG2 . ILE A 1 126 ? -10.661 7.397   -4.644  1.00 14.77 ? 114 ILE A CG2 1 
ATOM   868  C  CD1 . ILE A 1 126 ? -13.348 6.364   -4.141  1.00 18.52 ? 114 ILE A CD1 1 
ATOM   869  N  N   . ILE A 1 127 ? -8.525  9.049   -3.087  1.00 15.71 ? 115 ILE A N   1 
ATOM   870  C  CA  . ILE A 1 127 ? -7.358  9.730   -3.617  1.00 18.21 ? 115 ILE A CA  1 
ATOM   871  C  C   . ILE A 1 127 ? -6.853  8.936   -4.830  1.00 19.56 ? 115 ILE A C   1 
ATOM   872  O  O   . ILE A 1 127 ? -6.791  9.463   -5.921  1.00 17.73 ? 115 ILE A O   1 
ATOM   873  C  CB  . ILE A 1 127 ? -6.297  9.881   -2.526  1.00 18.11 ? 115 ILE A CB  1 
ATOM   874  C  CG1 . ILE A 1 127 ? -6.881  10.754  -1.409  1.00 18.46 ? 115 ILE A CG1 1 
ATOM   875  C  CG2 . ILE A 1 127 ? -5.032  10.503  -3.094  1.00 17.12 ? 115 ILE A CG2 1 
ATOM   876  C  CD1 . ILE A 1 127 ? -5.940  11.043  -0.269  1.00 18.82 ? 115 ILE A CD1 1 
ATOM   877  N  N   . ASP A 1 128 ? -6.498  7.670   -4.625  1.00 22.82 ? 116 ASP A N   1 
ATOM   878  C  CA  . ASP A 1 128 ? -6.079  6.780   -5.709  1.00 25.25 ? 116 ASP A CA  1 
ATOM   879  C  C   . ASP A 1 128 ? -4.947  7.270   -6.630  1.00 26.30 ? 116 ASP A C   1 
ATOM   880  O  O   . ASP A 1 128 ? -5.140  7.418   -7.840  1.00 24.95 ? 116 ASP A O   1 
ATOM   881  C  CB  . ASP A 1 128 ? -7.329  6.429   -6.532  1.00 29.70 ? 116 ASP A CB  1 
ATOM   882  C  CG  . ASP A 1 128 ? -7.065  5.402   -7.620  1.00 36.03 ? 116 ASP A CG  1 
ATOM   883  O  OD1 . ASP A 1 128 ? -6.145  4.564   -7.465  1.00 39.26 ? 116 ASP A OD1 1 
ATOM   884  O  OD2 . ASP A 1 128 ? -7.798  5.420   -8.636  1.00 39.53 ? 116 ASP A OD2 1 
ATOM   885  N  N   . VAL A 1 129 ? -3.771  7.512   -6.051  1.00 25.26 ? 117 VAL A N   1 
ATOM   886  C  CA  . VAL A 1 129 ? -2.603  7.954   -6.811  1.00 25.72 ? 117 VAL A CA  1 
ATOM   887  C  C   . VAL A 1 129 ? -1.403  7.055   -6.495  1.00 26.15 ? 117 VAL A C   1 
ATOM   888  O  O   . VAL A 1 129 ? -1.134  6.740   -5.324  1.00 24.78 ? 117 VAL A O   1 
ATOM   889  C  CB  . VAL A 1 129 ? -2.218  9.422   -6.484  1.00 26.93 ? 117 VAL A CB  1 
ATOM   890  C  CG1 . VAL A 1 129 ? -3.340  10.354  -6.904  1.00 27.72 ? 117 VAL A CG1 1 
ATOM   891  C  CG2 . VAL A 1 129 ? -1.935  9.576   -5.018  1.00 26.77 ? 117 VAL A CG2 1 
ATOM   892  N  N   . SER A 1 130 ? -0.685  6.647   -7.541  1.00 26.15 ? 118 SER A N   1 
ATOM   893  C  CA  . SER A 1 130 ? 0.467   5.773   -7.381  1.00 27.04 ? 118 SER A CA  1 
ATOM   894  C  C   . SER A 1 130 ? 1.704   6.204   -8.161  1.00 26.54 ? 118 SER A C   1 
ATOM   895  O  O   . SER A 1 130 ? 2.693   5.470   -8.215  1.00 27.16 ? 118 SER A O   1 
ATOM   896  C  CB  . SER A 1 130 ? 0.090   4.356   -7.782  1.00 28.05 ? 118 SER A CB  1 
ATOM   897  O  OG  . SER A 1 130 ? -0.522  4.388   -9.054  1.00 34.32 ? 118 SER A OG  1 
ATOM   898  N  N   . SER A 1 131 ? 1.666   7.396   -8.739  1.00 26.27 ? 119 SER A N   1 
ATOM   899  C  CA  . SER A 1 131 ? 2.810   7.902   -9.496  1.00 26.38 ? 119 SER A CA  1 
ATOM   900  C  C   . SER A 1 131 ? 2.874   9.411   -9.353  1.00 28.30 ? 119 SER A C   1 
ATOM   901  O  O   . SER A 1 131 ? 1.906   10.061  -8.943  1.00 28.56 ? 119 SER A O   1 
ATOM   902  C  CB  . SER A 1 131 ? 2.693   7.538   -10.987 1.00 23.47 ? 119 SER A CB  1 
ATOM   903  O  OG  . SER A 1 131 ? 1.636   8.246   -11.630 1.00 22.17 ? 119 SER A OG  1 
ATOM   904  N  N   . GLU A 1 132 ? 4.016   9.981   -9.706  1.00 30.91 ? 120 GLU A N   1 
ATOM   905  C  CA  . GLU A 1 132 ? 4.170   11.419  -9.601  1.00 31.60 ? 120 GLU A CA  1 
ATOM   906  C  C   . GLU A 1 132 ? 3.192   12.150  -10.505 1.00 30.47 ? 120 GLU A C   1 
ATOM   907  O  O   . GLU A 1 132 ? 2.650   13.193  -10.136 1.00 32.51 ? 120 GLU A O   1 
ATOM   908  C  CB  . GLU A 1 132 ? 5.608   11.827  -9.920  1.00 33.34 ? 120 GLU A CB  1 
ATOM   909  C  CG  . GLU A 1 132 ? 5.848   13.289  -9.671  1.00 36.96 ? 120 GLU A CG  1 
ATOM   910  C  CD  . GLU A 1 132 ? 7.283   13.593  -9.328  1.00 39.97 ? 120 GLU A CD  1 
ATOM   911  O  OE1 . GLU A 1 132 ? 8.037   12.633  -9.011  1.00 41.36 ? 120 GLU A OE1 1 
ATOM   912  O  OE2 . GLU A 1 132 ? 7.647   14.794  -9.362  1.00 41.40 ? 120 GLU A OE2 1 
ATOM   913  N  N   . GLU A 1 133 ? 2.943   11.616  -11.688 1.00 29.34 ? 121 GLU A N   1 
ATOM   914  C  CA  . GLU A 1 133 ? 1.999   12.280  -12.581 1.00 28.63 ? 121 GLU A CA  1 
ATOM   915  C  C   . GLU A 1 133 ? 0.591   12.289  -11.987 1.00 27.29 ? 121 GLU A C   1 
ATOM   916  O  O   . GLU A 1 133 ? -0.104  13.293  -12.071 1.00 28.09 ? 121 GLU A O   1 
ATOM   917  C  CB  . GLU A 1 133 ? 1.973   11.595  -13.946 1.00 29.79 ? 121 GLU A CB  1 
ATOM   918  C  CG  . GLU A 1 133 ? 1.039   12.269  -14.942 1.00 35.35 ? 121 GLU A CG  1 
ATOM   919  C  CD  . GLU A 1 133 ? 1.086   11.615  -16.316 1.00 40.34 ? 121 GLU A CD  1 
ATOM   920  O  OE1 . GLU A 1 133 ? 2.008   10.796  -16.572 1.00 41.65 ? 121 GLU A OE1 1 
ATOM   921  O  OE2 . GLU A 1 133 ? 0.207   11.929  -17.144 1.00 42.52 ? 121 GLU A OE2 1 
ATOM   922  N  N   . GLU A 1 134 ? 0.157   11.174  -11.402 1.00 25.93 ? 122 GLU A N   1 
ATOM   923  C  CA  . GLU A 1 134 ? -1.176  11.125  -10.796 1.00 27.66 ? 122 GLU A CA  1 
ATOM   924  C  C   . GLU A 1 134 ? -1.251  12.073  -9.585  1.00 27.08 ? 122 GLU A C   1 
ATOM   925  O  O   . GLU A 1 134 ? -2.289  12.679  -9.319  1.00 27.30 ? 122 GLU A O   1 
ATOM   926  C  CB  . GLU A 1 134 ? -1.526  9.689   -10.392 1.00 28.14 ? 122 GLU A CB  1 
ATOM   927  C  CG  . GLU A 1 134 ? -1.651  8.756   -11.589 1.00 30.09 ? 122 GLU A CG  1 
ATOM   928  C  CD  . GLU A 1 134 ? -2.047  7.342   -11.212 1.00 31.09 ? 122 GLU A CD  1 
ATOM   929  O  OE1 . GLU A 1 134 ? -1.822  6.954   -10.051 1.00 33.17 ? 122 GLU A OE1 1 
ATOM   930  O  OE2 . GLU A 1 134 ? -2.562  6.606   -12.081 1.00 31.60 ? 122 GLU A OE2 1 
ATOM   931  N  N   . VAL A 1 135 ? -0.146  12.215  -8.861  1.00 27.33 ? 123 VAL A N   1 
ATOM   932  C  CA  . VAL A 1 135 ? -0.116  13.124  -7.723  1.00 27.88 ? 123 VAL A CA  1 
ATOM   933  C  C   . VAL A 1 135 ? -0.346  14.533  -8.257  1.00 27.79 ? 123 VAL A C   1 
ATOM   934  O  O   . VAL A 1 135 ? -1.242  15.254  -7.788  1.00 28.70 ? 123 VAL A O   1 
ATOM   935  C  CB  . VAL A 1 135 ? 1.243   13.063  -6.993  1.00 28.74 ? 123 VAL A CB  1 
ATOM   936  C  CG1 . VAL A 1 135 ? 1.362   14.225  -6.008  1.00 31.10 ? 123 VAL A CG1 1 
ATOM   937  C  CG2 . VAL A 1 135 ? 1.371   11.727  -6.252  1.00 28.98 ? 123 VAL A CG2 1 
ATOM   938  N  N   . LEU A 1 136 ? 0.440   14.918  -9.259  1.00 26.40 ? 124 LEU A N   1 
ATOM   939  C  CA  . LEU A 1 136 ? 0.295   16.249  -9.853  1.00 25.96 ? 124 LEU A CA  1 
ATOM   940  C  C   . LEU A 1 136 ? -1.098  16.465  -10.433 1.00 23.81 ? 124 LEU A C   1 
ATOM   941  O  O   . LEU A 1 136 ? -1.660  17.544  -10.330 1.00 22.90 ? 124 LEU A O   1 
ATOM   942  C  CB  . LEU A 1 136 ? 1.375   16.477  -10.923 1.00 26.36 ? 124 LEU A CB  1 
ATOM   943  C  CG  . LEU A 1 136 ? 2.777   16.331  -10.323 1.00 26.65 ? 124 LEU A CG  1 
ATOM   944  C  CD1 . LEU A 1 136 ? 3.824   16.539  -11.390 1.00 26.73 ? 124 LEU A CD1 1 
ATOM   945  C  CD2 . LEU A 1 136 ? 2.945   17.333  -9.170  1.00 27.85 ? 124 LEU A CD2 1 
ATOM   946  N  N   . LYS A 1 137 ? -1.679  15.444  -11.035 1.00 24.82 ? 125 LYS A N   1 
ATOM   947  C  CA  . LYS A 1 137 ? -3.030  15.624  -11.565 1.00 28.17 ? 125 LYS A CA  1 
ATOM   948  C  C   . LYS A 1 137 ? -4.005  15.809  -10.412 1.00 28.48 ? 125 LYS A C   1 
ATOM   949  O  O   . LYS A 1 137 ? -4.928  16.610  -10.497 1.00 30.07 ? 125 LYS A O   1 
ATOM   950  C  CB  . LYS A 1 137 ? -3.443  14.427  -12.423 1.00 29.95 ? 125 LYS A CB  1 
ATOM   951  C  CG  . LYS A 1 137 ? -2.512  14.221  -13.631 1.00 34.34 ? 125 LYS A CG  1 
ATOM   952  C  CD  . LYS A 1 137 ? -3.020  13.142  -14.597 1.00 38.44 ? 125 LYS A CD  1 
ATOM   953  C  CE  . LYS A 1 137 ? -2.101  13.014  -15.814 1.00 40.19 ? 125 LYS A CE  1 
ATOM   954  N  NZ  . LYS A 1 137 ? -2.584  12.012  -16.814 1.00 42.67 ? 125 LYS A NZ  1 
ATOM   955  N  N   . PHE A 1 138 ? -3.787  15.089  -9.314  1.00 29.31 ? 126 PHE A N   1 
ATOM   956  C  CA  . PHE A 1 138 ? -4.679  15.209  -8.159  1.00 28.11 ? 126 PHE A CA  1 
ATOM   957  C  C   . PHE A 1 138 ? -4.606  16.593  -7.515  1.00 26.85 ? 126 PHE A C   1 
ATOM   958  O  O   . PHE A 1 138 ? -5.629  17.204  -7.211  1.00 24.85 ? 126 PHE A O   1 
ATOM   959  C  CB  . PHE A 1 138 ? -4.355  14.130  -7.100  1.00 25.67 ? 126 PHE A CB  1 
ATOM   960  C  CG  . PHE A 1 138 ? -5.151  14.282  -5.840  1.00 23.76 ? 126 PHE A CG  1 
ATOM   961  C  CD1 . PHE A 1 138 ? -4.658  15.030  -4.782  1.00 21.56 ? 126 PHE A CD1 1 
ATOM   962  C  CD2 . PHE A 1 138 ? -6.430  13.747  -5.745  1.00 21.79 ? 126 PHE A CD2 1 
ATOM   963  C  CE1 . PHE A 1 138 ? -5.425  15.249  -3.646  1.00 23.25 ? 126 PHE A CE1 1 
ATOM   964  C  CE2 . PHE A 1 138 ? -7.205  13.960  -4.618  1.00 23.09 ? 126 PHE A CE2 1 
ATOM   965  C  CZ  . PHE A 1 138 ? -6.703  14.715  -3.564  1.00 23.75 ? 126 PHE A CZ  1 
ATOM   966  N  N   . VAL A 1 139 ? -3.387  17.071  -7.298  1.00 26.56 ? 127 VAL A N   1 
ATOM   967  C  CA  . VAL A 1 139 ? -3.184  18.381  -6.694  1.00 28.67 ? 127 VAL A CA  1 
ATOM   968  C  C   . VAL A 1 139 ? -3.763  19.475  -7.599  1.00 29.72 ? 127 VAL A C   1 
ATOM   969  O  O   . VAL A 1 139 ? -4.530  20.327  -7.154  1.00 28.28 ? 127 VAL A O   1 
ATOM   970  C  CB  . VAL A 1 139 ? -1.665  18.623  -6.441  1.00 28.10 ? 127 VAL A CB  1 
ATOM   971  C  CG1 . VAL A 1 139 ? -1.419  20.023  -5.947  1.00 27.57 ? 127 VAL A CG1 1 
ATOM   972  C  CG2 . VAL A 1 139 ? -1.152  17.611  -5.420  1.00 27.95 ? 127 VAL A CG2 1 
ATOM   973  N  N   . ASN A 1 140 ? -3.395  19.432  -8.874  1.00 31.77 ? 128 ASN A N   1 
ATOM   974  C  CA  . ASN A 1 140 ? -3.871  20.399  -9.858  1.00 35.48 ? 128 ASN A CA  1 
ATOM   975  C  C   . ASN A 1 140 ? -5.393  20.402  -9.790  1.00 36.53 ? 128 ASN A C   1 
ATOM   976  O  O   . ASN A 1 140 ? -6.031  21.433  -9.609  1.00 37.01 ? 128 ASN A O   1 
ATOM   977  C  CB  . ASN A 1 140 ? -3.389  19.971  -11.256 1.00 36.33 ? 128 ASN A CB  1 
ATOM   978  C  CG  . ASN A 1 140 ? -3.382  21.109  -12.259 1.00 38.73 ? 128 ASN A CG  1 
ATOM   979  O  OD1 . ASN A 1 140 ? -3.233  22.291  -11.902 1.00 37.64 ? 128 ASN A OD1 1 
ATOM   980  N  ND2 . ASN A 1 140 ? -3.506  20.754  -13.536 1.00 38.84 ? 128 ASN A ND2 1 
ATOM   981  N  N   . LEU A 1 141 ? -5.964  19.213  -9.914  1.00 38.06 ? 129 LEU A N   1 
ATOM   982  C  CA  . LEU A 1 141 ? -7.399  19.023  -9.867  1.00 38.23 ? 129 LEU A CA  1 
ATOM   983  C  C   . LEU A 1 141 ? -7.952  19.660  -8.598  1.00 38.07 ? 129 LEU A C   1 
ATOM   984  O  O   . LEU A 1 141 ? -8.956  20.363  -8.631  1.00 38.59 ? 129 LEU A O   1 
ATOM   985  C  CB  . LEU A 1 141 ? -7.685  17.524  -9.881  1.00 40.84 ? 129 LEU A CB  1 
ATOM   986  C  CG  . LEU A 1 141 ? -8.714  16.971  -10.859 1.00 43.70 ? 129 LEU A CG  1 
ATOM   987  C  CD1 . LEU A 1 141 ? -8.105  15.768  -11.629 1.00 43.26 ? 129 LEU A CD1 1 
ATOM   988  C  CD2 . LEU A 1 141 ? -9.977  16.568  -10.076 1.00 46.00 ? 129 LEU A CD2 1 
HETATM 989  N  N   . MSE A 1 142 ? -7.285  19.412  -7.480  1.00 37.29 ? 130 MSE A N   1 
HETATM 990  C  CA  . MSE A 1 142 ? -7.690  19.959  -6.188  1.00 37.99 ? 130 MSE A CA  1 
HETATM 991  C  C   . MSE A 1 142 ? -7.586  21.483  -6.102  1.00 38.07 ? 130 MSE A C   1 
HETATM 992  O  O   . MSE A 1 142 ? -8.447  22.146  -5.530  1.00 38.68 ? 130 MSE A O   1 
HETATM 993  C  CB  . MSE A 1 142 ? -6.831  19.344  -5.094  1.00 38.93 ? 130 MSE A CB  1 
HETATM 994  C  CG  . MSE A 1 142 ? -7.095  19.876  -3.713  1.00 40.93 ? 130 MSE A CG  1 
HETATM 995  SE SE  . MSE A 1 142 ? -5.827  19.105  -2.476  1.00 46.14 ? 130 MSE A SE  1 
HETATM 996  C  CE  . MSE A 1 142 ? -4.425  20.444  -2.698  1.00 45.25 ? 130 MSE A CE  1 
ATOM   997  N  N   . GLU A 1 143 ? -6.517  22.041  -6.652  1.00 37.26 ? 131 GLU A N   1 
ATOM   998  C  CA  . GLU A 1 143 ? -6.336  23.486  -6.621  1.00 37.19 ? 131 GLU A CA  1 
ATOM   999  C  C   . GLU A 1 143 ? -7.335  24.228  -7.481  1.00 37.04 ? 131 GLU A C   1 
ATOM   1000 O  O   . GLU A 1 143 ? -7.699  25.339  -7.149  1.00 35.97 ? 131 GLU A O   1 
ATOM   1001 C  CB  . GLU A 1 143 ? -4.916  23.846  -7.040  1.00 36.69 ? 131 GLU A CB  1 
ATOM   1002 C  CG  . GLU A 1 143 ? -3.943  23.762  -5.893  1.00 40.06 ? 131 GLU A CG  1 
ATOM   1003 C  CD  . GLU A 1 143 ? -2.574  23.295  -6.332  1.00 44.17 ? 131 GLU A CD  1 
ATOM   1004 O  OE1 . GLU A 1 143 ? -2.344  23.181  -7.563  1.00 45.23 ? 131 GLU A OE1 1 
ATOM   1005 O  OE2 . GLU A 1 143 ? -1.728  23.047  -5.441  1.00 45.34 ? 131 GLU A OE2 1 
HETATM 1006 N  N   . MSE A 1 144 ? -7.784  23.612  -8.573  1.00 39.40 ? 132 MSE A N   1 
HETATM 1007 C  CA  . MSE A 1 144 ? -8.749  24.255  -9.461  1.00 44.00 ? 132 MSE A CA  1 
HETATM 1008 C  C   . MSE A 1 144 ? -10.168 24.249  -8.856  1.00 45.28 ? 132 MSE A C   1 
HETATM 1009 O  O   . MSE A 1 144 ? -10.994 25.081  -9.208  1.00 46.34 ? 132 MSE A O   1 
HETATM 1010 C  CB  . MSE A 1 144 ? -8.734  23.593  -10.881 1.00 46.40 ? 132 MSE A CB  1 
HETATM 1011 C  CG  . MSE A 1 144 ? -7.461  23.894  -11.747 1.00 49.35 ? 132 MSE A CG  1 
HETATM 1012 SE SE  . MSE A 1 144 ? -7.274  23.253  -13.670 1.00 56.46 ? 132 MSE A SE  1 
HETATM 1013 C  CE  . MSE A 1 144 ? -7.071  21.328  -13.425 1.00 53.23 ? 132 MSE A CE  1 
ATOM   1014 N  N   . ALA A 1 145 ? -10.437 23.340  -7.919  1.00 47.29 ? 133 ALA A N   1 
ATOM   1015 C  CA  . ALA A 1 145 ? -11.759 23.235  -7.288  1.00 48.25 ? 133 ALA A CA  1 
ATOM   1016 C  C   . ALA A 1 145 ? -11.980 24.338  -6.264  1.00 49.00 ? 133 ALA A C   1 
ATOM   1017 O  O   . ALA A 1 145 ? -11.018 24.914  -5.774  1.00 49.42 ? 133 ALA A O   1 
ATOM   1018 C  CB  . ALA A 1 145 ? -11.914 21.869  -6.628  1.00 48.57 ? 133 ALA A CB  1 
ATOM   1019 N  N   . LYS A 1 146 ? -13.239 24.610  -5.917  1.00 49.67 ? 134 LYS A N   1 
ATOM   1020 C  CA  . LYS A 1 146 ? -13.549 25.692  -4.971  1.00 50.75 ? 134 LYS A CA  1 
ATOM   1021 C  C   . LYS A 1 146 ? -14.290 25.349  -3.667  1.00 50.99 ? 134 LYS A C   1 
ATOM   1022 O  O   . LYS A 1 146 ? -14.944 26.212  -3.075  1.00 51.07 ? 134 LYS A O   1 
ATOM   1023 C  CB  . LYS A 1 146 ? -14.335 26.800  -5.703  1.00 51.13 ? 134 LYS A CB  1 
ATOM   1024 C  CG  . LYS A 1 146 ? -13.548 27.496  -6.802  0.00 49.33 ? 134 LYS A CG  1 
ATOM   1025 C  CD  . LYS A 1 146 ? -14.349 28.628  -7.423  0.00 48.40 ? 134 LYS A CD  1 
ATOM   1026 C  CE  . LYS A 1 146 ? -13.543 29.357  -8.487  0.00 47.66 ? 134 LYS A CE  1 
ATOM   1027 N  NZ  . LYS A 1 146 ? -14.309 30.483  -9.086  0.00 47.12 ? 134 LYS A NZ  1 
ATOM   1028 N  N   . THR A 1 147 ? -14.171 24.112  -3.202  1.00 51.12 ? 135 THR A N   1 
ATOM   1029 C  CA  . THR A 1 147 ? -14.848 23.696  -1.976  1.00 50.41 ? 135 THR A CA  1 
ATOM   1030 C  C   . THR A 1 147 ? -13.980 23.910  -0.747  1.00 49.65 ? 135 THR A C   1 
ATOM   1031 O  O   . THR A 1 147 ? -12.792 24.193  -0.863  1.00 48.47 ? 135 THR A O   1 
ATOM   1032 C  CB  . THR A 1 147 ? -15.218 22.202  -2.042  1.00 51.74 ? 135 THR A CB  1 
ATOM   1033 O  OG1 . THR A 1 147 ? -14.054 21.440  -2.398  1.00 50.23 ? 135 THR A OG1 1 
ATOM   1034 C  CG2 . THR A 1 147 ? -16.312 21.973  -3.076  1.00 52.11 ? 135 THR A CG2 1 
ATOM   1035 N  N   . GLU A 1 148 ? -14.583 23.759  0.428   1.00 50.19 ? 136 GLU A N   1 
ATOM   1036 C  CA  . GLU A 1 148 ? -13.869 23.914  1.694   1.00 50.96 ? 136 GLU A CA  1 
ATOM   1037 C  C   . GLU A 1 148 ? -12.919 22.732  1.844   1.00 50.30 ? 136 GLU A C   1 
ATOM   1038 O  O   . GLU A 1 148 ? -13.276 21.597  1.510   1.00 49.61 ? 136 GLU A O   1 
ATOM   1039 C  CB  . GLU A 1 148 ? -14.857 23.917  2.873   1.00 54.21 ? 136 GLU A CB  1 
ATOM   1040 C  CG  . GLU A 1 148 ? -14.187 23.980  4.259   1.00 58.58 ? 136 GLU A CG  1 
ATOM   1041 C  CD  . GLU A 1 148 ? -15.075 23.458  5.405   1.00 61.83 ? 136 GLU A CD  1 
ATOM   1042 O  OE1 . GLU A 1 148 ? -15.442 22.253  5.394   1.00 63.53 ? 136 GLU A OE1 1 
ATOM   1043 O  OE2 . GLU A 1 148 ? -15.394 24.249  6.325   1.00 62.45 ? 136 GLU A OE2 1 
ATOM   1044 N  N   . PRO A 1 149 ? -11.693 22.979  2.339   1.00 49.74 ? 137 PRO A N   1 
ATOM   1045 C  CA  . PRO A 1 149 ? -10.762 21.861  2.498   1.00 49.09 ? 137 PRO A CA  1 
ATOM   1046 C  C   . PRO A 1 149 ? -11.286 20.941  3.591   1.00 49.47 ? 137 PRO A C   1 
ATOM   1047 O  O   . PRO A 1 149 ? -11.944 21.396  4.535   1.00 48.70 ? 137 PRO A O   1 
ATOM   1048 C  CB  . PRO A 1 149 ? -9.447  22.546  2.902   1.00 49.19 ? 137 PRO A CB  1 
ATOM   1049 C  CG  . PRO A 1 149 ? -9.556  23.916  2.288   1.00 48.49 ? 137 PRO A CG  1 
ATOM   1050 C  CD  . PRO A 1 149 ? -11.012 24.264  2.583   1.00 49.88 ? 137 PRO A CD  1 
ATOM   1051 N  N   . LEU A 1 150 ? -11.011 19.649  3.451   1.00 48.87 ? 138 LEU A N   1 
ATOM   1052 C  CA  . LEU A 1 150 ? -11.436 18.668  4.445   1.00 48.94 ? 138 LEU A CA  1 
ATOM   1053 C  C   . LEU A 1 150 ? -10.383 18.517  5.544   1.00 47.60 ? 138 LEU A C   1 
ATOM   1054 O  O   . LEU A 1 150 ? -10.722 18.358  6.713   1.00 46.40 ? 138 LEU A O   1 
ATOM   1055 C  CB  . LEU A 1 150 ? -11.678 17.308  3.775   1.00 49.27 ? 138 LEU A CB  1 
ATOM   1056 C  CG  . LEU A 1 150 ? -13.111 16.926  3.382   1.00 50.22 ? 138 LEU A CG  1 
ATOM   1057 C  CD1 . LEU A 1 150 ? -13.859 18.093  2.728   1.00 50.33 ? 138 LEU A CD1 1 
ATOM   1058 C  CD2 . LEU A 1 150 ? -13.034 15.725  2.461   1.00 50.49 ? 138 LEU A CD2 1 
ATOM   1059 N  N   . LEU A 1 151 ? -9.108  18.592  5.160   1.00 47.46 ? 139 LEU A N   1 
ATOM   1060 C  CA  . LEU A 1 151 ? -8.007  18.431  6.105   1.00 47.93 ? 139 LEU A CA  1 
ATOM   1061 C  C   . LEU A 1 151 ? -7.829  19.583  7.070   1.00 48.85 ? 139 LEU A C   1 
ATOM   1062 O  O   . LEU A 1 151 ? -6.785  19.695  7.718   1.00 49.80 ? 139 LEU A O   1 
ATOM   1063 C  CB  . LEU A 1 151 ? -6.698  18.209  5.361   1.00 48.63 ? 139 LEU A CB  1 
ATOM   1064 C  CG  . LEU A 1 151 ? -6.754  17.052  4.380   1.00 50.02 ? 139 LEU A CG  1 
ATOM   1065 C  CD1 . LEU A 1 151 ? -5.414  16.930  3.688   1.00 51.39 ? 139 LEU A CD1 1 
ATOM   1066 C  CD2 . LEU A 1 151 ? -7.112  15.770  5.122   1.00 50.87 ? 139 LEU A CD2 1 
ATOM   1067 N  N   . THR A 1 152 ? -8.831  20.453  7.145   1.00 48.61 ? 140 THR A N   1 
ATOM   1068 C  CA  . THR A 1 152 ? -8.801  21.575  8.071   1.00 48.05 ? 140 THR A CA  1 
ATOM   1069 C  C   . THR A 1 152 ? -9.616  21.074  9.237   1.00 46.92 ? 140 THR A C   1 
ATOM   1070 O  O   . THR A 1 152 ? -9.590  21.628  10.340  1.00 46.98 ? 140 THR A O   1 
ATOM   1071 C  CB  . THR A 1 152 ? -9.479  22.825  7.478   1.00 49.75 ? 140 THR A CB  1 
ATOM   1072 O  OG1 . THR A 1 152 ? -10.684 22.444  6.794   1.00 50.86 ? 140 THR A OG1 1 
ATOM   1073 C  CG2 . THR A 1 152 ? -8.543  23.525  6.512   1.00 50.31 ? 140 THR A CG2 1 
ATOM   1074 N  N   . LEU A 1 153 ? -10.353 20.003  8.960   1.00 45.34 ? 141 LEU A N   1 
ATOM   1075 C  CA  . LEU A 1 153 ? -11.204 19.352  9.940   1.00 42.91 ? 141 LEU A CA  1 
ATOM   1076 C  C   . LEU A 1 153 ? -10.324 18.562  10.905  1.00 40.49 ? 141 LEU A C   1 
ATOM   1077 O  O   . LEU A 1 153 ? -9.273  18.048  10.522  1.00 42.08 ? 141 LEU A O   1 
ATOM   1078 C  CB  . LEU A 1 153 ? -12.169 18.400  9.217   1.00 44.63 ? 141 LEU A CB  1 
ATOM   1079 C  CG  . LEU A 1 153 ? -13.629 18.789  8.889   1.00 45.93 ? 141 LEU A CG  1 
ATOM   1080 C  CD1 . LEU A 1 153 ? -13.807 20.295  8.764   1.00 46.24 ? 141 LEU A CD1 1 
ATOM   1081 C  CD2 . LEU A 1 153 ? -14.044 18.079  7.608   1.00 43.98 ? 141 LEU A CD2 1 
ATOM   1082 N  N   . SER A 1 154 ? -10.727 18.495  12.166  1.00 36.10 ? 142 SER A N   1 
ATOM   1083 C  CA  . SER A 1 154 ? -9.981  17.709  13.143  1.00 33.14 ? 142 SER A CA  1 
ATOM   1084 C  C   . SER A 1 154 ? -8.504  18.046  13.342  1.00 30.49 ? 142 SER A C   1 
ATOM   1085 O  O   . SER A 1 154 ? -7.685  17.141  13.526  1.00 29.93 ? 142 SER A O   1 
ATOM   1086 C  CB  . SER A 1 154 ? -10.105 16.227  12.780  1.00 32.92 ? 142 SER A CB  1 
ATOM   1087 O  OG  . SER A 1 154 ? -11.468 15.849  12.707  1.00 34.48 ? 142 SER A OG  1 
ATOM   1088 N  N   . GLY A 1 155 ? -8.164  19.332  13.323  1.00 27.40 ? 143 GLY A N   1 
ATOM   1089 C  CA  . GLY A 1 155 ? -6.782  19.739  13.526  1.00 25.00 ? 143 GLY A CA  1 
ATOM   1090 C  C   . GLY A 1 155 ? -5.782  19.169  12.535  1.00 25.25 ? 143 GLY A C   1 
ATOM   1091 O  O   . GLY A 1 155 ? -4.585  19.131  12.808  1.00 23.85 ? 143 GLY A O   1 
ATOM   1092 N  N   . GLY A 1 156 ? -6.268  18.720  11.376  1.00 25.95 ? 144 GLY A N   1 
ATOM   1093 C  CA  . GLY A 1 156 ? -5.382  18.153  10.377  1.00 22.53 ? 144 GLY A CA  1 
ATOM   1094 C  C   . GLY A 1 156 ? -5.095  16.677  10.619  1.00 21.17 ? 144 GLY A C   1 
ATOM   1095 O  O   . GLY A 1 156 ? -4.282  16.090  9.911   1.00 20.81 ? 144 GLY A O   1 
ATOM   1096 N  N   . VAL A 1 157 ? -5.742  16.077  11.616  1.00 19.46 ? 145 VAL A N   1 
ATOM   1097 C  CA  . VAL A 1 157 ? -5.546  14.648  11.904  1.00 18.06 ? 145 VAL A CA  1 
ATOM   1098 C  C   . VAL A 1 157 ? -6.411  13.799  10.987  1.00 18.00 ? 145 VAL A C   1 
ATOM   1099 O  O   . VAL A 1 157 ? -7.623  13.979  10.918  1.00 16.43 ? 145 VAL A O   1 
ATOM   1100 C  CB  . VAL A 1 157 ? -5.934  14.287  13.360  1.00 17.96 ? 145 VAL A CB  1 
ATOM   1101 C  CG1 . VAL A 1 157 ? -5.922  12.760  13.542  1.00 15.00 ? 145 VAL A CG1 1 
ATOM   1102 C  CG2 . VAL A 1 157 ? -4.956  14.936  14.342  1.00 16.21 ? 145 VAL A CG2 1 
ATOM   1103 N  N   . HIS A 1 158 ? -5.789  12.873  10.274  1.00 18.49 ? 146 HIS A N   1 
ATOM   1104 C  CA  . HIS A 1 158 ? -6.540  11.997  9.384   1.00 20.05 ? 146 HIS A CA  1 
ATOM   1105 C  C   . HIS A 1 158 ? -5.809  10.684  9.142   1.00 19.83 ? 146 HIS A C   1 
ATOM   1106 O  O   . HIS A 1 158 ? -4.676  10.493  9.594   1.00 22.31 ? 146 HIS A O   1 
ATOM   1107 C  CB  . HIS A 1 158 ? -6.835  12.697  8.043   1.00 19.76 ? 146 HIS A CB  1 
ATOM   1108 C  CG  . HIS A 1 158 ? -5.617  13.224  7.354   1.00 20.25 ? 146 HIS A CG  1 
ATOM   1109 N  ND1 . HIS A 1 158 ? -5.091  14.470  7.617   1.00 21.64 ? 146 HIS A ND1 1 
ATOM   1110 C  CD2 . HIS A 1 158 ? -4.823  12.678  6.401   1.00 20.14 ? 146 HIS A CD2 1 
ATOM   1111 C  CE1 . HIS A 1 158 ? -4.032  14.672  6.852   1.00 18.64 ? 146 HIS A CE1 1 
ATOM   1112 N  NE2 . HIS A 1 158 ? -3.847  13.600  6.106   1.00 17.60 ? 146 HIS A NE2 1 
ATOM   1113 N  N   . LEU A 1 159 ? -6.476  9.777   8.439   1.00 18.14 ? 147 LEU A N   1 
ATOM   1114 C  CA  . LEU A 1 159 ? -5.937  8.463   8.130   1.00 15.87 ? 147 LEU A CA  1 
ATOM   1115 C  C   . LEU A 1 159 ? -5.856  8.279   6.634   1.00 14.51 ? 147 LEU A C   1 
ATOM   1116 O  O   . LEU A 1 159 ? -6.652  8.843   5.896   1.00 16.15 ? 147 LEU A O   1 
ATOM   1117 C  CB  . LEU A 1 159 ? -6.868  7.368   8.686   1.00 14.84 ? 147 LEU A CB  1 
ATOM   1118 C  CG  . LEU A 1 159 ? -7.059  7.144   10.193  1.00 14.61 ? 147 LEU A CG  1 
ATOM   1119 C  CD1 . LEU A 1 159 ? -8.282  6.278   10.463  1.00 11.15 ? 147 LEU A CD1 1 
ATOM   1120 C  CD2 . LEU A 1 159 ? -5.830  6.457   10.748  1.00 13.36 ? 147 LEU A CD2 1 
ATOM   1121 N  N   . HIS A 1 160 ? -4.894  7.483   6.194   1.00 15.49 ? 148 HIS A N   1 
ATOM   1122 C  CA  . HIS A 1 160 ? -4.752  7.130   4.787   1.00 16.67 ? 148 HIS A CA  1 
ATOM   1123 C  C   . HIS A 1 160 ? -4.573  5.633   4.705   1.00 17.00 ? 148 HIS A C   1 
ATOM   1124 O  O   . HIS A 1 160 ? -3.894  5.037   5.539   1.00 18.02 ? 148 HIS A O   1 
ATOM   1125 C  CB  . HIS A 1 160 ? -3.500  7.717   4.136   1.00 18.54 ? 148 HIS A CB  1 
ATOM   1126 C  CG  . HIS A 1 160 ? -3.603  9.169   3.837   1.00 20.73 ? 148 HIS A CG  1 
ATOM   1127 N  ND1 . HIS A 1 160 ? -4.619  9.695   3.070   1.00 21.62 ? 148 HIS A ND1 1 
ATOM   1128 C  CD2 . HIS A 1 160 ? -2.843  10.214  4.228   1.00 18.08 ? 148 HIS A CD2 1 
ATOM   1129 C  CE1 . HIS A 1 160 ? -4.485  11.005  3.007   1.00 17.06 ? 148 HIS A CE1 1 
ATOM   1130 N  NE2 . HIS A 1 160 ? -3.417  11.344  3.704   1.00 20.92 ? 148 HIS A NE2 1 
ATOM   1131 N  N   . THR A 1 161 ? -5.175  5.024   3.697   1.00 16.68 ? 149 THR A N   1 
ATOM   1132 C  CA  . THR A 1 161 ? -4.956  3.624   3.477   1.00 16.12 ? 149 THR A CA  1 
ATOM   1133 C  C   . THR A 1 161 ? -3.840  3.736   2.451   1.00 15.76 ? 149 THR A C   1 
ATOM   1134 O  O   . THR A 1 161 ? -4.007  4.384   1.420   1.00 15.42 ? 149 THR A O   1 
ATOM   1135 C  CB  . THR A 1 161 ? -6.140  2.945   2.810   1.00 18.20 ? 149 THR A CB  1 
ATOM   1136 O  OG1 . THR A 1 161 ? -7.310  3.118   3.615   1.00 20.11 ? 149 THR A OG1 1 
ATOM   1137 C  CG2 . THR A 1 161 ? -5.844  1.469   2.616   1.00 14.73 ? 149 THR A CG2 1 
ATOM   1138 N  N   . ILE A 1 162 ? -2.697  3.141   2.755   1.00 16.55 ? 150 ILE A N   1 
ATOM   1139 C  CA  . ILE A 1 162 ? -1.525  3.147   1.881   1.00 18.11 ? 150 ILE A CA  1 
ATOM   1140 C  C   . ILE A 1 162 ? -1.267  1.726   1.399   1.00 19.33 ? 150 ILE A C   1 
ATOM   1141 O  O   . ILE A 1 162 ? -1.288  0.797   2.197   1.00 19.76 ? 150 ILE A O   1 
ATOM   1142 C  CB  . ILE A 1 162 ? -0.267  3.579   2.654   1.00 18.45 ? 150 ILE A CB  1 
ATOM   1143 C  CG1 . ILE A 1 162 ? -0.477  4.993   3.211   1.00 19.09 ? 150 ILE A CG1 1 
ATOM   1144 C  CG2 . ILE A 1 162 ? 0.985   3.463   1.773   1.00 15.84 ? 150 ILE A CG2 1 
ATOM   1145 C  CD1 . ILE A 1 162 ? -0.653  6.042   2.194   1.00 18.38 ? 150 ILE A CD1 1 
ATOM   1146 N  N   . GLU A 1 163 ? -1.045  1.540   0.104   1.00 20.89 ? 151 GLU A N   1 
ATOM   1147 C  CA  . GLU A 1 163 ? -0.740  0.206   -0.396  1.00 21.72 ? 151 GLU A CA  1 
ATOM   1148 C  C   . GLU A 1 163 ? 0.681   0.212   -0.915  1.00 21.95 ? 151 GLU A C   1 
ATOM   1149 O  O   . GLU A 1 163 ? 1.206   1.251   -1.327  1.00 21.49 ? 151 GLU A O   1 
ATOM   1150 C  CB  . GLU A 1 163 ? -1.710  -0.214  -1.494  1.00 22.70 ? 151 GLU A CB  1 
ATOM   1151 C  CG  . GLU A 1 163 ? -3.108  -0.274  -0.983  1.00 26.37 ? 151 GLU A CG  1 
ATOM   1152 C  CD  . GLU A 1 163 ? -4.095  -0.820  -1.971  1.00 27.45 ? 151 GLU A CD  1 
ATOM   1153 O  OE1 . GLU A 1 163 ? -3.927  -0.590  -3.188  1.00 29.20 ? 151 GLU A OE1 1 
ATOM   1154 O  OE2 . GLU A 1 163 ? -5.062  -1.465  -1.510  1.00 30.44 ? 151 GLU A OE2 1 
ATOM   1155 N  N   . ALA A 1 164 ? 1.308   -0.955  -0.879  1.00 21.48 ? 152 ALA A N   1 
ATOM   1156 C  CA  . ALA A 1 164 ? 2.675   -1.074  -1.329  1.00 20.61 ? 152 ALA A CA  1 
ATOM   1157 C  C   . ALA A 1 164 ? 2.894   -2.460  -1.903  1.00 21.86 ? 152 ALA A C   1 
ATOM   1158 O  O   . ALA A 1 164 ? 2.100   -3.368  -1.665  1.00 21.43 ? 152 ALA A O   1 
ATOM   1159 C  CB  . ALA A 1 164 ? 3.597   -0.831  -0.173  1.00 18.67 ? 152 ALA A CB  1 
ATOM   1160 N  N   . PRO A 1 165 ? 3.962   -2.634  -2.694  1.00 23.02 ? 153 PRO A N   1 
ATOM   1161 C  CA  . PRO A 1 165 ? 4.236   -3.957  -3.274  1.00 23.44 ? 153 PRO A CA  1 
ATOM   1162 C  C   . PRO A 1 165 ? 4.598   -4.988  -2.196  1.00 25.10 ? 153 PRO A C   1 
ATOM   1163 O  O   . PRO A 1 165 ? 4.272   -6.161  -2.336  1.00 26.09 ? 153 PRO A O   1 
ATOM   1164 C  CB  . PRO A 1 165 ? 5.429   -3.709  -4.207  1.00 24.09 ? 153 PRO A CB  1 
ATOM   1165 C  CG  . PRO A 1 165 ? 5.397   -2.181  -4.469  1.00 24.67 ? 153 PRO A CG  1 
ATOM   1166 C  CD  . PRO A 1 165 ? 4.924   -1.615  -3.160  1.00 22.00 ? 153 PRO A CD  1 
ATOM   1167 N  N   . ASP A 1 166 ? 5.269   -4.551  -1.132  1.00 25.18 ? 154 ASP A N   1 
ATOM   1168 C  CA  . ASP A 1 166 ? 5.704   -5.465  -0.074  1.00 26.94 ? 154 ASP A CA  1 
ATOM   1169 C  C   . ASP A 1 166 ? 6.003   -4.732  1.236   1.00 27.31 ? 154 ASP A C   1 
ATOM   1170 O  O   . ASP A 1 166 ? 6.082   -3.503  1.257   1.00 26.86 ? 154 ASP A O   1 
ATOM   1171 C  CB  . ASP A 1 166 ? 6.965   -6.195  -0.543  1.00 29.55 ? 154 ASP A CB  1 
ATOM   1172 C  CG  . ASP A 1 166 ? 7.966   -5.245  -1.193  1.00 33.28 ? 154 ASP A CG  1 
ATOM   1173 O  OD1 . ASP A 1 166 ? 8.284   -5.431  -2.386  1.00 35.14 ? 154 ASP A OD1 1 
ATOM   1174 O  OD2 . ASP A 1 166 ? 8.427   -4.294  -0.520  1.00 34.53 ? 154 ASP A OD2 1 
ATOM   1175 N  N   . GLU A 1 167 ? 6.188   -5.485  2.319   1.00 27.33 ? 155 GLU A N   1 
ATOM   1176 C  CA  . GLU A 1 167 ? 6.470   -4.893  3.628   1.00 29.61 ? 155 GLU A CA  1 
ATOM   1177 C  C   . GLU A 1 167 ? 7.743   -4.072  3.637   1.00 29.02 ? 155 GLU A C   1 
ATOM   1178 O  O   . GLU A 1 167 ? 7.835   -3.069  4.325   1.00 29.38 ? 155 GLU A O   1 
ATOM   1179 C  CB  . GLU A 1 167 ? 6.605   -5.966  4.716   1.00 32.10 ? 155 GLU A CB  1 
ATOM   1180 C  CG  . GLU A 1 167 ? 5.373   -6.813  4.956   1.00 37.88 ? 155 GLU A CG  1 
ATOM   1181 C  CD  . GLU A 1 167 ? 4.184   -6.000  5.435   1.00 43.03 ? 155 GLU A CD  1 
ATOM   1182 O  OE1 . GLU A 1 167 ? 4.399   -4.918  6.048   1.00 45.52 ? 155 GLU A OE1 1 
ATOM   1183 O  OE2 . GLU A 1 167 ? 3.033   -6.452  5.212   1.00 44.82 ? 155 GLU A OE2 1 
ATOM   1184 N  N   . GLU A 1 168 ? 8.746   -4.513  2.906   1.00 30.48 ? 156 GLU A N   1 
ATOM   1185 C  CA  . GLU A 1 168 ? 9.993   -3.767  2.874   1.00 32.90 ? 156 GLU A CA  1 
ATOM   1186 C  C   . GLU A 1 168 ? 9.696   -2.350  2.381   1.00 31.60 ? 156 GLU A C   1 
ATOM   1187 O  O   . GLU A 1 168 ? 10.140  -1.376  2.979   1.00 30.35 ? 156 GLU A O   1 
ATOM   1188 C  CB  . GLU A 1 168 ? 11.004  -4.464  1.954   1.00 37.24 ? 156 GLU A CB  1 
ATOM   1189 C  CG  . GLU A 1 168 ? 12.361  -3.796  1.904   1.00 44.38 ? 156 GLU A CG  1 
ATOM   1190 C  CD  . GLU A 1 168 ? 13.468  -4.762  1.493   1.00 49.67 ? 156 GLU A CD  1 
ATOM   1191 O  OE1 . GLU A 1 168 ? 13.304  -5.464  0.459   1.00 52.07 ? 156 GLU A OE1 1 
ATOM   1192 O  OE2 . GLU A 1 168 ? 14.500  -4.816  2.207   1.00 50.01 ? 156 GLU A OE2 1 
ATOM   1193 N  N   . THR A 1 169 ? 8.919   -2.251  1.305   1.00 28.65 ? 157 THR A N   1 
ATOM   1194 C  CA  . THR A 1 169 ? 8.562   -0.963  0.743   1.00 27.78 ? 157 THR A CA  1 
ATOM   1195 C  C   . THR A 1 169 ? 7.694   -0.159  1.712   1.00 28.05 ? 157 THR A C   1 
ATOM   1196 O  O   . THR A 1 169 ? 7.925   1.038   1.916   1.00 26.03 ? 157 THR A O   1 
ATOM   1197 C  CB  . THR A 1 169 ? 7.836   -1.150  -0.588  1.00 26.74 ? 157 THR A CB  1 
ATOM   1198 O  OG1 . THR A 1 169 ? 8.752   -1.681  -1.549  1.00 25.44 ? 157 THR A OG1 1 
ATOM   1199 C  CG2 . THR A 1 169 ? 7.273   0.155   -1.092  1.00 26.46 ? 157 THR A CG2 1 
HETATM 1200 N  N   . MSE A 1 170 ? 6.705   -0.818  2.314   1.00 28.62 ? 158 MSE A N   1 
HETATM 1201 C  CA  . MSE A 1 170 ? 5.820   -0.164  3.278   1.00 28.46 ? 158 MSE A CA  1 
HETATM 1202 C  C   . MSE A 1 170 ? 6.667   0.423   4.411   1.00 29.82 ? 158 MSE A C   1 
HETATM 1203 O  O   . MSE A 1 170 ? 6.442   1.543   4.858   1.00 30.65 ? 158 MSE A O   1 
HETATM 1204 C  CB  . MSE A 1 170 ? 4.811   -1.164  3.862   1.00 27.44 ? 158 MSE A CB  1 
HETATM 1205 C  CG  . MSE A 1 170 ? 3.809   -0.534  4.838   1.00 25.99 ? 158 MSE A CG  1 
HETATM 1206 SE SE  . MSE A 1 170 ? 2.769   0.861   3.960   1.00 33.37 ? 158 MSE A SE  1 
HETATM 1207 C  CE  . MSE A 1 170 ? 1.597   -0.274  2.926   1.00 24.68 ? 158 MSE A CE  1 
ATOM   1208 N  N   . GLU A 1 171 ? 7.638   -0.345  4.881   1.00 30.72 ? 159 GLU A N   1 
ATOM   1209 C  CA  . GLU A 1 171 ? 8.512   0.125   5.942   1.00 33.08 ? 159 GLU A CA  1 
ATOM   1210 C  C   . GLU A 1 171 ? 9.296   1.376   5.509   1.00 32.84 ? 159 GLU A C   1 
ATOM   1211 O  O   . GLU A 1 171 ? 9.457   2.324   6.292   1.00 32.16 ? 159 GLU A O   1 
ATOM   1212 C  CB  . GLU A 1 171 ? 9.470   -0.996  6.356   1.00 35.56 ? 159 GLU A CB  1 
ATOM   1213 C  CG  . GLU A 1 171 ? 8.983   -1.774  7.585   1.00 42.24 ? 159 GLU A CG  1 
ATOM   1214 C  CD  . GLU A 1 171 ? 9.227   -3.282  7.503   1.00 45.49 ? 159 GLU A CD  1 
ATOM   1215 O  OE1 . GLU A 1 171 ? 10.272  -3.717  6.957   1.00 48.43 ? 159 GLU A OE1 1 
ATOM   1216 O  OE2 . GLU A 1 171 ? 8.371   -4.040  8.004   1.00 47.59 ? 159 GLU A OE2 1 
ATOM   1217 N  N   . ARG A 1 172 ? 9.767   1.390   4.266   1.00 30.17 ? 160 ARG A N   1 
ATOM   1218 C  CA  . ARG A 1 172 ? 10.514  2.533   3.786   1.00 29.59 ? 160 ARG A CA  1 
ATOM   1219 C  C   . ARG A 1 172 ? 9.603   3.758   3.774   1.00 28.41 ? 160 ARG A C   1 
ATOM   1220 O  O   . ARG A 1 172 ? 10.012  4.841   4.182   1.00 26.90 ? 160 ARG A O   1 
ATOM   1221 C  CB  . ARG A 1 172 ? 11.079  2.261   2.397   1.00 31.72 ? 160 ARG A CB  1 
ATOM   1222 C  CG  . ARG A 1 172 ? 12.015  3.345   1.914   1.00 34.99 ? 160 ARG A CG  1 
ATOM   1223 C  CD  . ARG A 1 172 ? 12.811  2.913   0.701   1.00 40.30 ? 160 ARG A CD  1 
ATOM   1224 N  NE  . ARG A 1 172 ? 11.963  2.560   -0.439  1.00 44.13 ? 160 ARG A NE  1 
ATOM   1225 C  CZ  . ARG A 1 172 ? 11.713  1.314   -0.837  1.00 46.43 ? 160 ARG A CZ  1 
ATOM   1226 N  NH1 . ARG A 1 172 ? 12.239  0.272   -0.194  1.00 46.41 ? 160 ARG A NH1 1 
ATOM   1227 N  NH2 . ARG A 1 172 ? 10.944  1.110   -1.896  1.00 47.50 ? 160 ARG A NH2 1 
ATOM   1228 N  N   . ILE A 1 173 ? 8.361   3.574   3.328   1.00 26.56 ? 161 ILE A N   1 
ATOM   1229 C  CA  . ILE A 1 173 ? 7.389   4.658   3.301   1.00 23.43 ? 161 ILE A CA  1 
ATOM   1230 C  C   . ILE A 1 173 ? 7.128   5.259   4.688   1.00 23.94 ? 161 ILE A C   1 
ATOM   1231 O  O   . ILE A 1 173 ? 7.072   6.481   4.824   1.00 22.34 ? 161 ILE A O   1 
ATOM   1232 C  CB  . ILE A 1 173 ? 6.066   4.182   2.711   1.00 22.43 ? 161 ILE A CB  1 
ATOM   1233 C  CG1 . ILE A 1 173 ? 6.259   3.861   1.230   1.00 21.18 ? 161 ILE A CG1 1 
ATOM   1234 C  CG2 . ILE A 1 173 ? 5.003   5.235   2.901   1.00 19.83 ? 161 ILE A CG2 1 
ATOM   1235 C  CD1 . ILE A 1 173 ? 5.103   3.093   0.603   1.00 21.64 ? 161 ILE A CD1 1 
HETATM 1236 N  N   . MSE A 1 174 ? 6.988   4.410   5.710   1.00 24.95 ? 162 MSE A N   1 
HETATM 1237 C  CA  . MSE A 1 174 ? 6.730   4.863   7.096   1.00 27.47 ? 162 MSE A CA  1 
HETATM 1238 C  C   . MSE A 1 174 ? 7.912   5.652   7.675   1.00 27.89 ? 162 MSE A C   1 
HETATM 1239 O  O   . MSE A 1 174 ? 7.751   6.600   8.445   1.00 25.96 ? 162 MSE A O   1 
HETATM 1240 C  CB  . MSE A 1 174 ? 6.482   3.662   8.015   1.00 29.22 ? 162 MSE A CB  1 
HETATM 1241 C  CG  . MSE A 1 174 ? 5.304   2.807   7.635   1.00 34.27 ? 162 MSE A CG  1 
HETATM 1242 SE SE  . MSE A 1 174 ? 3.708   3.838   7.726   1.00 39.70 ? 162 MSE A SE  1 
HETATM 1243 C  CE  . MSE A 1 174 ? 3.392   3.645   9.614   1.00 38.38 ? 162 MSE A CE  1 
ATOM   1244 N  N   . ARG A 1 175 ? 9.100   5.206   7.310   1.00 28.52 ? 163 ARG A N   1 
ATOM   1245 C  CA  . ARG A 1 175 ? 10.351  5.802   7.730   1.00 31.85 ? 163 ARG A CA  1 
ATOM   1246 C  C   . ARG A 1 175 ? 10.420  7.213   7.130   1.00 32.34 ? 163 ARG A C   1 
ATOM   1247 O  O   . ARG A 1 175 ? 10.713  8.191   7.831   1.00 33.05 ? 163 ARG A O   1 
ATOM   1248 C  CB  . ARG A 1 175 ? 11.475  4.928   7.198   1.00 33.76 ? 163 ARG A CB  1 
ATOM   1249 C  CG  . ARG A 1 175 ? 12.850  5.178   7.733   1.00 40.83 ? 163 ARG A CG  1 
ATOM   1250 C  CD  . ARG A 1 175 ? 13.828  4.254   6.996   1.00 43.56 ? 163 ARG A CD  1 
ATOM   1251 N  NE  . ARG A 1 175 ? 13.400  2.861   7.113   1.00 45.48 ? 163 ARG A NE  1 
ATOM   1252 C  CZ  . ARG A 1 175 ? 13.474  1.953   6.141   1.00 45.94 ? 163 ARG A CZ  1 
ATOM   1253 N  NH1 . ARG A 1 175 ? 13.969  2.268   4.947   1.00 45.23 ? 163 ARG A NH1 1 
ATOM   1254 N  NH2 . ARG A 1 175 ? 13.024  0.726   6.365   1.00 46.58 ? 163 ARG A NH2 1 
ATOM   1255 N  N   . GLU A 1 176 ? 10.124  7.329   5.839   1.00 31.91 ? 164 GLU A N   1 
ATOM   1256 C  CA  . GLU A 1 176 ? 10.159  8.636   5.195   1.00 32.32 ? 164 GLU A CA  1 
ATOM   1257 C  C   . GLU A 1 176 ? 9.103   9.596   5.737   1.00 30.30 ? 164 GLU A C   1 
ATOM   1258 O  O   . GLU A 1 176 ? 9.382   10.768  5.944   1.00 30.31 ? 164 GLU A O   1 
ATOM   1259 C  CB  . GLU A 1 176 ? 10.005  8.500   3.684   1.00 33.65 ? 164 GLU A CB  1 
ATOM   1260 C  CG  . GLU A 1 176 ? 11.212  7.900   3.018   1.00 39.05 ? 164 GLU A CG  1 
ATOM   1261 C  CD  . GLU A 1 176 ? 12.484  8.655   3.351   1.00 42.74 ? 164 GLU A CD  1 
ATOM   1262 O  OE1 . GLU A 1 176 ? 12.582  9.853   2.992   1.00 43.27 ? 164 GLU A OE1 1 
ATOM   1263 O  OE2 . GLU A 1 176 ? 13.385  8.050   3.977   1.00 44.88 ? 164 GLU A OE2 1 
ATOM   1264 N  N   . LEU A 1 177 ? 7.895   9.100   5.966   1.00 29.05 ? 165 LEU A N   1 
ATOM   1265 C  CA  . LEU A 1 177 ? 6.826   9.934   6.494   1.00 27.42 ? 165 LEU A CA  1 
ATOM   1266 C  C   . LEU A 1 177 ? 7.192   10.445  7.876   1.00 27.56 ? 165 LEU A C   1 
ATOM   1267 O  O   . LEU A 1 177 ? 6.824   11.545  8.260   1.00 27.37 ? 165 LEU A O   1 
ATOM   1268 C  CB  . LEU A 1 177 ? 5.525   9.136   6.570   1.00 26.77 ? 165 LEU A CB  1 
ATOM   1269 C  CG  . LEU A 1 177 ? 4.729   8.934   5.280   1.00 27.50 ? 165 LEU A CG  1 
ATOM   1270 C  CD1 . LEU A 1 177 ? 3.534   8.040   5.555   1.00 25.46 ? 165 LEU A CD1 1 
ATOM   1271 C  CD2 . LEU A 1 177 ? 4.271   10.285  4.750   1.00 26.82 ? 165 LEU A CD2 1 
ATOM   1272 N  N   . LYS A 1 178 ? 7.893   9.616   8.634   1.00 29.05 ? 166 LYS A N   1 
ATOM   1273 C  CA  . LYS A 1 178 ? 8.333   9.970   9.964   1.00 30.88 ? 166 LYS A CA  1 
ATOM   1274 C  C   . LYS A 1 178 ? 9.341   11.103  9.841   1.00 32.14 ? 166 LYS A C   1 
ATOM   1275 O  O   . LYS A 1 178 ? 9.236   12.109  10.543  1.00 32.08 ? 166 LYS A O   1 
ATOM   1276 C  CB  . LYS A 1 178 ? 8.987   8.771   10.640  1.00 32.17 ? 166 LYS A CB  1 
ATOM   1277 C  CG  . LYS A 1 178 ? 9.485   9.057   12.038  1.00 34.52 ? 166 LYS A CG  1 
ATOM   1278 C  CD  . LYS A 1 178 ? 9.979   7.791   12.721  1.00 37.35 ? 166 LYS A CD  1 
ATOM   1279 C  CE  . LYS A 1 178 ? 10.318  8.045   14.189  1.00 40.20 ? 166 LYS A CE  1 
ATOM   1280 N  NZ  . LYS A 1 178 ? 10.536  6.753   14.934  1.00 43.51 ? 166 LYS A NZ  1 
ATOM   1281 N  N   . LYS A 1 179 ? 10.304  10.943  8.935   1.00 33.20 ? 167 LYS A N   1 
ATOM   1282 C  CA  . LYS A 1 179 ? 11.324  11.969  8.713   1.00 34.83 ? 167 LYS A CA  1 
ATOM   1283 C  C   . LYS A 1 179 ? 10.722  13.303  8.301   1.00 35.12 ? 167 LYS A C   1 
ATOM   1284 O  O   . LYS A 1 179 ? 11.296  14.351  8.568   1.00 37.47 ? 167 LYS A O   1 
ATOM   1285 C  CB  . LYS A 1 179 ? 12.330  11.520  7.655   1.00 35.38 ? 167 LYS A CB  1 
ATOM   1286 C  CG  . LYS A 1 179 ? 13.457  10.675  8.213   1.00 40.96 ? 167 LYS A CG  1 
ATOM   1287 C  CD  . LYS A 1 179 ? 14.327  10.060  7.104   1.00 45.03 ? 167 LYS A CD  1 
ATOM   1288 C  CE  . LYS A 1 179 ? 14.879  11.108  6.139   1.00 48.53 ? 167 LYS A CE  1 
ATOM   1289 N  NZ  . LYS A 1 179 ? 15.921  10.536  5.214   1.00 51.65 ? 167 LYS A NZ  1 
ATOM   1290 N  N   . LYS A 1 180 ? 9.574   13.285  7.646   1.00 34.47 ? 168 LYS A N   1 
ATOM   1291 C  CA  . LYS A 1 180 ? 8.964   14.537  7.259   1.00 34.92 ? 168 LYS A CA  1 
ATOM   1292 C  C   . LYS A 1 180 ? 8.038   15.050  8.349   1.00 34.07 ? 168 LYS A C   1 
ATOM   1293 O  O   . LYS A 1 180 ? 7.368   16.074  8.181   1.00 33.88 ? 168 LYS A O   1 
ATOM   1294 C  CB  . LYS A 1 180 ? 8.210   14.386  5.938   1.00 37.27 ? 168 LYS A CB  1 
ATOM   1295 C  CG  . LYS A 1 180 ? 9.143   14.126  4.753   1.00 39.96 ? 168 LYS A CG  1 
ATOM   1296 C  CD  . LYS A 1 180 ? 8.421   14.332  3.437   1.00 43.52 ? 168 LYS A CD  1 
ATOM   1297 C  CE  . LYS A 1 180 ? 9.311   13.966  2.257   1.00 46.77 ? 168 LYS A CE  1 
ATOM   1298 N  NZ  . LYS A 1 180 ? 10.581  14.758  2.218   1.00 48.30 ? 168 LYS A NZ  1 
ATOM   1299 N  N   . GLY A 1 181 ? 7.991   14.332  9.466   1.00 31.63 ? 169 GLY A N   1 
ATOM   1300 C  CA  . GLY A 1 181 ? 7.150   14.770  10.569  1.00 31.53 ? 169 GLY A CA  1 
ATOM   1301 C  C   . GLY A 1 181 ? 5.646   14.678  10.369  1.00 29.93 ? 169 GLY A C   1 
ATOM   1302 O  O   . GLY A 1 181 ? 4.880   15.361  11.057  1.00 29.74 ? 169 GLY A O   1 
ATOM   1303 N  N   . PHE A 1 182 ? 5.214   13.830  9.445   1.00 28.05 ? 170 PHE A N   1 
ATOM   1304 C  CA  . PHE A 1 182 ? 3.792   13.661  9.182   1.00 27.98 ? 170 PHE A CA  1 
ATOM   1305 C  C   . PHE A 1 182 ? 3.090   12.715  10.148  1.00 25.58 ? 170 PHE A C   1 
ATOM   1306 O  O   . PHE A 1 182 ? 1.949   12.940  10.534  1.00 26.52 ? 170 PHE A O   1 
ATOM   1307 C  CB  . PHE A 1 182 ? 3.575   13.112  7.776   1.00 28.14 ? 170 PHE A CB  1 
ATOM   1308 C  CG  . PHE A 1 182 ? 3.717   14.127  6.705   1.00 29.92 ? 170 PHE A CG  1 
ATOM   1309 C  CD1 . PHE A 1 182 ? 2.971   15.286  6.735   1.00 31.37 ? 170 PHE A CD1 1 
ATOM   1310 C  CD2 . PHE A 1 182 ? 4.580   13.914  5.647   1.00 30.10 ? 170 PHE A CD2 1 
ATOM   1311 C  CE1 . PHE A 1 182 ? 3.078   16.224  5.719   1.00 32.36 ? 170 PHE A CE1 1 
ATOM   1312 C  CE2 . PHE A 1 182 ? 4.689   14.851  4.630   1.00 31.94 ? 170 PHE A CE2 1 
ATOM   1313 C  CZ  . PHE A 1 182 ? 3.937   16.003  4.667   1.00 29.82 ? 170 PHE A CZ  1 
ATOM   1314 N  N   . LEU A 1 183 ? 3.783   11.646  10.497  1.00 24.88 ? 171 LEU A N   1 
ATOM   1315 C  CA  . LEU A 1 183 ? 3.248   10.607  11.360  1.00 26.49 ? 171 LEU A CA  1 
ATOM   1316 C  C   . LEU A 1 183 ? 2.807   10.973  12.749  1.00 26.58 ? 171 LEU A C   1 
ATOM   1317 O  O   . LEU A 1 183 ? 3.435   11.778  13.425  1.00 26.27 ? 171 LEU A O   1 
ATOM   1318 C  CB  . LEU A 1 183 ? 4.248   9.469   11.511  1.00 25.05 ? 171 LEU A CB  1 
ATOM   1319 C  CG  . LEU A 1 183 ? 4.523   8.495   10.377  1.00 28.42 ? 171 LEU A CG  1 
ATOM   1320 C  CD1 . LEU A 1 183 ? 5.375   7.336   10.930  1.00 26.50 ? 171 LEU A CD1 1 
ATOM   1321 C  CD2 . LEU A 1 183 ? 3.209   7.938   9.833   1.00 28.50 ? 171 LEU A CD2 1 
ATOM   1322 N  N   . ILE A 1 184 ? 1.712   10.354  13.166  1.00 27.54 ? 172 ILE A N   1 
ATOM   1323 C  CA  . ILE A 1 184 ? 1.212   10.520  14.520  1.00 29.85 ? 172 ILE A CA  1 
ATOM   1324 C  C   . ILE A 1 184 ? 1.768   9.297   15.280  1.00 32.24 ? 172 ILE A C   1 
ATOM   1325 O  O   . ILE A 1 184 ? 1.573   8.164   14.859  1.00 32.12 ? 172 ILE A O   1 
ATOM   1326 C  CB  . ILE A 1 184 ? -0.326  10.492  14.550  1.00 28.86 ? 172 ILE A CB  1 
ATOM   1327 C  CG1 . ILE A 1 184 ? -0.888  11.808  13.988  1.00 26.83 ? 172 ILE A CG1 1 
ATOM   1328 C  CG2 . ILE A 1 184 ? -0.809  10.247  15.961  1.00 27.00 ? 172 ILE A CG2 1 
ATOM   1329 C  CD1 . ILE A 1 184 ? -2.390  11.774  13.769  1.00 24.67 ? 172 ILE A CD1 1 
ATOM   1330 N  N   . GLU A 1 185 ? 2.485   9.525   16.375  1.00 36.07 ? 173 GLU A N   1 
ATOM   1331 C  CA  . GLU A 1 185 ? 3.044   8.423   17.166  1.00 40.29 ? 173 GLU A CA  1 
ATOM   1332 C  C   . GLU A 1 185 ? 2.836   8.649   18.653  1.00 40.23 ? 173 GLU A C   1 
ATOM   1333 O  O   . GLU A 1 185 ? 3.014   9.756   19.152  1.00 40.92 ? 173 GLU A O   1 
ATOM   1334 C  CB  . GLU A 1 185 ? 4.530   8.251   16.857  1.00 44.19 ? 173 GLU A CB  1 
ATOM   1335 C  CG  . GLU A 1 185 ? 5.225   9.532   16.405  1.00 48.62 ? 173 GLU A CG  1 
ATOM   1336 C  CD  . GLU A 1 185 ? 6.378   9.230   15.462  1.00 52.84 ? 173 GLU A CD  1 
ATOM   1337 O  OE1 . GLU A 1 185 ? 6.467   8.056   15.011  1.00 53.35 ? 173 GLU A OE1 1 
ATOM   1338 O  OE2 . GLU A 1 185 ? 7.178   10.152  15.163  1.00 53.75 ? 173 GLU A OE2 1 
ATOM   1339 N  N   . GLU A 1 186 ? 2.455   7.599   19.366  1.00 41.43 ? 174 GLU A N   1 
ATOM   1340 C  CA  . GLU A 1 186 ? 2.187   7.728   20.792  1.00 42.77 ? 174 GLU A CA  1 
ATOM   1341 C  C   . GLU A 1 186 ? 2.519   6.465   21.582  1.00 44.83 ? 174 GLU A C   1 
ATOM   1342 O  O   . GLU A 1 186 ? 2.818   5.440   20.931  1.00 46.89 ? 174 GLU A O   1 
ATOM   1343 C  CB  . GLU A 1 186 ? 0.712   8.087   20.975  1.00 41.88 ? 174 GLU A CB  1 
ATOM   1344 C  CG  . GLU A 1 186 ? 0.295   9.298   20.161  1.00 40.15 ? 174 GLU A CG  1 
ATOM   1345 C  CD  . GLU A 1 186 ? -1.105  9.774   20.463  1.00 40.92 ? 174 GLU A CD  1 
ATOM   1346 O  OE1 . GLU A 1 186 ? -1.440  10.876  19.982  1.00 41.74 ? 174 GLU A OE1 1 
ATOM   1347 O  OE2 . GLU A 1 186 ? -1.868  9.066   21.165  1.00 37.86 ? 174 GLU A OE2 1 
HETATM 1348 NI NI  . NI  B 2 .   ? -2.659  13.265  4.169   1.00 31.58 ? 201 NI  A NI  1 
HETATM 1349 K  K   . K   C 3 .   ? -0.606  -9.672  -10.390 1.00 34.92 ? 202 K   A K   1 
HETATM 1350 O  O   . HOH D 4 .   ? -1.953  -22.044 2.026   1.00 17.56 ? 203 HOH A O   1 
HETATM 1351 O  O   . HOH D 4 .   ? -8.722  18.835  1.758   1.00 19.77 ? 204 HOH A O   1 
HETATM 1352 O  O   . HOH D 4 .   ? 3.825   -27.376 5.464   1.00 19.35 ? 205 HOH A O   1 
HETATM 1353 O  O   . HOH D 4 .   ? 10.677  -28.702 -0.915  1.00 17.53 ? 206 HOH A O   1 
HETATM 1354 O  O   . HOH D 4 .   ? -9.639  12.439  12.178  1.00 14.98 ? 207 HOH A O   1 
HETATM 1355 O  O   . HOH D 4 .   ? -9.193  9.945   10.963  1.00 17.35 ? 208 HOH A O   1 
HETATM 1356 O  O   . HOH D 4 .   ? -3.389  -19.535 2.273   1.00 15.77 ? 209 HOH A O   1 
HETATM 1357 O  O   . HOH D 4 .   ? 7.026   0.063   -5.705  1.00 22.68 ? 210 HOH A O   1 
HETATM 1358 O  O   . HOH D 4 .   ? -2.756  -23.519 -7.709  1.00 22.38 ? 211 HOH A O   1 
HETATM 1359 O  O   . HOH D 4 .   ? -3.605  -11.468 4.039   1.00 24.82 ? 212 HOH A O   1 
HETATM 1360 O  O   . HOH D 4 .   ? 9.416   -7.339  1.978   1.00 27.07 ? 213 HOH A O   1 
HETATM 1361 O  O   . HOH D 4 .   ? 13.996  -21.853 -1.400  1.00 26.98 ? 214 HOH A O   1 
HETATM 1362 O  O   . HOH D 4 .   ? 0.559   5.655   11.837  1.00 38.91 ? 215 HOH A O   1 
HETATM 1363 O  O   . HOH D 4 .   ? -4.367  -6.396  -3.471  1.00 35.04 ? 216 HOH A O   1 
HETATM 1364 O  O   . HOH D 4 .   ? -6.712  10.002  -8.530  1.00 28.56 ? 217 HOH A O   1 
HETATM 1365 O  O   . HOH D 4 .   ? -10.363 1.825   11.034  1.00 25.86 ? 218 HOH A O   1 
HETATM 1366 O  O   . HOH D 4 .   ? 3.106   20.199  -0.174  1.00 30.05 ? 219 HOH A O   1 
HETATM 1367 O  O   . HOH D 4 .   ? 5.548   -28.550 -9.739  1.00 21.85 ? 220 HOH A O   1 
HETATM 1368 O  O   . HOH D 4 .   ? -1.263  -26.382 -8.797  1.00 31.44 ? 221 HOH A O   1 
HETATM 1369 O  O   . HOH D 4 .   ? 1.354   -5.112  -5.829  1.00 35.42 ? 222 HOH A O   1 
HETATM 1370 O  O   . HOH D 4 .   ? -3.669  -9.712  -10.516 1.00 41.12 ? 223 HOH A O   1 
HETATM 1371 O  O   . HOH D 4 .   ? 4.590   9.970   -12.764 1.00 45.32 ? 224 HOH A O   1 
HETATM 1372 O  O   . HOH D 4 .   ? -15.436 7.742   -0.689  1.00 25.22 ? 225 HOH A O   1 
HETATM 1373 O  O   . HOH D 4 .   ? 4.706   4.493   -6.199  1.00 35.02 ? 226 HOH A O   1 
HETATM 1374 O  O   . HOH D 4 .   ? -2.924  3.871   -11.732 1.00 42.02 ? 227 HOH A O   1 
HETATM 1375 O  O   . HOH D 4 .   ? 7.660   14.998  -0.748  1.00 27.16 ? 228 HOH A O   1 
HETATM 1376 O  O   . HOH D 4 .   ? -4.620  -22.124 -6.197  1.00 29.49 ? 229 HOH A O   1 
HETATM 1377 O  O   . HOH D 4 .   ? 14.568  -22.532 -8.810  1.00 28.50 ? 230 HOH A O   1 
HETATM 1378 O  O   . HOH D 4 .   ? -16.411 12.453  14.898  1.00 25.08 ? 231 HOH A O   1 
HETATM 1379 O  O   . HOH D 4 .   ? 4.050   -31.433 -1.668  1.00 24.12 ? 232 HOH A O   1 
HETATM 1380 O  O   . HOH D 4 .   ? 15.609  -19.475 -1.441  1.00 41.20 ? 233 HOH A O   1 
HETATM 1381 O  O   . HOH D 4 .   ? -6.441  -12.525 0.519   1.00 33.67 ? 234 HOH A O   1 
HETATM 1382 O  O   . HOH D 4 .   ? 7.577   -9.636  3.862   1.00 33.54 ? 235 HOH A O   1 
HETATM 1383 O  O   . HOH D 4 .   ? -8.580  7.368   -10.061 1.00 43.70 ? 236 HOH A O   1 
HETATM 1384 O  O   . HOH D 4 .   ? 8.834   -1.129  -4.269  1.00 37.59 ? 237 HOH A O   1 
HETATM 1385 O  O   . HOH D 4 .   ? 8.112   -15.800 -13.685 1.00 39.99 ? 238 HOH A O   1 
HETATM 1386 O  O   . HOH D 4 .   ? 2.458   5.355   13.664  1.00 50.31 ? 239 HOH A O   1 
HETATM 1387 O  O   . HOH D 4 .   ? 3.452   -4.000  -7.879  1.00 42.62 ? 240 HOH A O   1 
HETATM 1388 O  O   . HOH D 4 .   ? -4.126  14.346  2.747   1.00 33.87 ? 241 HOH A O   1 
HETATM 1389 O  O   . HOH D 4 .   ? 2.439   16.309  12.016  1.00 33.00 ? 242 HOH A O   1 
HETATM 1390 O  O   . HOH D 4 .   ? -3.162  12.566  21.190  1.00 41.75 ? 243 HOH A O   1 
HETATM 1391 O  O   . HOH D 4 .   ? 6.251   7.743   -10.057 1.00 47.21 ? 244 HOH A O   1 
HETATM 1392 O  O   . HOH D 4 .   ? 1.395   -31.881 -2.009  1.00 31.77 ? 245 HOH A O   1 
HETATM 1393 O  O   . HOH D 4 .   ? 13.841  -21.554 -3.890  1.00 28.89 ? 246 HOH A O   1 
HETATM 1394 O  O   . HOH D 4 .   ? -0.523  20.713  -1.489  1.00 36.85 ? 247 HOH A O   1 
HETATM 1395 O  O   . HOH D 4 .   ? -1.004  -28.400 -7.132  1.00 43.34 ? 248 HOH A O   1 
HETATM 1396 O  O   . HOH D 4 .   ? 4.784   -32.674 0.554   1.00 35.42 ? 249 HOH A O   1 
HETATM 1397 O  O   . HOH D 4 .   ? -15.795 19.888  1.022   1.00 54.60 ? 250 HOH A O   1 
HETATM 1398 O  O   . HOH D 4 .   ? 14.578  -17.047 -5.130  1.00 37.74 ? 251 HOH A O   1 
HETATM 1399 O  O   . HOH D 4 .   ? -1.747  -5.779  4.394   1.00 31.28 ? 252 HOH A O   1 
HETATM 1400 O  O   . HOH D 4 .   ? -4.402  -8.865  -4.281  1.00 41.14 ? 253 HOH A O   1 
HETATM 1401 O  O   . HOH D 4 .   ? -11.068 1.746   8.280   1.00 47.01 ? 254 HOH A O   1 
HETATM 1402 O  O   . HOH D 4 .   ? -1.106  -13.022 -9.713  1.00 34.94 ? 255 HOH A O   1 
HETATM 1403 O  O   . HOH D 4 .   ? 12.734  8.192   10.204  1.00 46.39 ? 256 HOH A O   1 
HETATM 1404 O  O   . HOH D 4 .   ? 7.388   -6.530  -6.674  1.00 38.23 ? 257 HOH A O   1 
HETATM 1405 O  O   . HOH D 4 .   ? 0.352   -21.166 -13.658 1.00 40.89 ? 258 HOH A O   1 
HETATM 1406 O  O   . HOH D 4 .   ? 2.159   -4.105  -11.924 1.00 45.04 ? 259 HOH A O   1 
HETATM 1407 O  O   . HOH D 4 .   ? -3.531  4.557   -8.827  1.00 37.33 ? 260 HOH A O   1 
HETATM 1408 O  O   . HOH D 4 .   ? -0.076  12.291  -19.844 1.00 48.77 ? 261 HOH A O   1 
HETATM 1409 O  O   . HOH D 4 .   ? 9.280   -8.974  -2.856  1.00 36.06 ? 262 HOH A O   1 
HETATM 1410 O  O   . HOH D 4 .   ? -4.634  12.146  -10.131 1.00 54.84 ? 263 HOH A O   1 
HETATM 1411 O  O   . HOH D 4 .   ? -17.587 14.428  16.761  1.00 45.64 ? 264 HOH A O   1 
HETATM 1412 O  O   . HOH D 4 .   ? 12.700  15.683  6.497   1.00 38.13 ? 265 HOH A O   1 
HETATM 1413 O  O   . HOH D 4 .   ? 14.782  -13.262 -3.537  1.00 34.68 ? 266 HOH A O   1 
HETATM 1414 O  O   . HOH D 4 .   ? 15.574  -23.750 -0.619  1.00 35.63 ? 267 HOH A O   1 
HETATM 1415 O  O   . HOH D 4 .   ? 0.042   -29.752 -0.538  1.00 38.46 ? 268 HOH A O   1 
HETATM 1416 O  O   . HOH D 4 .   ? 9.020   17.388  -1.447  1.00 45.86 ? 269 HOH A O   1 
HETATM 1417 O  O   . HOH D 4 .   ? 15.138  4.860   3.258   1.00 55.08 ? 270 HOH A O   1 
HETATM 1418 O  O   . HOH D 4 .   ? 15.735  2.246   3.112   1.00 47.76 ? 271 HOH A O   1 
HETATM 1419 O  O   . HOH D 4 .   ? 12.032  7.191   -6.740  1.00 44.14 ? 272 HOH A O   1 
HETATM 1420 O  O   . HOH D 4 .   ? 1.500   2.787   13.821  1.00 60.41 ? 273 HOH A O   1 
HETATM 1421 O  O   . HOH D 4 .   ? -9.609  21.360  12.831  1.00 35.99 ? 274 HOH A O   1 
HETATM 1422 O  O   . HOH D 4 .   ? 9.578   -3.692  -4.340  1.00 41.68 ? 275 HOH A O   1 
HETATM 1423 O  O   . HOH D 4 .   ? 0.781   7.589   -14.257 1.00 36.19 ? 276 HOH A O   1 
HETATM 1424 O  O   . HOH D 4 .   ? -13.157 19.439  12.948  1.00 37.62 ? 277 HOH A O   1 
HETATM 1425 O  O   . HOH D 4 .   ? -3.791  -24.868 -9.611  1.00 50.69 ? 278 HOH A O   1 
HETATM 1426 O  O   . HOH D 4 .   ? 10.826  18.705  0.356   1.00 47.83 ? 279 HOH A O   1 
HETATM 1427 O  O   . HOH D 4 .   ? 11.890  -4.568  -1.752  1.00 52.24 ? 280 HOH A O   1 
HETATM 1428 O  O   . HOH D 4 .   ? 4.732   21.314  -1.756  1.00 48.77 ? 281 HOH A O   1 
HETATM 1429 O  O   . HOH D 4 .   ? 15.191  0.231   1.638   1.00 58.92 ? 282 HOH A O   1 
HETATM 1430 O  O   . HOH D 4 .   ? 16.364  -11.952 -1.741  1.00 48.21 ? 283 HOH A O   1 
HETATM 1431 O  O   . HOH D 4 .   ? -14.885 3.443   8.498   1.00 47.81 ? 284 HOH A O   1 
HETATM 1432 O  O   . HOH D 4 .   ? 0.654   -17.615 -15.198 1.00 46.37 ? 285 HOH A O   1 
HETATM 1433 O  O   . HOH D 4 .   ? 10.248  -7.394  -0.906  1.00 53.82 ? 286 HOH A O   1 
HETATM 1434 O  O   . HOH D 4 .   ? 1.371   -30.170 -7.717  1.00 44.93 ? 287 HOH A O   1 
HETATM 1435 O  O   . HOH D 4 .   ? 13.907  5.894   1.227   1.00 64.24 ? 288 HOH A O   1 
HETATM 1436 O  O   . HOH D 4 .   ? -8.768  4.747   -4.208  1.00 47.46 ? 289 HOH A O   1 
HETATM 1437 O  O   . HOH D 4 .   ? 4.331   -29.706 -7.661  1.00 37.22 ? 290 HOH A O   1 
HETATM 1438 O  O   . HOH D 4 .   ? 12.881  -1.132  4.178   1.00 42.94 ? 291 HOH A O   1 
HETATM 1439 O  O   . HOH D 4 .   ? 7.027   -7.920  -9.382  1.00 51.80 ? 292 HOH A O   1 
HETATM 1440 O  O   . HOH D 4 .   ? 4.677   -16.391 -14.587 1.00 44.09 ? 293 HOH A O   1 
HETATM 1441 O  O   . HOH D 4 .   ? 1.327   -31.819 -5.348  1.00 40.94 ? 294 HOH A O   1 
HETATM 1442 O  O   . HOH D 4 .   ? -4.365  -5.962  5.338   1.00 52.44 ? 295 HOH A O   1 
HETATM 1443 O  O   . HOH D 4 .   ? -1.740  -4.548  7.484   1.00 64.56 ? 296 HOH A O   1 
HETATM 1444 O  O   . HOH D 4 .   ? -14.567 3.818   5.640   1.00 40.06 ? 297 HOH A O   1 
HETATM 1445 O  O   . HOH D 4 .   ? 0.477   2.168   10.727  1.00 29.19 ? 298 HOH A O   1 
HETATM 1446 O  O   . HOH D 4 .   ? -2.639  -21.229 -14.135 1.00 43.37 ? 299 HOH A O   1 
# 
